data_8DUS
#
_entry.id   8DUS
#
_cell.length_a   102.036
_cell.length_b   57.672
_cell.length_c   259.871
_cell.angle_alpha   90.000
_cell.angle_beta   100.080
_cell.angle_gamma   90.000
#
_symmetry.space_group_name_H-M   'C 1 2 1'
#
loop_
_entity.id
_entity.type
_entity.pdbx_description
1 polymer 'Estrogen receptor'
2 non-polymer "[(1'R)-1'-{4-[2-(ethylamino)ethoxy]phenyl}-6'-hydroxy-1',4'-dihydro-2'H-spiro[cyclopropane-1,3'-isoquinolin]-2'-yl](phenyl)methanone"
3 water water
#
_entity_poly.entity_id   1
_entity_poly.type   'polypeptide(L)'
_entity_poly.pdbx_seq_one_letter_code
;MSKKNSLALSLTADQMVSALLDAEPPILYSEYDPTRPFSEASMMGLLTNLADRELVHMINWAKRVPGFVDLTLHDQVHLL
ESAWLEILMIGLVWRSMEHPGKLLFAPNLLLDRNQGKSVEGMVEIFDMLLATSSRFRMMNLQGEEFVCLKSIILLNSGVY
TFLSSTLKSLEEKDHIHRVLDKITDTLIHLMAKAGLTLQQQHQRLAQLLLILSHIRHMSNKGMEHLYSMKSKNVVPSYDL
LLEMLDAHRLHAPTS
;
_entity_poly.pdbx_strand_id   A,B,E,F,G,H
#
loop_
_chem_comp.id
_chem_comp.type
_chem_comp.name
_chem_comp.formula
TWF non-polymer [(1'R)-1'-{4-[2-(ethylamino)ethoxy]phenyl}-6'-hydroxy-1',4'-dihydro-2'H-spiro[cyclopropane-1,3'-isoquinolin]-2'-yl](phenyl)methanone 'C28 H30 N2 O3'
#
# COMPACT_ATOMS: atom_id res chain seq x y z
N LEU A 9 48.61 33.13 15.17
CA LEU A 9 48.50 34.11 14.10
C LEU A 9 48.09 35.51 14.59
N SER A 10 47.68 35.63 15.86
CA SER A 10 47.32 36.92 16.44
C SER A 10 48.49 37.66 17.08
N LEU A 11 49.63 37.00 17.29
CA LEU A 11 50.74 37.61 18.02
C LEU A 11 51.40 38.72 17.21
N THR A 12 51.89 39.73 17.94
CA THR A 12 52.82 40.69 17.37
C THR A 12 54.19 40.04 17.18
N ALA A 13 55.11 40.80 16.59
CA ALA A 13 56.47 40.30 16.38
C ALA A 13 57.23 40.19 17.70
N ASP A 14 57.16 41.25 18.54
CA ASP A 14 57.77 41.16 19.87
C ASP A 14 57.26 39.94 20.61
N GLN A 15 55.94 39.72 20.57
CA GLN A 15 55.33 38.57 21.24
C GLN A 15 55.83 37.27 20.65
N MET A 16 55.97 37.21 19.32
CA MET A 16 56.56 36.04 18.70
C MET A 16 57.97 35.78 19.23
N VAL A 17 58.83 36.79 19.19
CA VAL A 17 60.20 36.66 19.71
C VAL A 17 60.19 36.26 21.16
N SER A 18 59.34 36.90 21.96
CA SER A 18 59.22 36.56 23.37
C SER A 18 58.91 35.08 23.54
N ALA A 19 57.89 34.58 22.82
CA ALA A 19 57.54 33.18 22.96
C ALA A 19 58.70 32.28 22.56
N LEU A 20 59.35 32.58 21.44
CA LEU A 20 60.44 31.72 21.00
C LEU A 20 61.61 31.74 21.99
N LEU A 21 61.98 32.93 22.48
CA LEU A 21 63.01 33.01 23.51
C LEU A 21 62.62 32.19 24.74
N ASP A 22 61.37 32.31 25.17
CA ASP A 22 60.92 31.61 26.37
C ASP A 22 60.98 30.10 26.18
N ALA A 23 60.77 29.63 24.95
CA ALA A 23 60.74 28.18 24.73
C ALA A 23 62.12 27.58 24.53
N GLU A 24 63.18 28.38 24.51
CA GLU A 24 64.50 27.85 24.18
C GLU A 24 64.85 26.70 25.11
N PRO A 25 65.36 25.59 24.59
CA PRO A 25 65.80 24.49 25.45
C PRO A 25 67.09 24.86 26.17
N PRO A 26 67.39 24.16 27.26
CA PRO A 26 68.68 24.37 27.92
C PRO A 26 69.86 23.83 27.11
N ILE A 27 71.03 24.34 27.46
CA ILE A 27 72.28 23.74 27.02
C ILE A 27 72.55 22.53 27.91
N LEU A 28 72.55 21.34 27.31
CA LEU A 28 72.78 20.11 28.02
C LEU A 28 74.27 19.76 28.04
N TYR A 29 74.61 18.87 28.96
CA TYR A 29 75.99 18.46 29.21
C TYR A 29 76.21 17.02 28.80
N SER A 30 77.42 16.71 28.37
CA SER A 30 77.82 15.32 28.25
C SER A 30 77.96 14.74 29.65
N GLU A 31 77.69 13.44 29.77
CA GLU A 31 77.83 12.80 31.07
C GLU A 31 79.21 13.08 31.67
N TYR A 32 79.24 13.30 32.98
CA TYR A 32 80.48 13.30 33.75
C TYR A 32 80.68 11.98 34.44
N ASP A 33 80.39 10.89 33.75
CA ASP A 33 80.51 9.54 34.31
C ASP A 33 81.98 9.15 34.48
N PRO A 34 82.52 9.05 35.69
CA PRO A 34 83.92 8.60 35.84
C PRO A 34 84.18 7.20 35.33
N THR A 35 83.17 6.32 35.30
CA THR A 35 83.40 5.00 34.74
C THR A 35 83.43 5.02 33.22
N ARG A 36 83.26 6.19 32.61
CA ARG A 36 83.23 6.32 31.15
C ARG A 36 83.93 7.60 30.78
N PRO A 37 85.25 7.67 30.99
CA PRO A 37 85.99 8.86 30.57
C PRO A 37 85.93 9.02 29.06
N PHE A 38 86.40 10.16 28.58
CA PHE A 38 86.35 10.44 27.16
C PHE A 38 87.50 9.77 26.44
N SER A 39 87.14 9.08 25.35
CA SER A 39 88.13 8.51 24.44
C SER A 39 87.47 8.43 23.07
N GLU A 40 88.31 8.23 22.05
CA GLU A 40 87.78 8.12 20.70
C GLU A 40 86.85 6.91 20.56
N ALA A 41 87.05 5.88 21.40
CA ALA A 41 86.16 4.72 21.37
C ALA A 41 84.80 5.01 22.01
N SER A 42 84.73 5.94 22.96
CA SER A 42 83.49 6.20 23.69
C SER A 42 82.69 7.31 23.05
N MET A 43 83.16 7.85 21.94
CA MET A 43 82.74 9.16 21.48
C MET A 43 81.33 9.13 20.93
N MET A 44 81.08 8.19 20.03
CA MET A 44 79.78 8.19 19.35
C MET A 44 78.72 7.80 20.40
N GLY A 45 79.10 6.99 21.39
CA GLY A 45 78.21 6.72 22.51
C GLY A 45 77.85 7.97 23.30
N LEU A 46 78.85 8.80 23.63
CA LEU A 46 78.55 10.04 24.35
C LEU A 46 77.72 10.99 23.48
N LEU A 47 78.10 11.14 22.23
CA LEU A 47 77.36 12.01 21.32
C LEU A 47 75.93 11.51 21.10
N THR A 48 75.74 10.19 21.05
CA THR A 48 74.40 9.67 20.85
C THR A 48 73.51 9.93 22.06
N ASN A 49 74.03 9.69 23.27
CA ASN A 49 73.28 9.95 24.49
C ASN A 49 72.86 11.40 24.58
N LEU A 50 73.78 12.29 24.21
CA LEU A 50 73.52 13.72 24.28
C LEU A 50 72.38 14.09 23.33
N ALA A 51 72.46 13.61 22.10
CA ALA A 51 71.40 13.87 21.12
C ALA A 51 70.07 13.31 21.61
N ASP A 52 70.09 12.10 22.16
CA ASP A 52 68.86 11.52 22.68
C ASP A 52 68.27 12.39 23.80
N ARG A 53 69.11 12.91 24.68
CA ARG A 53 68.57 13.79 25.70
C ARG A 53 68.10 15.09 25.10
N GLU A 54 68.79 15.61 24.08
CA GLU A 54 68.33 16.86 23.49
C GLU A 54 66.97 16.68 22.79
N LEU A 55 66.74 15.52 22.19
CA LEU A 55 65.51 15.31 21.45
C LEU A 55 64.30 15.48 22.35
N VAL A 56 64.41 14.99 23.60
CA VAL A 56 63.31 15.12 24.52
C VAL A 56 62.94 16.59 24.68
N HIS A 57 63.94 17.44 24.97
CA HIS A 57 63.71 18.87 25.09
C HIS A 57 63.19 19.48 23.79
N MET A 58 63.70 19.01 22.63
CA MET A 58 63.25 19.54 21.36
C MET A 58 61.76 19.33 21.16
N ILE A 59 61.25 18.15 21.51
CA ILE A 59 59.80 17.89 21.47
C ILE A 59 59.03 18.97 22.20
N ASN A 60 59.40 19.22 23.46
CA ASN A 60 58.62 20.15 24.24
C ASN A 60 58.85 21.59 23.80
N TRP A 61 60.00 21.88 23.17
CA TRP A 61 60.19 23.16 22.48
C TRP A 61 59.25 23.30 21.29
N ALA A 62 59.18 22.26 20.45
CA ALA A 62 58.31 22.29 19.27
C ALA A 62 56.88 22.66 19.64
N LYS A 63 56.33 21.99 20.66
CA LYS A 63 54.96 22.26 21.10
C LYS A 63 54.74 23.71 21.52
N ARG A 64 55.82 24.43 21.81
CA ARG A 64 55.72 25.83 22.20
C ARG A 64 56.01 26.79 21.07
N VAL A 65 56.21 26.30 19.84
CA VAL A 65 56.37 27.17 18.67
C VAL A 65 54.99 27.57 18.20
N PRO A 66 54.66 28.87 18.15
CA PRO A 66 53.27 29.26 17.89
C PRO A 66 52.81 28.68 16.57
N GLY A 67 51.62 28.10 16.58
CA GLY A 67 51.08 27.46 15.42
C GLY A 67 51.31 25.95 15.37
N PHE A 68 52.40 25.48 15.98
CA PHE A 68 52.78 24.08 15.81
C PHE A 68 51.77 23.12 16.40
N VAL A 69 51.28 23.36 17.62
CA VAL A 69 50.29 22.42 18.19
C VAL A 69 48.90 22.63 17.63
N ASP A 70 48.70 23.66 16.80
CA ASP A 70 47.44 23.78 16.07
C ASP A 70 47.28 22.66 15.05
N LEU A 71 48.39 22.04 14.63
CA LEU A 71 48.42 20.97 13.65
C LEU A 71 47.95 19.67 14.27
N THR A 72 47.60 18.72 13.41
CA THR A 72 47.32 17.37 13.87
C THR A 72 48.57 16.76 14.48
N LEU A 73 48.36 15.81 15.40
CA LEU A 73 49.47 14.99 15.90
C LEU A 73 50.24 14.39 14.74
N HIS A 74 49.54 13.78 13.79
CA HIS A 74 50.19 13.16 12.63
C HIS A 74 51.15 14.12 11.93
N ASP A 75 50.68 15.35 11.64
CA ASP A 75 51.55 16.29 10.94
C ASP A 75 52.68 16.80 11.84
N GLN A 76 52.38 17.03 13.12
CA GLN A 76 53.46 17.43 14.04
C GLN A 76 54.58 16.41 14.03
N VAL A 77 54.23 15.12 13.98
CA VAL A 77 55.26 14.08 13.96
C VAL A 77 56.02 14.13 12.64
N HIS A 78 55.30 14.30 11.54
CA HIS A 78 55.98 14.37 10.23
C HIS A 78 56.93 15.57 10.16
N LEU A 79 56.52 16.71 10.71
CA LEU A 79 57.45 17.85 10.72
C LEU A 79 58.68 17.53 11.57
N LEU A 80 58.49 16.94 12.76
CA LEU A 80 59.65 16.62 13.59
C LEU A 80 60.53 15.53 12.97
N GLU A 81 59.93 14.56 12.28
CA GLU A 81 60.73 13.52 11.66
C GLU A 81 61.61 14.12 10.56
N SER A 82 61.10 15.15 9.88
N SER A 82 61.11 15.13 9.85
CA SER A 82 61.82 15.78 8.79
CA SER A 82 61.93 15.74 8.81
C SER A 82 62.83 16.83 9.24
C SER A 82 63.03 16.63 9.40
N ALA A 83 62.75 17.31 10.50
CA ALA A 83 63.56 18.44 10.91
C ALA A 83 64.50 18.21 12.09
N TRP A 84 64.39 17.07 12.79
CA TRP A 84 65.09 16.94 14.07
C TRP A 84 66.62 17.00 13.91
N LEU A 85 67.16 16.43 12.84
CA LEU A 85 68.60 16.49 12.67
C LEU A 85 69.04 17.91 12.33
N GLU A 86 68.28 18.61 11.49
CA GLU A 86 68.63 19.99 11.15
C GLU A 86 68.57 20.87 12.39
N ILE A 87 67.56 20.66 13.27
CA ILE A 87 67.46 21.45 14.48
C ILE A 87 68.62 21.15 15.44
N LEU A 88 68.96 19.86 15.63
CA LEU A 88 70.15 19.54 16.43
C LEU A 88 71.41 20.24 15.88
N MET A 89 71.55 20.17 14.55
CA MET A 89 72.72 20.72 13.86
C MET A 89 72.79 22.24 14.03
N ILE A 90 71.67 22.94 13.83
CA ILE A 90 71.73 24.38 13.94
C ILE A 90 71.99 24.78 15.38
N GLY A 91 71.43 24.03 16.34
CA GLY A 91 71.78 24.28 17.73
C GLY A 91 73.26 24.12 17.99
N LEU A 92 73.85 23.06 17.41
CA LEU A 92 75.29 22.84 17.52
C LEU A 92 76.07 24.03 16.96
N VAL A 93 75.65 24.55 15.81
CA VAL A 93 76.39 25.63 15.15
C VAL A 93 76.30 26.91 15.98
N TRP A 94 75.13 27.14 16.58
CA TRP A 94 74.94 28.30 17.43
C TRP A 94 75.85 28.23 18.65
N ARG A 95 75.85 27.06 19.32
CA ARG A 95 76.72 26.83 20.46
C ARG A 95 78.19 27.02 20.13
N SER A 96 78.57 26.73 18.87
CA SER A 96 79.97 26.71 18.47
C SER A 96 80.43 28.03 17.87
N MET A 97 79.49 28.94 17.58
CA MET A 97 79.78 30.20 16.90
C MET A 97 80.97 30.94 17.48
N GLU A 98 81.07 31.00 18.80
CA GLU A 98 82.13 31.79 19.40
C GLU A 98 83.39 31.00 19.71
N HIS A 99 83.54 29.80 19.15
CA HIS A 99 84.75 29.02 19.37
C HIS A 99 85.30 28.58 18.01
N PRO A 100 85.95 29.50 17.28
CA PRO A 100 86.44 29.17 15.94
C PRO A 100 87.17 27.84 15.88
N GLY A 101 86.88 27.06 14.83
CA GLY A 101 87.59 25.81 14.61
C GLY A 101 87.14 24.66 15.49
N LYS A 102 86.15 24.86 16.33
CA LYS A 102 85.73 23.83 17.27
C LYS A 102 84.22 23.67 17.21
N LEU A 103 83.74 22.48 17.59
CA LEU A 103 82.30 22.25 17.68
C LEU A 103 81.96 21.98 19.14
N LEU A 104 81.05 22.77 19.67
CA LEU A 104 80.76 22.72 21.10
C LEU A 104 79.51 21.88 21.26
N PHE A 105 79.69 20.55 21.25
CA PHE A 105 78.55 19.67 21.41
C PHE A 105 77.90 19.89 22.79
N ALA A 106 78.73 20.10 23.80
CA ALA A 106 78.31 20.48 25.13
C ALA A 106 79.46 21.27 25.76
N PRO A 107 79.19 22.02 26.82
CA PRO A 107 80.28 22.80 27.45
C PRO A 107 81.46 21.92 27.87
N ASN A 108 81.19 20.66 28.21
CA ASN A 108 82.22 19.70 28.57
C ASN A 108 82.56 18.74 27.42
N LEU A 109 82.11 19.05 26.18
CA LEU A 109 82.38 18.19 25.02
C LEU A 109 82.64 19.08 23.79
N LEU A 110 83.85 19.62 23.74
CA LEU A 110 84.26 20.60 22.75
C LEU A 110 85.32 19.92 21.88
N LEU A 111 85.01 19.73 20.61
CA LEU A 111 85.85 18.90 19.76
C LEU A 111 86.46 19.74 18.64
N ASP A 112 87.67 19.37 18.24
CA ASP A 112 88.31 19.96 17.08
C ASP A 112 88.30 18.97 15.92
N ARG A 113 88.75 19.48 14.78
CA ARG A 113 88.62 18.77 13.52
C ARG A 113 89.41 17.44 13.51
N ASN A 114 90.60 17.39 14.14
CA ASN A 114 91.26 16.09 14.19
C ASN A 114 90.66 15.12 15.17
N GLN A 115 89.92 15.58 16.18
CA GLN A 115 89.20 14.61 16.98
C GLN A 115 88.12 13.93 16.16
N GLY A 116 87.68 14.59 15.09
CA GLY A 116 86.65 14.07 14.23
C GLY A 116 87.14 13.06 13.21
N LYS A 117 88.43 13.06 12.91
CA LYS A 117 88.98 12.11 11.94
C LYS A 117 89.21 10.76 12.60
N SER A 118 88.20 10.28 13.31
CA SER A 118 88.17 8.97 13.94
C SER A 118 87.31 7.99 13.16
N VAL A 119 86.16 8.45 12.68
CA VAL A 119 85.14 7.65 12.02
C VAL A 119 85.07 8.07 10.56
N GLU A 120 84.76 7.11 9.70
CA GLU A 120 84.69 7.38 8.26
C GLU A 120 83.45 8.21 7.94
N GLY A 121 83.65 9.27 7.14
CA GLY A 121 82.59 10.19 6.78
C GLY A 121 82.42 11.35 7.74
N MET A 122 83.16 11.36 8.86
CA MET A 122 82.85 12.28 9.94
C MET A 122 83.49 13.64 9.73
N VAL A 123 84.74 13.67 9.26
CA VAL A 123 85.43 14.95 9.08
C VAL A 123 84.71 15.82 8.05
N GLU A 124 84.15 15.20 7.00
CA GLU A 124 83.42 15.96 5.99
C GLU A 124 82.25 16.72 6.60
N ILE A 125 81.47 16.06 7.46
CA ILE A 125 80.35 16.74 8.09
C ILE A 125 80.84 17.79 9.08
N PHE A 126 81.87 17.44 9.84
CA PHE A 126 82.49 18.36 10.80
C PHE A 126 82.83 19.69 10.12
N ASP A 127 83.48 19.63 8.96
CA ASP A 127 83.88 20.84 8.25
C ASP A 127 82.68 21.65 7.78
N MET A 128 81.62 20.99 7.31
CA MET A 128 80.41 21.74 6.94
C MET A 128 79.81 22.45 8.15
N LEU A 129 79.82 21.78 9.31
CA LEU A 129 79.38 22.41 10.56
C LEU A 129 80.24 23.61 10.90
N LEU A 130 81.56 23.44 10.80
CA LEU A 130 82.49 24.55 11.10
C LEU A 130 82.29 25.70 10.12
N ALA A 131 82.13 25.39 8.83
CA ALA A 131 81.85 26.45 7.85
C ALA A 131 80.58 27.22 8.21
N THR A 132 79.55 26.52 8.67
CA THR A 132 78.30 27.18 9.05
C THR A 132 78.49 28.09 10.26
N SER A 133 79.21 27.59 11.26
CA SER A 133 79.62 28.42 12.40
C SER A 133 80.37 29.66 11.95
N SER A 134 81.35 29.51 11.05
CA SER A 134 82.02 30.64 10.43
C SER A 134 81.04 31.65 9.84
N ARG A 135 80.08 31.16 9.06
CA ARG A 135 79.11 32.05 8.42
C ARG A 135 78.27 32.81 9.45
N PHE A 136 77.80 32.13 10.49
CA PHE A 136 77.08 32.81 11.57
C PHE A 136 77.94 33.92 12.15
N ARG A 137 79.21 33.61 12.37
CA ARG A 137 80.14 34.55 12.99
C ARG A 137 80.32 35.78 12.13
N MET A 138 80.51 35.61 10.84
CA MET A 138 80.73 36.79 9.99
C MET A 138 79.42 37.54 9.71
N MET A 139 78.29 36.87 9.78
CA MET A 139 77.05 37.63 9.76
C MET A 139 76.71 38.24 11.10
N ASN A 140 77.48 37.92 12.15
CA ASN A 140 77.19 38.30 13.53
C ASN A 140 75.72 38.02 13.89
N LEU A 141 75.32 36.76 13.65
CA LEU A 141 73.95 36.31 13.93
C LEU A 141 73.56 36.60 15.37
N GLN A 142 72.35 37.13 15.57
CA GLN A 142 71.86 37.48 16.89
C GLN A 142 70.95 36.39 17.42
N GLY A 143 70.88 36.28 18.75
CA GLY A 143 70.08 35.22 19.35
C GLY A 143 68.64 35.23 18.87
N GLU A 144 68.08 36.43 18.70
CA GLU A 144 66.68 36.54 18.33
C GLU A 144 66.44 36.07 16.90
N GLU A 145 67.45 36.24 16.05
CA GLU A 145 67.40 35.73 14.69
C GLU A 145 67.53 34.21 14.70
N PHE A 146 68.43 33.70 15.54
CA PHE A 146 68.64 32.26 15.66
C PHE A 146 67.34 31.55 15.98
N VAL A 147 66.58 32.05 16.96
CA VAL A 147 65.37 31.32 17.34
C VAL A 147 64.33 31.37 16.21
N CYS A 148 64.26 32.48 15.45
CA CYS A 148 63.37 32.52 14.28
C CYS A 148 63.78 31.47 13.24
N LEU A 149 65.08 31.39 12.95
CA LEU A 149 65.59 30.42 11.99
C LEU A 149 65.26 28.99 12.40
N LYS A 150 65.47 28.67 13.68
CA LYS A 150 65.20 27.31 14.16
C LYS A 150 63.71 26.97 13.98
N SER A 151 62.83 27.94 14.26
N SER A 151 62.82 27.94 14.26
CA SER A 151 61.40 27.72 14.10
CA SER A 151 61.40 27.68 14.10
C SER A 151 61.04 27.54 12.62
C SER A 151 61.01 27.56 12.62
N ILE A 152 61.70 28.27 11.73
CA ILE A 152 61.43 28.11 10.31
C ILE A 152 61.77 26.70 9.86
N ILE A 153 62.93 26.18 10.30
CA ILE A 153 63.30 24.80 9.97
C ILE A 153 62.20 23.84 10.37
N LEU A 154 61.71 23.99 11.60
CA LEU A 154 60.70 23.09 12.11
C LEU A 154 59.45 23.09 11.20
N LEU A 155 58.98 24.28 10.83
CA LEU A 155 57.77 24.38 10.04
C LEU A 155 57.99 24.10 8.55
N ASN A 156 59.19 24.36 8.03
CA ASN A 156 59.44 24.31 6.58
C ASN A 156 59.91 22.95 6.06
N SER A 157 60.72 22.22 6.82
CA SER A 157 61.47 21.12 6.25
C SER A 157 60.56 19.97 5.80
N GLY A 158 59.50 19.69 6.54
CA GLY A 158 58.61 18.62 6.16
C GLY A 158 57.37 19.06 5.40
N VAL A 159 57.23 20.36 5.08
CA VAL A 159 55.96 20.83 4.53
C VAL A 159 55.77 20.37 3.09
N TYR A 160 56.85 20.22 2.32
CA TYR A 160 56.71 19.79 0.93
C TYR A 160 56.71 18.28 0.79
N THR A 161 56.65 17.55 1.91
CA THR A 161 56.67 16.10 1.90
C THR A 161 55.48 15.52 2.67
N THR A 166 43.52 15.94 -0.06
CA THR A 166 42.95 16.13 1.29
C THR A 166 42.76 17.51 1.91
N LEU A 167 41.47 17.73 2.22
CA LEU A 167 41.00 19.00 2.78
C LEU A 167 41.76 19.36 4.06
N LYS A 168 41.94 18.38 4.96
CA LYS A 168 42.66 18.65 6.19
C LYS A 168 44.11 19.04 5.89
N SER A 169 44.73 18.34 4.95
CA SER A 169 46.12 18.59 4.53
C SER A 169 46.24 19.98 3.94
N LEU A 170 45.28 20.36 3.10
CA LEU A 170 45.30 21.71 2.49
C LEU A 170 45.16 22.80 3.56
N GLU A 171 44.40 22.55 4.63
CA GLU A 171 44.23 23.52 5.73
C GLU A 171 45.50 23.54 6.57
N GLU A 172 46.06 22.36 6.80
CA GLU A 172 47.32 22.28 7.52
C GLU A 172 48.37 23.11 6.80
N LYS A 173 48.48 22.92 5.48
CA LYS A 173 49.55 23.54 4.73
C LYS A 173 49.34 25.05 4.62
N ASP A 174 48.09 25.48 4.45
CA ASP A 174 47.77 26.90 4.55
C ASP A 174 48.19 27.49 5.88
N HIS A 175 47.88 26.78 6.97
CA HIS A 175 48.24 27.26 8.30
C HIS A 175 49.76 27.39 8.43
N ILE A 176 50.51 26.34 8.03
CA ILE A 176 51.98 26.38 8.16
C ILE A 176 52.57 27.57 7.41
N HIS A 177 52.08 27.83 6.19
CA HIS A 177 52.62 28.96 5.43
C HIS A 177 52.27 30.29 6.08
N ARG A 178 51.12 30.37 6.77
CA ARG A 178 50.77 31.60 7.45
C ARG A 178 51.67 31.83 8.65
N VAL A 179 52.03 30.77 9.37
CA VAL A 179 52.99 30.92 10.46
C VAL A 179 54.38 31.29 9.93
N LEU A 180 54.81 30.69 8.82
CA LEU A 180 56.11 31.07 8.24
C LEU A 180 56.11 32.55 7.87
N ASP A 181 55.04 33.03 7.22
CA ASP A 181 54.93 34.45 6.92
C ASP A 181 55.06 35.33 8.17
N LYS A 182 54.41 34.93 9.26
CA LYS A 182 54.53 35.68 10.51
C LYS A 182 55.97 35.69 10.99
N ILE A 183 56.66 34.55 10.93
CA ILE A 183 58.06 34.52 11.34
C ILE A 183 58.90 35.40 10.42
N THR A 184 58.59 35.39 9.12
CA THR A 184 59.27 36.29 8.19
C THR A 184 59.12 37.73 8.64
N ASP A 185 57.87 38.17 8.88
CA ASP A 185 57.59 39.48 9.45
C ASP A 185 58.44 39.75 10.70
N THR A 186 58.46 38.78 11.62
CA THR A 186 59.20 38.92 12.87
C THR A 186 60.68 39.14 12.60
N LEU A 187 61.23 38.38 11.66
CA LEU A 187 62.64 38.55 11.32
C LEU A 187 62.90 39.96 10.82
N ILE A 188 62.07 40.44 9.89
CA ILE A 188 62.27 41.78 9.35
C ILE A 188 62.13 42.82 10.46
N HIS A 189 61.14 42.63 11.34
CA HIS A 189 60.92 43.56 12.44
C HIS A 189 62.17 43.66 13.34
N LEU A 190 62.74 42.51 13.69
CA LEU A 190 63.99 42.47 14.44
C LEU A 190 65.04 43.33 13.77
N MET A 191 65.16 43.22 12.45
CA MET A 191 66.22 43.93 11.75
C MET A 191 65.87 45.40 11.65
N ALA A 192 64.59 45.69 11.40
CA ALA A 192 64.09 47.05 11.38
C ALA A 192 64.34 47.73 12.72
N LYS A 193 64.16 47.00 13.80
CA LYS A 193 64.16 47.61 15.10
C LYS A 193 65.57 47.91 15.55
N ALA A 194 66.52 47.13 15.04
CA ALA A 194 67.93 47.41 15.28
C ALA A 194 68.38 48.67 14.54
N GLY A 195 67.84 48.91 13.34
CA GLY A 195 68.23 50.08 12.58
C GLY A 195 68.73 49.81 11.18
N LEU A 196 68.60 48.58 10.70
CA LEU A 196 69.04 48.27 9.34
C LEU A 196 68.16 49.00 8.33
N THR A 197 68.76 49.38 7.20
CA THR A 197 67.99 49.93 6.09
C THR A 197 67.10 48.86 5.45
N LEU A 198 66.06 49.30 4.72
CA LEU A 198 65.25 48.36 3.95
C LEU A 198 66.12 47.46 3.05
N GLN A 199 67.10 48.04 2.36
CA GLN A 199 68.00 47.23 1.54
C GLN A 199 68.73 46.18 2.37
N GLN A 200 69.29 46.60 3.51
CA GLN A 200 70.02 45.69 4.39
C GLN A 200 69.12 44.63 4.99
N GLN A 201 67.84 44.96 5.17
CA GLN A 201 66.87 44.03 5.73
C GLN A 201 66.63 42.89 4.75
N HIS A 202 66.30 43.24 3.50
CA HIS A 202 66.06 42.21 2.50
C HIS A 202 67.32 41.40 2.22
N GLN A 203 68.49 42.05 2.17
CA GLN A 203 69.71 41.28 1.93
C GLN A 203 70.03 40.33 3.08
N ARG A 204 69.82 40.75 4.32
CA ARG A 204 70.10 39.89 5.46
C ARG A 204 69.10 38.75 5.55
N LEU A 205 67.80 39.05 5.39
CA LEU A 205 66.81 37.99 5.34
C LEU A 205 67.23 36.90 4.35
N ALA A 206 67.65 37.31 3.15
CA ALA A 206 68.04 36.35 2.12
C ALA A 206 69.27 35.58 2.56
N GLN A 207 70.28 36.28 3.10
CA GLN A 207 71.46 35.61 3.59
C GLN A 207 71.09 34.54 4.60
N LEU A 208 70.19 34.86 5.53
CA LEU A 208 69.84 33.93 6.60
C LEU A 208 69.14 32.70 6.05
N LEU A 209 68.14 32.91 5.19
CA LEU A 209 67.37 31.79 4.68
C LEU A 209 68.18 30.88 3.75
N LEU A 210 69.14 31.43 3.00
CA LEU A 210 70.00 30.58 2.18
C LEU A 210 70.86 29.65 3.02
N ILE A 211 71.27 30.08 4.22
CA ILE A 211 71.97 29.17 5.15
C ILE A 211 71.16 27.90 5.41
N LEU A 212 69.83 28.00 5.34
CA LEU A 212 68.98 26.85 5.59
C LEU A 212 69.12 25.79 4.52
N SER A 213 69.47 26.16 3.28
CA SER A 213 69.78 25.15 2.27
C SER A 213 70.99 24.33 2.66
N HIS A 214 72.03 24.98 3.19
CA HIS A 214 73.21 24.26 3.65
C HIS A 214 72.89 23.35 4.83
N ILE A 215 72.12 23.85 5.80
CA ILE A 215 71.74 23.02 6.93
C ILE A 215 70.99 21.78 6.47
N ARG A 216 70.03 21.93 5.54
CA ARG A 216 69.39 20.75 4.95
C ARG A 216 70.42 19.81 4.34
N HIS A 217 71.32 20.37 3.54
CA HIS A 217 72.40 19.60 2.94
C HIS A 217 73.16 18.81 3.99
N MET A 218 73.56 19.48 5.07
CA MET A 218 74.29 18.81 6.14
C MET A 218 73.46 17.70 6.77
N SER A 219 72.18 17.95 6.99
CA SER A 219 71.33 16.95 7.62
C SER A 219 71.23 15.68 6.77
N ASN A 220 71.19 15.84 5.44
CA ASN A 220 71.17 14.67 4.56
C ASN A 220 72.46 13.87 4.65
N LYS A 221 73.60 14.55 4.58
CA LYS A 221 74.86 13.90 4.81
C LYS A 221 74.93 13.23 6.18
N GLY A 222 74.46 13.91 7.22
CA GLY A 222 74.52 13.32 8.56
C GLY A 222 73.60 12.13 8.67
N MET A 223 72.46 12.22 8.01
CA MET A 223 71.49 11.17 8.05
C MET A 223 72.12 9.94 7.38
N GLU A 224 72.95 10.19 6.35
CA GLU A 224 73.62 9.15 5.59
C GLU A 224 74.75 8.53 6.44
N HIS A 225 75.43 9.37 7.22
CA HIS A 225 76.41 8.93 8.20
C HIS A 225 75.77 8.10 9.32
N LEU A 226 74.58 8.50 9.80
CA LEU A 226 73.95 7.79 10.91
C LEU A 226 73.54 6.38 10.48
N TYR A 227 72.88 6.24 9.32
CA TYR A 227 72.52 4.91 8.85
C TYR A 227 73.76 4.10 8.55
N SER A 228 74.80 4.75 8.08
CA SER A 228 76.02 3.97 8.08
C SER A 228 76.46 3.44 9.47
N MET A 229 75.88 3.72 10.64
CA MET A 229 76.40 2.93 11.75
C MET A 229 75.67 1.59 11.86
N LYS A 230 74.49 1.53 11.31
CA LYS A 230 73.72 0.34 11.47
C LYS A 230 73.60 -0.02 12.96
N SER A 231 73.00 0.89 13.74
CA SER A 231 72.62 0.56 15.11
C SER A 231 71.11 0.51 15.24
N VAL A 234 69.25 4.29 16.31
CA VAL A 234 69.87 5.59 16.08
C VAL A 234 68.90 6.62 15.52
N VAL A 235 68.28 6.33 14.39
CA VAL A 235 67.29 7.25 13.84
C VAL A 235 65.98 7.06 14.59
N PRO A 236 65.34 8.13 15.06
CA PRO A 236 64.04 7.97 15.72
C PRO A 236 62.97 7.58 14.72
N SER A 237 62.27 6.49 15.01
CA SER A 237 61.24 6.05 14.10
C SER A 237 60.02 6.96 14.20
N TYR A 238 59.14 6.86 13.20
CA TYR A 238 57.90 7.63 13.21
C TYR A 238 57.08 7.33 14.46
N ASP A 239 56.89 6.04 14.80
CA ASP A 239 56.07 5.78 15.98
C ASP A 239 56.78 6.17 17.27
N LEU A 240 58.13 6.19 17.28
CA LEU A 240 58.80 6.63 18.49
C LEU A 240 58.55 8.12 18.73
N LEU A 241 58.64 8.92 17.67
CA LEU A 241 58.41 10.35 17.83
C LEU A 241 56.98 10.63 18.22
N LEU A 242 56.03 9.89 17.62
CA LEU A 242 54.62 10.11 17.93
C LEU A 242 54.36 9.86 19.40
N GLU A 243 54.92 8.77 19.95
CA GLU A 243 54.82 8.52 21.38
C GLU A 243 55.29 9.73 22.20
N MET A 244 56.41 10.32 21.80
CA MET A 244 57.01 11.39 22.55
C MET A 244 56.13 12.63 22.54
N LEU A 245 55.50 12.93 21.40
CA LEU A 245 54.66 14.11 21.24
C LEU A 245 53.26 13.91 21.77
N ASP A 246 52.80 12.66 21.81
CA ASP A 246 51.43 12.34 22.15
C ASP A 246 51.31 12.20 23.66
N ALA A 247 51.35 13.34 24.32
CA ALA A 247 51.30 13.36 25.78
C ALA A 247 49.84 13.39 26.24
N HIS A 248 49.62 12.87 27.44
CA HIS A 248 48.34 12.98 28.08
C HIS A 248 48.25 14.30 28.86
N ARG A 249 47.04 14.65 29.29
CA ARG A 249 46.80 15.92 29.98
C ARG A 249 46.18 15.72 31.36
N LEU B 7 82.47 44.71 -12.36
CA LEU B 7 81.74 45.50 -13.35
C LEU B 7 80.32 44.96 -13.55
N ALA B 8 80.15 43.64 -13.42
CA ALA B 8 78.80 43.10 -13.37
C ALA B 8 78.06 43.55 -12.12
N LEU B 9 78.78 43.94 -11.08
CA LEU B 9 78.18 44.49 -9.87
C LEU B 9 77.78 45.95 -10.02
N SER B 10 77.90 46.52 -11.21
CA SER B 10 77.37 47.85 -11.50
C SER B 10 76.08 47.78 -12.28
N LEU B 11 75.59 46.59 -12.58
CA LEU B 11 74.35 46.43 -13.30
C LEU B 11 73.19 46.91 -12.43
N THR B 12 72.22 47.56 -13.05
CA THR B 12 70.96 47.86 -12.38
C THR B 12 70.08 46.61 -12.31
N ALA B 13 69.08 46.66 -11.44
CA ALA B 13 68.18 45.52 -11.31
C ALA B 13 67.54 45.21 -12.64
N ASP B 14 67.13 46.24 -13.36
CA ASP B 14 66.58 46.02 -14.68
C ASP B 14 67.61 45.34 -15.60
N GLN B 15 68.86 45.79 -15.56
CA GLN B 15 69.88 45.19 -16.40
C GLN B 15 70.20 43.75 -15.98
N MET B 16 70.16 43.46 -14.68
CA MET B 16 70.36 42.09 -14.19
C MET B 16 69.28 41.14 -14.73
N VAL B 17 68.02 41.59 -14.72
CA VAL B 17 66.92 40.76 -15.19
C VAL B 17 67.05 40.48 -16.69
N SER B 18 67.33 41.53 -17.47
CA SER B 18 67.41 41.34 -18.92
C SER B 18 68.54 40.37 -19.28
N ALA B 19 69.69 40.53 -18.64
CA ALA B 19 70.79 39.62 -18.86
C ALA B 19 70.37 38.18 -18.59
N LEU B 20 69.71 37.93 -17.45
CA LEU B 20 69.32 36.57 -17.11
C LEU B 20 68.27 36.05 -18.07
N LEU B 21 67.32 36.88 -18.49
CA LEU B 21 66.33 36.36 -19.42
C LEU B 21 66.99 36.02 -20.76
N ASP B 22 67.97 36.82 -21.16
CA ASP B 22 68.68 36.61 -22.43
C ASP B 22 69.56 35.38 -22.38
N ALA B 23 69.96 34.96 -21.19
CA ALA B 23 70.85 33.83 -21.00
C ALA B 23 70.14 32.49 -20.97
N GLU B 24 68.81 32.49 -20.99
CA GLU B 24 68.05 31.29 -20.71
C GLU B 24 68.35 30.20 -21.73
N PRO B 25 68.52 28.94 -21.30
CA PRO B 25 68.91 27.88 -22.21
C PRO B 25 67.72 27.41 -23.01
N PRO B 26 67.93 26.62 -24.07
CA PRO B 26 66.80 26.08 -24.80
C PRO B 26 66.14 24.93 -24.07
N ILE B 27 64.93 24.62 -24.49
CA ILE B 27 64.25 23.42 -24.05
C ILE B 27 64.66 22.30 -25.00
N LEU B 28 65.22 21.24 -24.46
CA LEU B 28 65.65 20.12 -25.28
C LEU B 28 64.54 19.11 -25.39
N TYR B 29 64.67 18.25 -26.40
CA TYR B 29 63.76 17.13 -26.65
C TYR B 29 64.42 15.84 -26.20
N SER B 30 63.60 14.91 -25.72
CA SER B 30 64.08 13.57 -25.42
C SER B 30 64.54 12.90 -26.71
N GLU B 31 65.48 11.97 -26.57
CA GLU B 31 66.16 11.37 -27.70
C GLU B 31 65.78 9.90 -27.89
N SER B 42 63.42 2.04 -22.38
CA SER B 42 63.95 2.44 -21.07
C SER B 42 63.87 3.93 -20.77
N MET B 43 62.84 4.29 -19.98
CA MET B 43 62.70 5.65 -19.48
C MET B 43 64.00 6.17 -18.85
N MET B 44 64.71 5.30 -18.10
CA MET B 44 65.89 5.76 -17.35
C MET B 44 67.09 6.03 -18.25
N GLY B 45 67.21 5.30 -19.35
CA GLY B 45 68.18 5.69 -20.36
C GLY B 45 67.85 7.05 -20.96
N LEU B 46 66.58 7.36 -21.08
CA LEU B 46 66.24 8.57 -21.81
C LEU B 46 66.45 9.78 -20.91
N LEU B 47 66.18 9.60 -19.62
CA LEU B 47 66.33 10.69 -18.68
C LEU B 47 67.79 11.04 -18.50
N THR B 48 68.64 10.00 -18.44
CA THR B 48 70.07 10.23 -18.35
C THR B 48 70.59 10.91 -19.61
N ASN B 49 70.12 10.48 -20.78
CA ASN B 49 70.60 11.10 -22.00
C ASN B 49 70.15 12.55 -22.09
N LEU B 50 68.92 12.84 -21.64
CA LEU B 50 68.44 14.21 -21.62
C LEU B 50 69.26 15.07 -20.65
N ALA B 51 69.46 14.58 -19.43
CA ALA B 51 70.27 15.30 -18.46
C ALA B 51 71.63 15.69 -19.03
N ASP B 52 72.30 14.73 -19.66
CA ASP B 52 73.65 14.96 -20.17
C ASP B 52 73.69 16.05 -21.22
N ARG B 53 72.68 16.11 -22.10
CA ARG B 53 72.66 17.17 -23.11
C ARG B 53 72.27 18.52 -22.49
N GLU B 54 71.47 18.51 -21.43
CA GLU B 54 71.08 19.76 -20.79
C GLU B 54 72.25 20.41 -20.10
N LEU B 55 73.17 19.59 -19.59
CA LEU B 55 74.28 20.08 -18.79
C LEU B 55 75.12 21.06 -19.61
N VAL B 56 75.34 20.72 -20.89
CA VAL B 56 76.12 21.57 -21.77
C VAL B 56 75.52 22.98 -21.82
N HIS B 57 74.22 23.05 -22.07
CA HIS B 57 73.55 24.34 -22.14
C HIS B 57 73.54 25.08 -20.81
N MET B 58 73.52 24.32 -19.70
CA MET B 58 73.57 24.93 -18.39
C MET B 58 74.90 25.61 -18.18
N ILE B 59 75.97 25.00 -18.67
CA ILE B 59 77.28 25.63 -18.60
C ILE B 59 77.29 26.94 -19.39
N ASN B 60 76.74 26.93 -20.60
CA ASN B 60 76.63 28.17 -21.37
C ASN B 60 75.82 29.21 -20.62
N TRP B 61 74.71 28.78 -20.02
CA TRP B 61 73.89 29.68 -19.22
C TRP B 61 74.71 30.28 -18.09
N ALA B 62 75.46 29.44 -17.38
CA ALA B 62 76.14 29.88 -16.17
C ALA B 62 77.14 31.00 -16.49
N LYS B 63 77.82 30.89 -17.62
CA LYS B 63 78.81 31.91 -17.96
C LYS B 63 78.16 33.27 -18.22
N ARG B 64 76.88 33.31 -18.57
CA ARG B 64 76.21 34.58 -18.79
C ARG B 64 75.52 35.13 -17.53
N VAL B 65 75.60 34.46 -16.39
CA VAL B 65 75.07 34.98 -15.14
C VAL B 65 76.03 36.06 -14.68
N PRO B 66 75.60 37.32 -14.57
CA PRO B 66 76.54 38.38 -14.20
C PRO B 66 77.26 38.05 -12.90
N GLY B 67 78.59 38.18 -12.91
CA GLY B 67 79.42 37.90 -11.77
C GLY B 67 80.12 36.56 -11.82
N PHE B 68 79.53 35.57 -12.49
CA PHE B 68 80.04 34.20 -12.43
C PHE B 68 81.43 34.08 -13.06
N VAL B 69 81.63 34.67 -14.24
CA VAL B 69 82.92 34.46 -14.89
C VAL B 69 83.99 35.40 -14.36
N ASP B 70 83.71 36.20 -13.34
CA ASP B 70 84.80 36.88 -12.61
C ASP B 70 85.51 35.98 -11.63
N LEU B 71 84.89 34.85 -11.28
CA LEU B 71 85.55 33.87 -10.43
C LEU B 71 86.59 33.13 -11.24
N THR B 72 87.62 32.62 -10.56
CA THR B 72 88.55 31.70 -11.19
C THR B 72 87.82 30.53 -11.83
N LEU B 73 88.47 29.92 -12.81
CA LEU B 73 87.87 28.75 -13.45
C LEU B 73 87.68 27.63 -12.44
N HIS B 74 88.64 27.46 -11.52
CA HIS B 74 88.58 26.43 -10.48
C HIS B 74 87.30 26.58 -9.67
N ASP B 75 86.94 27.81 -9.31
CA ASP B 75 85.73 27.98 -8.50
C ASP B 75 84.44 27.93 -9.32
N GLN B 76 84.49 28.29 -10.61
CA GLN B 76 83.33 28.11 -11.47
C GLN B 76 82.98 26.63 -11.57
N VAL B 77 83.99 25.76 -11.75
CA VAL B 77 83.73 24.33 -11.83
C VAL B 77 83.11 23.84 -10.53
N HIS B 78 83.65 24.27 -9.39
CA HIS B 78 83.14 23.82 -8.09
C HIS B 78 81.68 24.22 -7.91
N LEU B 79 81.35 25.50 -8.16
CA LEU B 79 79.94 25.90 -8.16
C LEU B 79 79.09 25.03 -9.07
N LEU B 80 79.62 24.71 -10.26
CA LEU B 80 78.85 23.88 -11.20
C LEU B 80 78.71 22.46 -10.68
N GLU B 81 79.76 21.90 -10.09
CA GLU B 81 79.67 20.56 -9.49
C GLU B 81 78.60 20.52 -8.42
N SER B 82 78.54 21.56 -7.59
CA SER B 82 77.60 21.55 -6.46
C SER B 82 76.17 21.79 -6.90
N ALA B 83 75.95 22.48 -8.03
CA ALA B 83 74.65 23.06 -8.32
C ALA B 83 73.93 22.41 -9.49
N TRP B 84 74.63 21.67 -10.36
CA TRP B 84 74.04 21.29 -11.65
C TRP B 84 72.75 20.49 -11.47
N LEU B 85 72.71 19.58 -10.51
CA LEU B 85 71.48 18.79 -10.33
C LEU B 85 70.33 19.66 -9.83
N GLU B 86 70.59 20.57 -8.89
CA GLU B 86 69.54 21.51 -8.48
C GLU B 86 69.02 22.31 -9.67
N ILE B 87 69.92 22.77 -10.54
CA ILE B 87 69.50 23.56 -11.68
C ILE B 87 68.64 22.73 -12.63
N LEU B 88 69.03 21.47 -12.86
CA LEU B 88 68.21 20.64 -13.71
C LEU B 88 66.82 20.49 -13.11
N MET B 89 66.74 20.34 -11.79
CA MET B 89 65.44 20.09 -11.18
C MET B 89 64.57 21.34 -11.22
N ILE B 90 65.10 22.51 -10.86
CA ILE B 90 64.22 23.68 -10.86
C ILE B 90 63.71 23.98 -12.27
N GLY B 91 64.51 23.72 -13.30
CA GLY B 91 64.01 23.85 -14.67
C GLY B 91 62.91 22.86 -15.01
N LEU B 92 63.08 21.61 -14.60
CA LEU B 92 62.02 20.64 -14.75
C LEU B 92 60.74 21.12 -14.06
N VAL B 93 60.88 21.61 -12.84
CA VAL B 93 59.74 22.12 -12.09
C VAL B 93 59.11 23.31 -12.81
N TRP B 94 59.92 24.24 -13.30
CA TRP B 94 59.40 25.42 -13.99
C TRP B 94 58.53 25.02 -15.17
N ARG B 95 59.04 24.14 -16.02
CA ARG B 95 58.27 23.86 -17.23
C ARG B 95 57.16 22.85 -17.02
N SER B 96 57.03 22.30 -15.81
CA SER B 96 55.91 21.46 -15.42
C SER B 96 54.79 22.22 -14.71
N MET B 97 54.98 23.51 -14.40
CA MET B 97 53.96 24.28 -13.69
C MET B 97 52.58 24.13 -14.32
N GLU B 98 52.52 24.20 -15.64
CA GLU B 98 51.27 24.18 -16.35
C GLU B 98 50.74 22.77 -16.58
N HIS B 99 51.36 21.74 -16.02
CA HIS B 99 50.91 20.36 -16.24
C HIS B 99 50.72 19.63 -14.91
N PRO B 100 49.66 20.00 -14.17
CA PRO B 100 49.37 19.34 -12.88
C PRO B 100 49.51 17.83 -12.89
N GLY B 101 50.24 17.32 -11.90
CA GLY B 101 50.46 15.90 -11.79
C GLY B 101 51.40 15.30 -12.82
N LYS B 102 51.92 16.10 -13.75
CA LYS B 102 52.84 15.57 -14.75
C LYS B 102 54.19 16.29 -14.66
N LEU B 103 55.25 15.60 -15.05
CA LEU B 103 56.58 16.20 -15.15
C LEU B 103 56.98 16.27 -16.62
N LEU B 104 57.15 17.49 -17.12
CA LEU B 104 57.52 17.74 -18.52
C LEU B 104 59.05 17.77 -18.61
N PHE B 105 59.66 16.58 -18.60
CA PHE B 105 61.09 16.51 -18.83
C PHE B 105 61.43 17.10 -20.18
N ALA B 106 60.55 16.92 -21.17
CA ALA B 106 60.74 17.46 -22.51
C ALA B 106 59.39 17.53 -23.19
N PRO B 107 59.26 18.34 -24.24
CA PRO B 107 57.97 18.43 -24.92
C PRO B 107 57.48 17.10 -25.46
N ASN B 108 58.37 16.14 -25.74
CA ASN B 108 57.97 14.80 -26.14
C ASN B 108 58.14 13.78 -25.02
N LEU B 109 58.16 14.24 -23.77
CA LEU B 109 58.31 13.30 -22.65
C LEU B 109 57.65 13.92 -21.39
N LEU B 110 56.32 13.79 -21.32
CA LEU B 110 55.54 14.05 -20.10
C LEU B 110 55.28 12.74 -19.39
N LEU B 111 55.71 12.65 -18.14
CA LEU B 111 55.50 11.48 -17.31
C LEU B 111 54.65 11.87 -16.11
N ASP B 112 53.76 10.98 -15.69
CA ASP B 112 53.03 11.15 -14.44
C ASP B 112 53.64 10.26 -13.36
N ARG B 113 53.09 10.30 -12.15
CA ARG B 113 53.70 9.54 -11.07
C ARG B 113 53.51 8.03 -11.24
N ASN B 114 52.67 7.60 -12.18
CA ASN B 114 52.57 6.16 -12.41
C ASN B 114 53.75 5.63 -13.22
N GLN B 115 54.33 6.41 -14.14
CA GLN B 115 55.40 5.83 -14.95
C GLN B 115 56.66 5.72 -14.10
N MET B 122 61.99 5.84 -6.65
CA MET B 122 61.93 6.87 -7.68
C MET B 122 60.71 7.79 -7.48
N VAL B 123 59.56 7.18 -7.19
CA VAL B 123 58.32 7.94 -7.07
C VAL B 123 58.40 8.97 -5.95
N GLU B 124 59.25 8.74 -4.95
CA GLU B 124 59.40 9.71 -3.87
C GLU B 124 59.93 11.05 -4.40
N ILE B 125 61.04 11.00 -5.14
CA ILE B 125 61.60 12.22 -5.74
C ILE B 125 60.62 12.81 -6.73
N PHE B 126 59.94 11.94 -7.48
CA PHE B 126 58.92 12.39 -8.41
C PHE B 126 57.81 13.16 -7.70
N ASP B 127 57.36 12.66 -6.54
CA ASP B 127 56.30 13.36 -5.82
C ASP B 127 56.81 14.68 -5.27
N MET B 128 58.05 14.69 -4.79
CA MET B 128 58.65 15.94 -4.36
C MET B 128 58.69 16.95 -5.50
N LEU B 129 59.08 16.52 -6.70
CA LEU B 129 59.10 17.43 -7.84
C LEU B 129 57.73 17.98 -8.13
N LEU B 130 56.72 17.09 -8.20
CA LEU B 130 55.34 17.53 -8.41
C LEU B 130 54.89 18.52 -7.34
N ALA B 131 55.24 18.27 -6.08
CA ALA B 131 54.81 19.19 -5.03
C ALA B 131 55.46 20.55 -5.21
N THR B 132 56.72 20.58 -5.64
CA THR B 132 57.38 21.86 -5.93
C THR B 132 56.67 22.59 -7.07
N SER B 133 56.35 21.87 -8.14
CA SER B 133 55.60 22.48 -9.22
C SER B 133 54.24 22.97 -8.75
N SER B 134 53.60 22.24 -7.83
CA SER B 134 52.34 22.76 -7.30
C SER B 134 52.54 24.04 -6.49
N ARG B 135 53.63 24.14 -5.73
CA ARG B 135 53.85 25.36 -4.97
C ARG B 135 54.15 26.55 -5.90
N PHE B 136 54.97 26.34 -6.94
CA PHE B 136 55.19 27.39 -7.93
C PHE B 136 53.87 27.83 -8.57
N ARG B 137 52.94 26.89 -8.86
CA ARG B 137 51.60 27.26 -9.37
C ARG B 137 50.82 28.11 -8.36
N MET B 138 50.70 27.64 -7.12
CA MET B 138 49.99 28.42 -6.10
C MET B 138 50.51 29.83 -5.97
N MET B 139 51.81 30.04 -6.17
CA MET B 139 52.42 31.36 -6.01
C MET B 139 52.42 32.20 -7.26
N ASN B 140 52.02 31.63 -8.38
CA ASN B 140 52.12 32.28 -9.69
C ASN B 140 53.53 32.78 -9.94
N LEU B 141 54.50 31.89 -9.71
CA LEU B 141 55.89 32.21 -9.97
C LEU B 141 56.05 32.79 -11.37
N GLN B 142 56.70 33.92 -11.47
CA GLN B 142 56.93 34.55 -12.75
C GLN B 142 58.29 34.14 -13.32
N GLY B 143 58.43 34.32 -14.64
CA GLY B 143 59.67 33.98 -15.30
C GLY B 143 60.85 34.80 -14.81
N GLU B 144 60.65 36.11 -14.66
CA GLU B 144 61.71 36.96 -14.12
C GLU B 144 62.17 36.48 -12.74
N GLU B 145 61.23 35.99 -11.92
CA GLU B 145 61.60 35.48 -10.60
C GLU B 145 62.31 34.14 -10.73
N PHE B 146 61.77 33.26 -11.56
CA PHE B 146 62.41 31.98 -11.83
C PHE B 146 63.90 32.13 -12.20
N VAL B 147 64.23 33.08 -13.08
CA VAL B 147 65.64 33.12 -13.48
C VAL B 147 66.52 33.69 -12.38
N CYS B 148 65.97 34.55 -11.52
CA CYS B 148 66.74 34.97 -10.36
C CYS B 148 67.00 33.79 -9.43
N LEU B 149 66.01 32.91 -9.29
CA LEU B 149 66.16 31.77 -8.38
C LEU B 149 67.23 30.82 -8.86
N LYS B 150 67.30 30.55 -10.19
CA LYS B 150 68.37 29.71 -10.73
C LYS B 150 69.74 30.27 -10.45
N SER B 151 69.90 31.58 -10.61
CA SER B 151 71.24 32.11 -10.42
C SER B 151 71.63 32.10 -8.96
N ILE B 152 70.66 32.28 -8.06
CA ILE B 152 70.96 32.10 -6.63
C ILE B 152 71.43 30.67 -6.37
N ILE B 153 70.74 29.67 -6.94
CA ILE B 153 71.15 28.28 -6.79
C ILE B 153 72.58 28.06 -7.27
N LEU B 154 72.92 28.62 -8.44
CA LEU B 154 74.26 28.48 -8.98
C LEU B 154 75.32 29.04 -8.03
N LEU B 155 75.04 30.20 -7.44
CA LEU B 155 76.04 30.88 -6.61
C LEU B 155 76.05 30.37 -5.18
N ASN B 156 74.91 29.93 -4.67
CA ASN B 156 74.79 29.59 -3.25
C ASN B 156 75.21 28.16 -2.95
N SER B 157 75.01 27.23 -3.89
CA SER B 157 75.05 25.81 -3.55
C SER B 157 76.44 25.33 -3.14
N GLY B 158 77.49 25.92 -3.67
CA GLY B 158 78.80 25.45 -3.30
C GLY B 158 79.60 26.45 -2.47
N VAL B 159 78.97 27.58 -2.09
CA VAL B 159 79.74 28.65 -1.46
C VAL B 159 80.27 28.21 -0.10
N TYR B 160 79.86 27.06 0.43
CA TYR B 160 80.44 26.56 1.67
C TYR B 160 81.35 25.39 1.28
N THR B 161 82.48 25.76 0.65
CA THR B 161 83.55 24.89 0.07
C THR B 161 83.99 25.46 -1.29
N THR B 166 92.14 29.90 1.80
CA THR B 166 93.18 30.84 1.40
C THR B 166 92.64 32.26 1.24
N LEU B 167 93.55 33.25 1.22
CA LEU B 167 93.16 34.62 0.90
C LEU B 167 92.32 34.68 -0.37
N LYS B 168 92.82 34.07 -1.45
CA LYS B 168 92.11 34.11 -2.73
C LYS B 168 90.74 33.48 -2.63
N SER B 169 90.66 32.31 -1.98
CA SER B 169 89.34 31.69 -1.75
C SER B 169 88.41 32.66 -1.02
N LEU B 170 88.92 33.36 -0.02
CA LEU B 170 88.07 34.27 0.77
C LEU B 170 87.61 35.45 -0.08
N GLU B 171 88.52 35.98 -0.92
CA GLU B 171 88.12 37.01 -1.87
C GLU B 171 87.00 36.52 -2.79
N GLU B 172 87.10 35.28 -3.28
CA GLU B 172 86.04 34.77 -4.13
C GLU B 172 84.71 34.66 -3.40
N LYS B 173 84.70 34.21 -2.15
CA LYS B 173 83.43 34.10 -1.44
C LYS B 173 82.84 35.47 -1.16
N ASP B 174 83.68 36.47 -0.91
CA ASP B 174 83.17 37.83 -0.81
C ASP B 174 82.43 38.23 -2.08
N HIS B 175 83.06 37.99 -3.23
CA HIS B 175 82.45 38.32 -4.52
C HIS B 175 81.12 37.61 -4.69
N ILE B 176 81.09 36.31 -4.40
CA ILE B 176 79.85 35.54 -4.51
C ILE B 176 78.74 36.16 -3.67
N HIS B 177 79.06 36.58 -2.44
CA HIS B 177 78.01 37.14 -1.60
C HIS B 177 77.52 38.49 -2.12
N ARG B 178 78.44 39.30 -2.67
CA ARG B 178 78.02 40.55 -3.31
C ARG B 178 77.07 40.27 -4.47
N VAL B 179 77.38 39.26 -5.28
CA VAL B 179 76.46 38.95 -6.39
C VAL B 179 75.13 38.47 -5.85
N LEU B 180 75.17 37.62 -4.82
CA LEU B 180 73.95 37.14 -4.19
C LEU B 180 73.08 38.30 -3.71
N ASP B 181 73.70 39.27 -3.04
CA ASP B 181 73.00 40.46 -2.55
C ASP B 181 72.33 41.20 -3.69
N LYS B 182 73.02 41.34 -4.82
CA LYS B 182 72.41 42.07 -5.93
C LYS B 182 71.26 41.29 -6.55
N ILE B 183 71.31 39.97 -6.57
CA ILE B 183 70.14 39.21 -7.02
C ILE B 183 68.99 39.39 -6.05
N THR B 184 69.28 39.47 -4.75
CA THR B 184 68.22 39.74 -3.78
C THR B 184 67.59 41.09 -4.06
N ASP B 185 68.42 42.13 -4.22
CA ASP B 185 67.91 43.45 -4.61
C ASP B 185 67.00 43.34 -5.84
N THR B 186 67.41 42.51 -6.81
CA THR B 186 66.69 42.38 -8.07
C THR B 186 65.33 41.74 -7.88
N LEU B 187 65.29 40.58 -7.21
CA LEU B 187 64.03 39.97 -6.80
C LEU B 187 63.10 40.98 -6.16
N ILE B 188 63.60 41.74 -5.19
CA ILE B 188 62.74 42.71 -4.52
C ILE B 188 62.22 43.74 -5.52
N HIS B 189 63.13 44.25 -6.35
CA HIS B 189 62.73 45.20 -7.39
C HIS B 189 61.57 44.65 -8.21
N LEU B 190 61.66 43.40 -8.67
CA LEU B 190 60.56 42.82 -9.44
C LEU B 190 59.28 42.83 -8.63
N MET B 191 59.32 42.45 -7.36
CA MET B 191 58.06 42.41 -6.64
C MET B 191 57.50 43.80 -6.35
N ALA B 192 58.37 44.78 -6.22
CA ALA B 192 57.94 46.17 -6.12
C ALA B 192 57.23 46.62 -7.39
N LYS B 193 57.92 46.54 -8.54
CA LYS B 193 57.29 46.71 -9.86
C LYS B 193 55.96 46.00 -10.01
N ALA B 194 55.87 44.75 -9.57
CA ALA B 194 54.58 44.09 -9.60
C ALA B 194 53.56 44.75 -8.66
N GLY B 195 53.98 45.68 -7.80
CA GLY B 195 53.03 46.38 -6.95
C GLY B 195 52.65 45.65 -5.69
N LEU B 196 53.52 44.78 -5.19
CA LEU B 196 53.29 44.17 -3.90
C LEU B 196 53.66 45.18 -2.83
N THR B 197 53.01 45.10 -1.68
CA THR B 197 53.46 45.88 -0.53
C THR B 197 54.80 45.34 -0.01
N LEU B 198 55.48 46.19 0.77
CA LEU B 198 56.77 45.82 1.36
C LEU B 198 56.65 44.59 2.25
N GLN B 199 55.52 44.42 2.96
CA GLN B 199 55.32 43.21 3.72
C GLN B 199 55.19 42.00 2.79
N GLN B 200 54.48 42.17 1.68
CA GLN B 200 54.30 41.07 0.73
C GLN B 200 55.61 40.76 0.00
N GLN B 201 56.46 41.77 -0.19
CA GLN B 201 57.74 41.53 -0.84
C GLN B 201 58.61 40.64 0.02
N HIS B 202 58.73 40.94 1.32
CA HIS B 202 59.66 40.12 2.07
C HIS B 202 59.07 38.77 2.41
N GLN B 203 57.75 38.70 2.52
CA GLN B 203 57.08 37.41 2.66
C GLN B 203 57.33 36.53 1.43
N ARG B 204 57.08 37.07 0.23
CA ARG B 204 57.32 36.31 -1.00
C ARG B 204 58.81 35.99 -1.20
N LEU B 205 59.72 36.94 -0.93
CA LEU B 205 61.13 36.62 -0.97
C LEU B 205 61.42 35.40 -0.10
N ALA B 206 60.91 35.41 1.13
CA ALA B 206 61.18 34.29 2.04
C ALA B 206 60.58 32.99 1.48
N GLN B 207 59.33 33.04 1.04
CA GLN B 207 58.72 31.84 0.48
C GLN B 207 59.59 31.22 -0.61
N LEU B 208 60.08 32.05 -1.54
CA LEU B 208 60.85 31.51 -2.67
C LEU B 208 62.14 30.88 -2.18
N LEU B 209 62.87 31.56 -1.30
CA LEU B 209 64.14 31.02 -0.82
C LEU B 209 63.96 29.72 -0.03
N LEU B 210 62.82 29.55 0.64
CA LEU B 210 62.60 28.31 1.37
C LEU B 210 62.34 27.16 0.40
N ILE B 211 61.78 27.46 -0.77
CA ILE B 211 61.65 26.39 -1.77
C ILE B 211 63.02 25.91 -2.22
N LEU B 212 64.04 26.79 -2.19
CA LEU B 212 65.39 26.37 -2.56
C LEU B 212 65.98 25.34 -1.61
N SER B 213 65.59 25.36 -0.33
CA SER B 213 66.08 24.30 0.56
C SER B 213 65.43 22.96 0.23
N HIS B 214 64.18 22.96 -0.25
CA HIS B 214 63.55 21.71 -0.71
C HIS B 214 64.20 21.20 -2.00
N ILE B 215 64.53 22.11 -2.92
CA ILE B 215 65.25 21.71 -4.13
C ILE B 215 66.63 21.15 -3.76
N ARG B 216 67.29 21.72 -2.74
CA ARG B 216 68.55 21.14 -2.28
C ARG B 216 68.34 19.72 -1.79
N HIS B 217 67.25 19.51 -1.04
CA HIS B 217 66.92 18.19 -0.53
C HIS B 217 66.75 17.19 -1.67
N MET B 218 65.98 17.58 -2.68
CA MET B 218 65.73 16.73 -3.83
C MET B 218 67.03 16.36 -4.55
N SER B 219 67.94 17.31 -4.69
CA SER B 219 69.24 17.06 -5.31
C SER B 219 70.13 16.15 -4.49
N ASN B 220 70.14 16.35 -3.17
CA ASN B 220 70.87 15.42 -2.30
C ASN B 220 70.44 13.97 -2.57
N LYS B 221 69.14 13.73 -2.74
CA LYS B 221 68.72 12.35 -2.97
C LYS B 221 69.24 11.84 -4.32
N GLY B 222 69.08 12.61 -5.40
CA GLY B 222 69.67 12.22 -6.67
C GLY B 222 71.17 12.00 -6.61
N MET B 223 71.91 12.94 -6.02
CA MET B 223 73.37 12.81 -5.99
C MET B 223 73.80 11.56 -5.22
N GLU B 224 73.17 11.28 -4.09
CA GLU B 224 73.47 10.02 -3.41
C GLU B 224 73.24 8.84 -4.34
N HIS B 225 72.17 8.90 -5.14
CA HIS B 225 71.86 7.82 -6.08
C HIS B 225 72.94 7.65 -7.13
N LEU B 226 73.36 8.76 -7.76
CA LEU B 226 74.42 8.67 -8.77
C LEU B 226 75.72 8.15 -8.18
N TYR B 227 76.18 8.73 -7.08
CA TYR B 227 77.41 8.27 -6.44
C TYR B 227 77.31 6.80 -6.04
N SER B 228 76.11 6.34 -5.66
CA SER B 228 75.95 4.94 -5.31
C SER B 228 76.25 4.06 -6.52
N MET B 229 76.15 4.63 -7.71
CA MET B 229 76.40 3.76 -8.85
C MET B 229 77.85 3.38 -8.94
N LYS B 230 78.78 4.12 -8.35
CA LYS B 230 80.21 3.80 -8.38
C LYS B 230 80.70 3.73 -9.83
N VAL B 234 79.47 9.00 -14.21
CA VAL B 234 78.03 9.29 -14.15
C VAL B 234 77.80 10.65 -13.51
N VAL B 235 78.54 10.97 -12.45
CA VAL B 235 78.57 12.35 -11.96
C VAL B 235 79.57 13.12 -12.81
N PRO B 236 79.22 14.28 -13.36
CA PRO B 236 80.16 15.00 -14.24
C PRO B 236 81.45 15.32 -13.52
N SER B 237 82.57 14.85 -14.07
CA SER B 237 83.86 15.14 -13.45
C SER B 237 84.22 16.62 -13.60
N TYR B 238 85.20 17.02 -12.78
CA TYR B 238 85.80 18.35 -12.87
C TYR B 238 86.36 18.61 -14.27
N ASP B 239 87.02 17.61 -14.86
CA ASP B 239 87.60 17.80 -16.20
C ASP B 239 86.51 17.97 -17.26
N LEU B 240 85.43 17.21 -17.17
CA LEU B 240 84.35 17.35 -18.14
C LEU B 240 83.73 18.73 -18.03
N LEU B 241 83.44 19.18 -16.81
CA LEU B 241 82.87 20.50 -16.63
C LEU B 241 83.81 21.57 -17.17
N LEU B 242 85.09 21.44 -16.83
CA LEU B 242 86.07 22.40 -17.30
C LEU B 242 86.11 22.43 -18.83
N GLU B 243 86.15 21.26 -19.47
CA GLU B 243 86.12 21.21 -20.93
C GLU B 243 84.92 21.96 -21.48
N MET B 244 83.74 21.70 -20.90
CA MET B 244 82.56 22.43 -21.35
C MET B 244 82.66 23.92 -21.15
N LEU B 245 83.37 24.37 -20.12
CA LEU B 245 83.46 25.81 -19.88
C LEU B 245 84.25 26.52 -20.97
N ASP B 246 85.07 25.78 -21.74
CA ASP B 246 85.81 26.26 -22.90
C ASP B 246 86.65 27.49 -22.57
N ALA B 247 87.67 27.23 -21.75
CA ALA B 247 88.53 28.27 -21.21
C ALA B 247 89.25 29.06 -22.31
N HIS B 248 89.47 30.35 -22.05
CA HIS B 248 90.24 31.18 -22.95
C HIS B 248 91.64 30.60 -23.14
N ARG B 249 92.26 30.90 -24.28
CA ARG B 249 93.47 30.20 -24.69
C ARG B 249 94.74 31.01 -24.45
N LEU B 250 94.65 32.15 -23.75
CA LEU B 250 95.85 32.90 -23.41
C LEU B 250 96.18 32.77 -21.92
N SER C 10 -35.31 14.90 -1.34
CA SER C 10 -35.75 16.18 -0.79
C SER C 10 -34.65 16.93 -0.07
N LEU C 11 -33.51 16.29 0.16
CA LEU C 11 -32.43 16.89 0.92
C LEU C 11 -31.72 18.00 0.13
N THR C 12 -31.27 19.01 0.85
CA THR C 12 -30.39 20.01 0.27
C THR C 12 -28.99 19.40 0.07
N ALA C 13 -28.13 20.16 -0.60
CA ALA C 13 -26.75 19.73 -0.76
C ALA C 13 -26.05 19.55 0.59
N ASP C 14 -26.14 20.57 1.45
CA ASP C 14 -25.40 20.51 2.72
C ASP C 14 -25.91 19.34 3.56
N GLN C 15 -27.21 19.09 3.52
CA GLN C 15 -27.79 17.95 4.22
C GLN C 15 -27.27 16.64 3.63
N MET C 16 -27.12 16.58 2.31
CA MET C 16 -26.52 15.41 1.66
C MET C 16 -25.13 15.14 2.19
N VAL C 17 -24.26 16.15 2.16
CA VAL C 17 -22.91 16.02 2.70
C VAL C 17 -22.93 15.57 4.15
N SER C 18 -23.84 16.14 4.96
CA SER C 18 -23.88 15.79 6.38
C SER C 18 -24.18 14.31 6.55
N ALA C 19 -25.20 13.81 5.83
CA ALA C 19 -25.57 12.42 5.97
C ALA C 19 -24.45 11.49 5.52
N LEU C 20 -23.75 11.87 4.44
CA LEU C 20 -22.64 11.04 3.97
C LEU C 20 -21.46 11.09 4.95
N LEU C 21 -21.15 12.26 5.49
CA LEU C 21 -20.12 12.32 6.52
C LEU C 21 -20.51 11.50 7.74
N ASP C 22 -21.76 11.65 8.20
CA ASP C 22 -22.19 10.89 9.37
C ASP C 22 -22.19 9.38 9.11
N ALA C 23 -22.43 8.95 7.88
CA ALA C 23 -22.48 7.52 7.59
C ALA C 23 -21.09 6.90 7.41
N GLU C 24 -20.02 7.70 7.49
CA GLU C 24 -18.72 7.17 7.13
C GLU C 24 -18.34 6.01 8.05
N PRO C 25 -17.88 4.89 7.50
CA PRO C 25 -17.42 3.80 8.36
C PRO C 25 -16.09 4.15 9.02
N PRO C 26 -15.76 3.46 10.09
CA PRO C 26 -14.48 3.70 10.76
C PRO C 26 -13.29 3.11 10.01
N ILE C 27 -12.11 3.58 10.39
CA ILE C 27 -10.86 2.98 9.92
C ILE C 27 -10.59 1.75 10.79
N LEU C 28 -10.56 0.58 10.16
CA LEU C 28 -10.31 -0.62 10.94
C LEU C 28 -8.81 -0.93 11.00
N TYR C 29 -8.42 -1.69 12.03
CA TYR C 29 -7.05 -2.14 12.22
C TYR C 29 -6.88 -3.59 11.82
N SER C 30 -5.67 -3.94 11.41
CA SER C 30 -5.35 -5.35 11.21
C SER C 30 -5.19 -5.97 12.59
N GLU C 31 -5.44 -7.26 12.69
CA GLU C 31 -5.35 -7.90 14.00
C GLU C 31 -3.99 -7.62 14.61
N TYR C 32 -3.98 -7.30 15.90
CA TYR C 32 -2.78 -7.35 16.73
C TYR C 32 -2.66 -8.69 17.43
N ASP C 33 -2.80 -9.81 16.74
CA ASP C 33 -2.61 -11.08 17.43
C ASP C 33 -1.14 -11.46 17.50
N PRO C 34 -0.54 -11.58 18.69
CA PRO C 34 0.86 -12.02 18.76
C PRO C 34 1.09 -13.44 18.25
N THR C 35 0.06 -14.32 18.24
CA THR C 35 0.31 -15.67 17.72
C THR C 35 0.39 -15.68 16.21
N ARG C 36 0.07 -14.55 15.56
CA ARG C 36 0.05 -14.46 14.10
C ARG C 36 0.71 -13.14 13.68
N PRO C 37 2.02 -13.03 13.93
CA PRO C 37 2.75 -11.83 13.48
C PRO C 37 2.81 -11.73 11.97
N PHE C 38 3.09 -10.53 11.48
CA PHE C 38 3.05 -10.28 10.04
C PHE C 38 4.22 -10.95 9.32
N SER C 39 3.96 -11.42 8.12
CA SER C 39 4.94 -12.05 7.25
C SER C 39 4.28 -12.22 5.89
N GLU C 40 5.11 -12.42 4.85
CA GLU C 40 4.55 -12.61 3.51
C GLU C 40 3.62 -13.82 3.46
N ALA C 41 3.88 -14.84 4.27
CA ALA C 41 2.98 -16.00 4.31
C ALA C 41 1.62 -15.62 4.87
N SER C 42 1.58 -14.79 5.93
CA SER C 42 0.32 -14.47 6.59
C SER C 42 -0.42 -13.28 5.99
N MET C 43 0.17 -12.61 4.99
CA MET C 43 -0.35 -11.34 4.50
C MET C 43 -1.76 -11.47 3.94
N MET C 44 -1.94 -12.37 2.97
CA MET C 44 -3.22 -12.46 2.30
C MET C 44 -4.32 -12.87 3.29
N GLY C 45 -3.95 -13.65 4.31
CA GLY C 45 -4.91 -13.91 5.37
C GLY C 45 -5.28 -12.67 6.14
N LEU C 46 -4.27 -11.85 6.49
CA LEU C 46 -4.53 -10.62 7.25
C LEU C 46 -5.40 -9.66 6.45
N LEU C 47 -5.12 -9.55 5.15
CA LEU C 47 -5.89 -8.64 4.30
C LEU C 47 -7.31 -9.14 4.07
N THR C 48 -7.47 -10.45 3.81
CA THR C 48 -8.82 -11.02 3.73
C THR C 48 -9.62 -10.74 5.00
N ASN C 49 -9.03 -10.98 6.17
CA ASN C 49 -9.75 -10.77 7.42
C ASN C 49 -10.18 -9.32 7.55
N LEU C 50 -9.28 -8.40 7.21
CA LEU C 50 -9.58 -6.97 7.27
C LEU C 50 -10.74 -6.61 6.36
N ALA C 51 -10.66 -7.05 5.11
CA ALA C 51 -11.73 -6.76 4.15
C ALA C 51 -13.06 -7.34 4.62
N ASP C 52 -13.06 -8.56 5.16
CA ASP C 52 -14.33 -9.14 5.58
C ASP C 52 -14.94 -8.30 6.70
N ARG C 53 -14.12 -7.85 7.65
CA ARG C 53 -14.63 -6.94 8.66
C ARG C 53 -15.06 -5.61 8.05
N GLU C 54 -14.36 -5.12 7.03
CA GLU C 54 -14.78 -3.85 6.41
C GLU C 54 -16.13 -4.02 5.73
N LEU C 55 -16.36 -5.19 5.13
CA LEU C 55 -17.60 -5.40 4.40
C LEU C 55 -18.79 -5.20 5.31
N VAL C 56 -18.68 -5.66 6.55
CA VAL C 56 -19.79 -5.52 7.48
C VAL C 56 -20.14 -4.05 7.66
N HIS C 57 -19.13 -3.22 7.89
CA HIS C 57 -19.43 -1.79 8.03
C HIS C 57 -19.93 -1.19 6.73
N MET C 58 -19.50 -1.73 5.58
CA MET C 58 -19.91 -1.14 4.31
C MET C 58 -21.40 -1.35 4.07
N ILE C 59 -21.92 -2.55 4.42
CA ILE C 59 -23.36 -2.82 4.37
C ILE C 59 -24.11 -1.75 5.13
N ASN C 60 -23.72 -1.52 6.36
CA ASN C 60 -24.49 -0.60 7.19
C ASN C 60 -24.29 0.85 6.73
N TRP C 61 -23.11 1.17 6.16
CA TRP C 61 -22.92 2.45 5.47
C TRP C 61 -23.89 2.62 4.30
N ALA C 62 -24.00 1.61 3.44
CA ALA C 62 -24.82 1.75 2.23
C ALA C 62 -26.28 2.04 2.57
N LYS C 63 -26.79 1.41 3.64
CA LYS C 63 -28.16 1.67 4.08
C LYS C 63 -28.35 3.10 4.54
N ARG C 64 -27.26 3.82 4.81
CA ARG C 64 -27.35 5.22 5.20
C ARG C 64 -27.04 6.17 4.06
N VAL C 65 -26.84 5.67 2.84
CA VAL C 65 -26.72 6.52 1.66
C VAL C 65 -28.12 6.93 1.19
N PRO C 66 -28.45 8.23 1.18
CA PRO C 66 -29.86 8.63 0.95
C PRO C 66 -30.37 8.06 -0.36
N GLY C 67 -31.58 7.52 -0.33
CA GLY C 67 -32.11 6.89 -1.51
C GLY C 67 -31.84 5.40 -1.62
N PHE C 68 -30.81 4.89 -0.94
CA PHE C 68 -30.40 3.50 -1.17
C PHE C 68 -31.42 2.51 -0.61
N VAL C 69 -31.88 2.71 0.62
CA VAL C 69 -32.87 1.77 1.17
C VAL C 69 -34.27 1.98 0.62
N ASP C 70 -34.45 2.98 -0.24
CA ASP C 70 -35.68 3.06 -1.02
C ASP C 70 -35.79 1.94 -2.03
N LEU C 71 -34.66 1.34 -2.44
CA LEU C 71 -34.61 0.30 -3.44
C LEU C 71 -35.12 -1.02 -2.83
N THR C 72 -35.42 -1.98 -3.70
CA THR C 72 -35.74 -3.32 -3.21
C THR C 72 -34.50 -3.92 -2.54
N LEU C 73 -34.73 -4.84 -1.60
CA LEU C 73 -33.62 -5.64 -1.10
C LEU C 73 -32.85 -6.25 -2.25
N HIS C 74 -33.58 -6.84 -3.20
CA HIS C 74 -32.94 -7.49 -4.33
C HIS C 74 -31.97 -6.55 -5.05
N ASP C 75 -32.43 -5.32 -5.35
CA ASP C 75 -31.57 -4.40 -6.09
C ASP C 75 -30.44 -3.87 -5.21
N GLN C 76 -30.73 -3.57 -3.94
CA GLN C 76 -29.66 -3.22 -3.00
C GLN C 76 -28.55 -4.26 -3.05
N VAL C 77 -28.90 -5.54 -3.01
CA VAL C 77 -27.91 -6.60 -3.07
C VAL C 77 -27.14 -6.52 -4.38
N HIS C 78 -27.85 -6.35 -5.48
CA HIS C 78 -27.18 -6.30 -6.76
C HIS C 78 -26.20 -5.13 -6.85
N LEU C 79 -26.58 -3.96 -6.33
CA LEU C 79 -25.66 -2.82 -6.32
C LEU C 79 -24.43 -3.11 -5.46
N LEU C 80 -24.64 -3.71 -4.27
CA LEU C 80 -23.48 -4.04 -3.44
C LEU C 80 -22.59 -5.10 -4.07
N GLU C 81 -23.19 -6.06 -4.77
CA GLU C 81 -22.38 -7.12 -5.37
C GLU C 81 -21.51 -6.55 -6.48
N SER C 82 -22.00 -5.51 -7.18
N SER C 82 -22.01 -5.53 -7.20
CA SER C 82 -21.22 -4.92 -8.26
CA SER C 82 -21.23 -4.90 -8.25
C SER C 82 -20.23 -3.88 -7.76
C SER C 82 -20.16 -3.97 -7.70
N ALA C 83 -20.41 -3.32 -6.57
CA ALA C 83 -19.60 -2.19 -6.15
C ALA C 83 -18.65 -2.46 -4.98
N TRP C 84 -18.78 -3.60 -4.27
CA TRP C 84 -18.10 -3.74 -2.98
C TRP C 84 -16.58 -3.65 -3.13
N LEU C 85 -16.02 -4.19 -4.22
CA LEU C 85 -14.57 -4.14 -4.35
C LEU C 85 -14.10 -2.72 -4.69
N GLU C 86 -14.78 -2.05 -5.64
CA GLU C 86 -14.49 -0.66 -5.93
C GLU C 86 -14.53 0.19 -4.67
N ILE C 87 -15.50 -0.07 -3.78
CA ILE C 87 -15.65 0.75 -2.58
C ILE C 87 -14.52 0.46 -1.60
N LEU C 88 -14.16 -0.81 -1.40
CA LEU C 88 -12.97 -1.11 -0.59
C LEU C 88 -11.73 -0.42 -1.16
N MET C 89 -11.59 -0.48 -2.47
CA MET C 89 -10.43 0.04 -3.19
C MET C 89 -10.33 1.56 -3.02
N ILE C 90 -11.45 2.27 -3.23
CA ILE C 90 -11.38 3.73 -3.12
C ILE C 90 -11.11 4.13 -1.68
N GLY C 91 -11.62 3.36 -0.72
CA GLY C 91 -11.30 3.66 0.67
C GLY C 91 -9.83 3.45 0.94
N LEU C 92 -9.28 2.37 0.40
CA LEU C 92 -7.85 2.14 0.51
C LEU C 92 -7.08 3.34 -0.06
N VAL C 93 -7.48 3.81 -1.25
CA VAL C 93 -6.75 4.89 -1.91
C VAL C 93 -6.84 6.16 -1.06
N TRP C 94 -8.00 6.41 -0.47
CA TRP C 94 -8.20 7.58 0.38
C TRP C 94 -7.29 7.51 1.60
N ARG C 95 -7.31 6.38 2.31
CA ARG C 95 -6.44 6.20 3.48
C ARG C 95 -4.96 6.36 3.13
N SER C 96 -4.58 6.06 1.88
CA SER C 96 -3.18 6.06 1.47
C SER C 96 -2.73 7.38 0.86
N MET C 97 -3.66 8.34 0.73
CA MET C 97 -3.40 9.56 -0.05
C MET C 97 -2.18 10.30 0.48
N GLU C 98 -2.06 10.42 1.79
CA GLU C 98 -0.99 11.19 2.39
C GLU C 98 0.26 10.36 2.67
N HIS C 99 0.42 9.21 2.01
CA HIS C 99 1.55 8.31 2.26
C HIS C 99 2.11 7.88 0.91
N PRO C 100 2.88 8.75 0.24
CA PRO C 100 3.33 8.43 -1.12
C PRO C 100 4.11 7.12 -1.15
N GLY C 101 3.90 6.36 -2.22
CA GLY C 101 4.55 5.08 -2.40
C GLY C 101 4.06 3.95 -1.52
N LYS C 102 3.06 4.16 -0.67
CA LYS C 102 2.63 3.11 0.24
C LYS C 102 1.12 2.93 0.17
N LEU C 103 0.64 1.77 0.59
CA LEU C 103 -0.79 1.53 0.70
C LEU C 103 -1.09 1.30 2.17
N LEU C 104 -2.00 2.11 2.70
CA LEU C 104 -2.33 2.08 4.13
C LEU C 104 -3.60 1.22 4.26
N PHE C 105 -3.40 -0.09 4.21
CA PHE C 105 -4.53 -0.99 4.38
C PHE C 105 -5.18 -0.78 5.74
N ALA C 106 -4.36 -0.65 6.78
CA ALA C 106 -4.80 -0.22 8.10
C ALA C 106 -3.66 0.55 8.72
N PRO C 107 -3.91 1.29 9.81
CA PRO C 107 -2.81 2.06 10.43
C PRO C 107 -1.63 1.20 10.82
N ASN C 108 -1.87 -0.07 11.15
CA ASN C 108 -0.82 -1.01 11.49
C ASN C 108 -0.53 -1.96 10.35
N LEU C 109 -0.95 -1.60 9.13
CA LEU C 109 -0.73 -2.46 7.98
C LEU C 109 -0.47 -1.56 6.78
N LEU C 110 0.73 -0.98 6.77
CA LEU C 110 1.18 -0.06 5.75
C LEU C 110 2.23 -0.74 4.88
N LEU C 111 1.95 -0.90 3.59
CA LEU C 111 2.81 -1.73 2.78
C LEU C 111 3.35 -0.93 1.60
N ASP C 112 4.48 -1.41 1.09
CA ASP C 112 5.06 -0.85 -0.12
C ASP C 112 5.00 -1.90 -1.22
N ARG C 113 5.32 -1.49 -2.43
CA ARG C 113 5.14 -2.39 -3.57
C ARG C 113 6.16 -3.52 -3.57
N ASN C 114 7.27 -3.36 -2.85
CA ASN C 114 8.23 -4.45 -2.79
C ASN C 114 7.70 -5.56 -1.91
N GLN C 115 6.94 -5.20 -0.87
CA GLN C 115 6.12 -6.17 -0.17
C GLN C 115 5.02 -6.70 -1.08
N GLY C 116 4.70 -5.94 -2.12
CA GLY C 116 3.74 -6.41 -3.11
C GLY C 116 4.24 -7.61 -3.90
N LYS C 117 5.54 -7.61 -4.24
CA LYS C 117 6.12 -8.64 -5.10
C LYS C 117 6.19 -9.99 -4.41
N SER C 118 5.09 -10.43 -3.81
CA SER C 118 4.97 -11.74 -3.18
C SER C 118 4.02 -12.66 -3.93
N VAL C 119 2.82 -12.20 -4.24
CA VAL C 119 1.84 -12.98 -4.97
C VAL C 119 1.94 -12.63 -6.45
N GLU C 120 1.35 -13.48 -7.29
CA GLU C 120 1.37 -13.28 -8.74
C GLU C 120 0.18 -12.42 -9.14
N GLY C 121 0.45 -11.36 -9.89
CA GLY C 121 -0.54 -10.37 -10.27
C GLY C 121 -0.78 -9.28 -9.26
N MET C 122 -0.11 -9.33 -8.10
CA MET C 122 -0.42 -8.40 -7.02
C MET C 122 0.26 -7.04 -7.24
N VAL C 123 1.51 -7.03 -7.71
CA VAL C 123 2.22 -5.77 -7.87
C VAL C 123 1.56 -4.89 -8.94
N GLU C 124 1.10 -5.49 -10.05
CA GLU C 124 0.37 -4.73 -11.06
C GLU C 124 -0.78 -3.93 -10.44
N ILE C 125 -1.66 -4.59 -9.67
CA ILE C 125 -2.78 -3.92 -9.02
C ILE C 125 -2.29 -2.91 -8.01
N PHE C 126 -1.24 -3.28 -7.27
CA PHE C 126 -0.65 -2.38 -6.28
C PHE C 126 -0.26 -1.04 -6.90
N ASP C 127 0.37 -1.08 -8.07
CA ASP C 127 0.79 0.16 -8.72
C ASP C 127 -0.42 0.96 -9.19
N MET C 128 -1.45 0.27 -9.68
CA MET C 128 -2.66 0.96 -10.11
C MET C 128 -3.26 1.72 -8.93
N LEU C 129 -3.25 1.10 -7.75
CA LEU C 129 -3.73 1.73 -6.54
C LEU C 129 -2.85 2.93 -6.16
N LEU C 130 -1.54 2.77 -6.26
CA LEU C 130 -0.61 3.86 -5.97
C LEU C 130 -0.83 5.05 -6.91
N ALA C 131 -1.00 4.76 -8.20
CA ALA C 131 -1.29 5.79 -9.18
C ALA C 131 -2.55 6.57 -8.80
N THR C 132 -3.60 5.85 -8.36
CA THR C 132 -4.84 6.51 -7.97
C THR C 132 -4.62 7.40 -6.77
N SER C 133 -3.87 6.90 -5.78
CA SER C 133 -3.49 7.71 -4.62
C SER C 133 -2.72 8.96 -5.05
N SER C 134 -1.75 8.80 -5.96
CA SER C 134 -1.05 9.94 -6.55
C SER C 134 -2.03 10.94 -7.18
N ARG C 135 -2.98 10.44 -7.99
CA ARG C 135 -3.95 11.33 -8.63
C ARG C 135 -4.80 12.08 -7.60
N PHE C 136 -5.26 11.41 -6.54
CA PHE C 136 -5.96 12.08 -5.44
C PHE C 136 -5.12 13.21 -4.88
N ARG C 137 -3.83 12.95 -4.66
CA ARG C 137 -2.92 13.96 -4.16
C ARG C 137 -2.85 15.17 -5.09
N MET C 138 -2.53 14.94 -6.36
CA MET C 138 -2.38 16.04 -7.29
C MET C 138 -3.64 16.92 -7.33
N MET C 139 -4.82 16.30 -7.24
CA MET C 139 -6.06 17.06 -7.25
C MET C 139 -6.44 17.64 -5.91
N ASN C 140 -5.66 17.36 -4.85
CA ASN C 140 -6.00 17.73 -3.48
C ASN C 140 -7.45 17.39 -3.15
N LEU C 141 -7.83 16.13 -3.43
CA LEU C 141 -9.18 15.61 -3.12
C LEU C 141 -9.59 15.92 -1.70
N GLN C 142 -10.77 16.47 -1.53
CA GLN C 142 -11.25 16.80 -0.19
C GLN C 142 -12.18 15.71 0.33
N GLY C 143 -12.30 15.64 1.66
CA GLY C 143 -13.09 14.56 2.26
C GLY C 143 -14.55 14.58 1.84
N GLU C 144 -15.15 15.77 1.80
CA GLU C 144 -16.54 15.85 1.38
C GLU C 144 -16.71 15.41 -0.06
N GLU C 145 -15.68 15.60 -0.89
CA GLU C 145 -15.74 15.10 -2.26
C GLU C 145 -15.61 13.58 -2.30
N PHE C 146 -14.71 13.04 -1.48
CA PHE C 146 -14.52 11.60 -1.43
C PHE C 146 -15.83 10.88 -1.14
N VAL C 147 -16.52 11.27 -0.06
CA VAL C 147 -17.76 10.57 0.29
C VAL C 147 -18.78 10.64 -0.85
N CYS C 148 -18.81 11.76 -1.59
CA CYS C 148 -19.70 11.82 -2.75
C CYS C 148 -19.30 10.78 -3.78
N LEU C 149 -18.00 10.70 -4.08
CA LEU C 149 -17.51 9.74 -5.07
C LEU C 149 -17.85 8.31 -4.68
N LYS C 150 -17.64 7.97 -3.41
CA LYS C 150 -17.92 6.62 -2.95
C LYS C 150 -19.40 6.28 -3.09
N SER C 151 -20.28 7.23 -2.78
N SER C 151 -20.29 7.23 -2.78
CA SER C 151 -21.70 7.01 -2.94
CA SER C 151 -21.71 6.99 -2.95
C SER C 151 -22.07 6.88 -4.42
C SER C 151 -22.07 6.87 -4.43
N ILE C 152 -21.35 7.59 -5.30
CA ILE C 152 -21.60 7.45 -6.74
C ILE C 152 -21.30 6.03 -7.18
N ILE C 153 -20.18 5.47 -6.71
CA ILE C 153 -19.83 4.11 -7.06
C ILE C 153 -20.95 3.15 -6.66
N LEU C 154 -21.44 3.31 -5.42
CA LEU C 154 -22.51 2.46 -4.94
C LEU C 154 -23.71 2.46 -5.89
N LEU C 155 -24.20 3.64 -6.23
CA LEU C 155 -25.39 3.72 -7.06
C LEU C 155 -25.11 3.40 -8.52
N ASN C 156 -23.90 3.71 -9.02
CA ASN C 156 -23.67 3.66 -10.47
C ASN C 156 -23.18 2.32 -10.97
N SER C 157 -22.43 1.59 -10.16
CA SER C 157 -21.63 0.49 -10.70
C SER C 157 -22.50 -0.66 -11.22
N GLY C 158 -23.63 -0.94 -10.55
CA GLY C 158 -24.49 -2.01 -11.00
C GLY C 158 -25.75 -1.59 -11.74
N VAL C 159 -26.00 -0.28 -11.91
CA VAL C 159 -27.29 0.17 -12.49
C VAL C 159 -27.47 -0.30 -13.92
N TYR C 160 -26.38 -0.53 -14.65
CA TYR C 160 -26.49 -0.97 -16.04
C TYR C 160 -26.51 -2.48 -16.19
N THR C 161 -26.59 -3.21 -15.09
CA THR C 161 -26.62 -4.67 -15.10
C THR C 161 -27.80 -5.22 -14.29
N THR C 166 -40.20 -5.53 -13.88
CA THR C 166 -39.60 -4.64 -14.87
C THR C 166 -40.16 -3.22 -14.76
N LEU C 167 -41.49 -3.06 -14.75
CA LEU C 167 -42.04 -1.78 -14.31
C LEU C 167 -41.40 -1.35 -12.99
N LYS C 168 -41.24 -2.30 -12.07
CA LYS C 168 -40.53 -2.01 -10.83
C LYS C 168 -39.07 -1.64 -11.10
N SER C 169 -38.41 -2.31 -12.03
CA SER C 169 -37.00 -1.98 -12.24
C SER C 169 -36.86 -0.66 -12.98
N LEU C 170 -37.85 -0.30 -13.80
CA LEU C 170 -37.83 1.02 -14.44
C LEU C 170 -37.96 2.13 -13.41
N GLU C 171 -38.81 1.92 -12.40
CA GLU C 171 -38.92 2.87 -11.30
C GLU C 171 -37.65 2.87 -10.45
N GLU C 172 -37.03 1.70 -10.27
CA GLU C 172 -35.76 1.62 -9.56
C GLU C 172 -34.71 2.46 -10.26
N LYS C 173 -34.56 2.25 -11.57
CA LYS C 173 -33.48 2.92 -12.27
C LYS C 173 -33.74 4.40 -12.44
N ASP C 174 -35.01 4.80 -12.56
CA ASP C 174 -35.37 6.22 -12.47
C ASP C 174 -34.93 6.81 -11.14
N HIS C 175 -35.22 6.11 -10.05
CA HIS C 175 -34.85 6.61 -8.74
C HIS C 175 -33.33 6.75 -8.59
N ILE C 176 -32.59 5.73 -9.02
CA ILE C 176 -31.12 5.75 -8.89
C ILE C 176 -30.53 6.93 -9.66
N HIS C 177 -31.00 7.15 -10.88
CA HIS C 177 -30.50 8.25 -11.68
C HIS C 177 -30.82 9.59 -11.05
N ARG C 178 -31.92 9.66 -10.28
N ARG C 178 -31.92 9.65 -10.28
CA ARG C 178 -32.27 10.90 -9.60
CA ARG C 178 -32.28 10.88 -9.61
C ARG C 178 -31.40 11.11 -8.36
C ARG C 178 -31.40 11.11 -8.38
N VAL C 179 -31.08 10.05 -7.62
CA VAL C 179 -30.13 10.20 -6.53
C VAL C 179 -28.76 10.58 -7.05
N LEU C 180 -28.34 10.00 -8.19
CA LEU C 180 -27.05 10.36 -8.77
C LEU C 180 -27.03 11.84 -9.16
N ASP C 181 -28.12 12.34 -9.78
CA ASP C 181 -28.19 13.74 -10.13
C ASP C 181 -28.04 14.64 -8.90
N LYS C 182 -28.66 14.24 -7.77
CA LYS C 182 -28.47 15.09 -6.59
C LYS C 182 -27.06 15.00 -6.02
N ILE C 183 -26.39 13.85 -6.13
CA ILE C 183 -24.99 13.81 -5.71
C ILE C 183 -24.16 14.71 -6.60
N THR C 184 -24.45 14.70 -7.89
CA THR C 184 -23.77 15.63 -8.79
C THR C 184 -23.95 17.06 -8.32
N ASP C 185 -25.21 17.47 -8.11
CA ASP C 185 -25.51 18.79 -7.56
C ASP C 185 -24.68 19.04 -6.33
N THR C 186 -24.62 18.05 -5.43
CA THR C 186 -23.89 18.20 -4.18
C THR C 186 -22.41 18.42 -4.45
N LEU C 187 -21.86 17.68 -5.42
CA LEU C 187 -20.45 17.90 -5.77
C LEU C 187 -20.22 19.33 -6.21
N ILE C 188 -21.00 19.78 -7.21
CA ILE C 188 -20.87 21.13 -7.74
C ILE C 188 -21.02 22.16 -6.63
N HIS C 189 -21.97 21.96 -5.72
CA HIS C 189 -22.17 22.89 -4.61
C HIS C 189 -20.95 22.94 -3.70
N LEU C 190 -20.37 21.78 -3.40
CA LEU C 190 -19.13 21.77 -2.64
C LEU C 190 -18.08 22.65 -3.29
N MET C 191 -17.94 22.55 -4.61
CA MET C 191 -16.88 23.29 -5.23
C MET C 191 -17.24 24.76 -5.32
N ALA C 192 -18.54 25.07 -5.42
CA ALA C 192 -18.97 26.45 -5.48
C ALA C 192 -18.86 27.12 -4.11
N LYS C 193 -19.19 26.38 -3.06
CA LYS C 193 -19.03 26.93 -1.72
C LYS C 193 -17.58 27.26 -1.43
N ALA C 194 -16.66 26.43 -1.92
CA ALA C 194 -15.23 26.71 -1.74
C ALA C 194 -14.79 27.97 -2.47
N GLY C 195 -15.29 28.19 -3.70
CA GLY C 195 -14.94 29.39 -4.43
C GLY C 195 -14.44 29.14 -5.83
N LEU C 196 -14.54 27.91 -6.32
CA LEU C 196 -14.08 27.63 -7.66
C LEU C 196 -14.96 28.34 -8.68
N THR C 197 -14.38 28.70 -9.81
CA THR C 197 -15.16 29.29 -10.90
C THR C 197 -16.04 28.22 -11.54
N LEU C 198 -17.03 28.67 -12.33
CA LEU C 198 -17.85 27.72 -13.08
C LEU C 198 -16.96 26.81 -13.92
N GLN C 199 -16.00 27.38 -14.67
CA GLN C 199 -15.16 26.52 -15.52
C GLN C 199 -14.39 25.51 -14.69
N GLN C 200 -13.86 25.94 -13.53
CA GLN C 200 -13.13 25.03 -12.66
C GLN C 200 -14.03 23.97 -12.05
N GLN C 201 -15.30 24.31 -11.83
CA GLN C 201 -16.29 23.35 -11.32
C GLN C 201 -16.52 22.22 -12.32
N HIS C 202 -16.87 22.55 -13.57
CA HIS C 202 -17.12 21.52 -14.57
C HIS C 202 -15.85 20.69 -14.84
N GLN C 203 -14.67 21.33 -14.84
CA GLN C 203 -13.42 20.60 -15.09
C GLN C 203 -13.12 19.63 -13.95
N ARG C 204 -13.28 20.08 -12.69
CA ARG C 204 -13.00 19.22 -11.55
C ARG C 204 -14.01 18.08 -11.45
N LEU C 205 -15.30 18.36 -11.63
CA LEU C 205 -16.31 17.31 -11.75
C LEU C 205 -15.93 16.24 -12.76
N ALA C 206 -15.45 16.66 -13.93
CA ALA C 206 -15.08 15.66 -14.93
C ALA C 206 -13.85 14.87 -14.48
N GLN C 207 -12.87 15.57 -13.88
CA GLN C 207 -11.66 14.92 -13.38
C GLN C 207 -12.00 13.87 -12.33
N LEU C 208 -12.92 14.18 -11.44
CA LEU C 208 -13.31 13.22 -10.42
C LEU C 208 -14.03 12.01 -11.03
N LEU C 209 -14.98 12.26 -11.93
CA LEU C 209 -15.78 11.15 -12.43
C LEU C 209 -14.95 10.23 -13.31
N LEU C 210 -14.02 10.79 -14.08
CA LEU C 210 -13.12 9.96 -14.87
C LEU C 210 -12.31 9.01 -14.00
N ILE C 211 -11.93 9.43 -12.79
CA ILE C 211 -11.20 8.52 -11.90
C ILE C 211 -12.00 7.25 -11.67
N LEU C 212 -13.33 7.36 -11.59
CA LEU C 212 -14.17 6.19 -11.34
C LEU C 212 -14.03 5.14 -12.44
N SER C 213 -13.67 5.54 -13.66
CA SER C 213 -13.40 4.53 -14.69
C SER C 213 -12.17 3.70 -14.33
N HIS C 214 -11.13 4.35 -13.83
CA HIS C 214 -9.95 3.62 -13.38
C HIS C 214 -10.27 2.73 -12.19
N ILE C 215 -11.13 3.20 -11.28
CA ILE C 215 -11.47 2.35 -10.14
C ILE C 215 -12.22 1.11 -10.61
N ARG C 216 -13.11 1.23 -11.59
CA ARG C 216 -13.73 0.03 -12.15
C ARG C 216 -12.68 -0.89 -12.75
N HIS C 217 -11.76 -0.32 -13.54
CA HIS C 217 -10.68 -1.11 -14.14
C HIS C 217 -9.93 -1.89 -13.05
N MET C 218 -9.56 -1.21 -11.98
CA MET C 218 -8.84 -1.88 -10.91
C MET C 218 -9.69 -2.98 -10.28
N SER C 219 -10.98 -2.70 -10.08
CA SER C 219 -11.87 -3.72 -9.51
CA SER C 219 -11.85 -3.72 -9.50
C SER C 219 -11.90 -4.98 -10.35
N ASN C 220 -11.90 -4.84 -11.68
CA ASN C 220 -11.94 -6.04 -12.52
C ASN C 220 -10.63 -6.82 -12.46
N LYS C 221 -9.48 -6.13 -12.46
CA LYS C 221 -8.20 -6.80 -12.22
C LYS C 221 -8.18 -7.49 -10.86
N GLY C 222 -8.70 -6.84 -9.82
CA GLY C 222 -8.69 -7.43 -8.50
C GLY C 222 -9.61 -8.64 -8.43
N MET C 223 -10.69 -8.60 -9.20
CA MET C 223 -11.61 -9.72 -9.18
C MET C 223 -10.93 -10.91 -9.84
N GLU C 224 -10.06 -10.65 -10.84
CA GLU C 224 -9.30 -11.73 -11.45
C GLU C 224 -8.24 -12.26 -10.49
N HIS C 225 -7.57 -11.35 -9.77
CA HIS C 225 -6.61 -11.75 -8.75
C HIS C 225 -7.25 -12.61 -7.68
N LEU C 226 -8.47 -12.26 -7.25
CA LEU C 226 -9.07 -12.96 -6.12
C LEU C 226 -9.55 -14.36 -6.53
N TYR C 227 -10.24 -14.47 -7.67
CA TYR C 227 -10.65 -15.77 -8.20
C TYR C 227 -9.45 -16.65 -8.51
N SER C 228 -8.28 -16.06 -8.75
CA SER C 228 -7.07 -16.81 -9.06
C SER C 228 -6.50 -17.54 -7.84
N MET C 229 -7.12 -17.44 -6.67
CA MET C 229 -6.47 -17.92 -5.49
C MET C 229 -7.21 -19.02 -4.76
N LYS C 230 -8.49 -19.28 -5.11
CA LYS C 230 -9.43 -20.18 -4.45
C LYS C 230 -10.11 -19.49 -3.25
N VAL C 235 -14.61 -14.42 -2.53
CA VAL C 235 -15.63 -13.56 -3.12
C VAL C 235 -17.01 -13.74 -2.44
N PRO C 236 -17.65 -12.65 -2.02
CA PRO C 236 -18.95 -12.80 -1.35
C PRO C 236 -20.08 -13.06 -2.35
N SER C 237 -20.83 -14.13 -2.11
CA SER C 237 -21.87 -14.55 -3.04
C SER C 237 -23.13 -13.69 -2.88
N TYR C 238 -23.95 -13.68 -3.93
CA TYR C 238 -25.22 -12.94 -3.87
C TYR C 238 -26.03 -13.32 -2.63
N ASP C 239 -26.18 -14.62 -2.35
CA ASP C 239 -26.99 -14.96 -1.18
C ASP C 239 -26.33 -14.51 0.12
N LEU C 240 -25.00 -14.39 0.15
CA LEU C 240 -24.38 -13.96 1.39
C LEU C 240 -24.59 -12.47 1.63
N LEU C 241 -24.49 -11.67 0.57
CA LEU C 241 -24.77 -10.25 0.73
C LEU C 241 -26.22 -10.00 1.10
N LEU C 242 -27.14 -10.80 0.53
CA LEU C 242 -28.54 -10.59 0.87
C LEU C 242 -28.77 -10.87 2.33
N GLU C 243 -28.11 -11.90 2.86
CA GLU C 243 -28.23 -12.19 4.28
C GLU C 243 -27.78 -11.02 5.13
N MET C 244 -26.72 -10.34 4.69
CA MET C 244 -26.16 -9.25 5.47
C MET C 244 -27.08 -8.02 5.44
N LEU C 245 -27.64 -7.72 4.27
CA LEU C 245 -28.53 -6.57 4.12
C LEU C 245 -29.94 -6.82 4.59
N ASP C 246 -30.37 -8.08 4.67
CA ASP C 246 -31.75 -8.39 5.02
C ASP C 246 -31.84 -8.52 6.53
N ALA C 247 -31.82 -7.38 7.19
CA ALA C 247 -31.84 -7.37 8.64
C ALA C 247 -33.28 -7.34 9.12
N HIS C 248 -33.48 -7.88 10.32
CA HIS C 248 -34.79 -7.78 10.95
C HIS C 248 -34.85 -6.45 11.70
N ARG C 249 -35.98 -6.16 12.33
CA ARG C 249 -36.15 -4.78 12.75
C ARG C 249 -37.04 -4.62 13.97
N LEU D 7 -0.59 24.08 -29.70
CA LEU D 7 -1.41 24.83 -30.64
C LEU D 7 -2.84 24.30 -30.63
N ALA D 8 -2.97 23.00 -30.40
CA ALA D 8 -4.28 22.38 -30.25
C ALA D 8 -5.00 22.91 -29.01
N LEU D 9 -4.27 23.30 -27.98
CA LEU D 9 -4.86 23.87 -26.78
C LEU D 9 -5.42 25.27 -27.00
N SER D 10 -5.29 25.84 -28.19
CA SER D 10 -5.82 27.17 -28.48
C SER D 10 -7.09 27.13 -29.31
N LEU D 11 -7.56 25.94 -29.69
CA LEU D 11 -8.81 25.84 -30.43
C LEU D 11 -9.98 26.31 -29.58
N THR D 12 -10.94 26.98 -30.21
CA THR D 12 -12.17 27.25 -29.50
C THR D 12 -12.97 25.96 -29.34
N ALA D 13 -14.02 26.04 -28.51
CA ALA D 13 -14.88 24.88 -28.35
C ALA D 13 -15.56 24.54 -29.67
N ASP D 14 -16.04 25.55 -30.39
CA ASP D 14 -16.69 25.30 -31.67
C ASP D 14 -15.71 24.68 -32.65
N GLN D 15 -14.43 25.06 -32.57
CA GLN D 15 -13.43 24.48 -33.47
C GLN D 15 -13.13 23.04 -33.08
N MET D 16 -13.14 22.74 -31.77
CA MET D 16 -12.93 21.39 -31.27
C MET D 16 -13.99 20.43 -31.82
N VAL D 17 -15.25 20.84 -31.74
CA VAL D 17 -16.36 20.03 -32.25
C VAL D 17 -16.16 19.77 -33.74
N SER D 18 -15.92 20.82 -34.52
CA SER D 18 -15.81 20.65 -35.96
C SER D 18 -14.63 19.74 -36.32
N ALA D 19 -13.50 19.89 -35.64
CA ALA D 19 -12.37 19.00 -35.87
C ALA D 19 -12.74 17.54 -35.60
N LEU D 20 -13.44 17.30 -34.49
CA LEU D 20 -13.79 15.92 -34.13
C LEU D 20 -14.85 15.35 -35.07
N LEU D 21 -15.83 16.17 -35.49
CA LEU D 21 -16.82 15.70 -36.44
C LEU D 21 -16.18 15.31 -37.77
N ASP D 22 -15.26 16.14 -38.28
CA ASP D 22 -14.59 15.90 -39.55
C ASP D 22 -13.70 14.66 -39.52
N ALA D 23 -13.17 14.31 -38.34
CA ALA D 23 -12.30 13.17 -38.13
C ALA D 23 -13.02 11.83 -38.08
N GLU D 24 -14.36 11.82 -38.10
CA GLU D 24 -15.11 10.61 -37.80
C GLU D 24 -14.80 9.49 -38.79
N PRO D 25 -14.60 8.27 -38.30
CA PRO D 25 -14.24 7.18 -39.16
C PRO D 25 -15.44 6.75 -39.98
N PRO D 26 -15.21 5.99 -41.04
CA PRO D 26 -16.35 5.48 -41.82
C PRO D 26 -16.99 4.29 -41.11
N ILE D 27 -18.19 3.96 -41.57
CA ILE D 27 -18.87 2.76 -41.12
C ILE D 27 -18.48 1.62 -42.07
N LEU D 28 -17.91 0.56 -41.52
CA LEU D 28 -17.48 -0.57 -42.35
C LEU D 28 -18.58 -1.62 -42.46
N TYR D 29 -18.47 -2.46 -43.49
CA TYR D 29 -19.35 -3.60 -43.67
C TYR D 29 -18.69 -4.90 -43.23
N SER D 30 -19.53 -5.85 -42.83
CA SER D 30 -19.08 -7.20 -42.59
C SER D 30 -18.59 -7.85 -43.88
N GLU D 31 -17.60 -8.73 -43.72
CA GLU D 31 -17.05 -9.50 -44.83
C GLU D 31 -17.71 -10.88 -44.78
N SER D 42 -19.96 -19.11 -37.65
CA SER D 42 -19.23 -18.19 -38.52
C SER D 42 -19.25 -16.77 -37.95
N MET D 43 -19.98 -16.60 -36.85
CA MET D 43 -20.20 -15.26 -36.29
C MET D 43 -18.92 -14.63 -35.76
N MET D 44 -18.19 -15.35 -34.88
CA MET D 44 -17.05 -14.71 -34.22
C MET D 44 -15.93 -14.42 -35.23
N GLY D 45 -15.84 -15.20 -36.30
CA GLY D 45 -14.90 -14.86 -37.36
C GLY D 45 -15.27 -13.53 -38.01
N LEU D 46 -16.56 -13.37 -38.35
CA LEU D 46 -17.03 -12.11 -38.91
C LEU D 46 -16.74 -10.95 -37.96
N LEU D 47 -17.03 -11.14 -36.68
CA LEU D 47 -16.86 -10.05 -35.73
C LEU D 47 -15.38 -9.72 -35.56
N THR D 48 -14.52 -10.74 -35.60
CA THR D 48 -13.08 -10.50 -35.50
C THR D 48 -12.54 -9.79 -36.74
N ASN D 49 -12.93 -10.26 -37.92
CA ASN D 49 -12.53 -9.59 -39.15
C ASN D 49 -12.98 -8.13 -39.14
N LEU D 50 -14.20 -7.87 -38.69
CA LEU D 50 -14.73 -6.52 -38.65
C LEU D 50 -13.88 -5.62 -37.74
N ALA D 51 -13.69 -6.06 -36.50
CA ALA D 51 -12.87 -5.33 -35.53
C ALA D 51 -11.49 -5.01 -36.07
N ASP D 52 -10.84 -6.01 -36.68
CA ASP D 52 -9.48 -5.80 -37.18
C ASP D 52 -9.42 -4.68 -38.21
N ARG D 53 -10.39 -4.64 -39.14
CA ARG D 53 -10.39 -3.57 -40.14
C ARG D 53 -10.76 -2.22 -39.54
N GLU D 54 -11.68 -2.22 -38.56
CA GLU D 54 -12.05 -0.99 -37.88
C GLU D 54 -10.86 -0.36 -37.17
N LEU D 55 -9.93 -1.19 -36.69
CA LEU D 55 -8.84 -0.70 -35.88
C LEU D 55 -8.01 0.31 -36.65
N VAL D 56 -7.74 0.00 -37.90
CA VAL D 56 -6.99 0.89 -38.79
C VAL D 56 -7.63 2.27 -38.82
N HIS D 57 -8.95 2.31 -39.04
CA HIS D 57 -9.64 3.59 -39.16
C HIS D 57 -9.66 4.34 -37.85
N MET D 58 -9.79 3.62 -36.74
CA MET D 58 -9.59 4.18 -35.40
C MET D 58 -8.27 4.94 -35.29
N ILE D 59 -7.16 4.31 -35.70
CA ILE D 59 -5.84 4.95 -35.59
C ILE D 59 -5.81 6.27 -36.39
N ASN D 60 -6.35 6.25 -37.60
CA ASN D 60 -6.40 7.48 -38.40
C ASN D 60 -7.22 8.56 -37.69
N TRP D 61 -8.34 8.15 -37.06
CA TRP D 61 -9.16 9.06 -36.26
C TRP D 61 -8.36 9.61 -35.09
N ALA D 62 -7.68 8.72 -34.34
CA ALA D 62 -6.91 9.15 -33.18
C ALA D 62 -5.96 10.27 -33.54
N LYS D 63 -5.28 10.14 -34.68
CA LYS D 63 -4.32 11.18 -35.04
C LYS D 63 -4.96 12.53 -35.27
N ARG D 64 -6.27 12.58 -35.51
CA ARG D 64 -6.93 13.84 -35.78
C ARG D 64 -7.64 14.41 -34.56
N VAL D 65 -7.53 13.75 -33.43
CA VAL D 65 -8.07 14.26 -32.17
C VAL D 65 -7.08 15.31 -31.67
N PRO D 66 -7.51 16.58 -31.55
CA PRO D 66 -6.58 17.66 -31.20
C PRO D 66 -5.81 17.35 -29.92
N GLY D 67 -4.50 17.51 -29.99
CA GLY D 67 -3.65 17.23 -28.85
C GLY D 67 -2.99 15.86 -28.87
N PHE D 68 -3.58 14.88 -29.60
CA PHE D 68 -3.08 13.51 -29.56
C PHE D 68 -1.66 13.41 -30.14
N VAL D 69 -1.45 13.95 -31.33
CA VAL D 69 -0.14 13.80 -31.95
C VAL D 69 0.89 14.76 -31.38
N ASP D 70 0.51 15.61 -30.44
CA ASP D 70 1.51 16.32 -29.64
C ASP D 70 2.27 15.38 -28.71
N LEU D 71 1.69 14.22 -28.40
CA LEU D 71 2.34 13.24 -27.54
C LEU D 71 3.41 12.47 -28.31
N THR D 72 4.36 11.89 -27.58
CA THR D 72 5.35 11.02 -28.20
C THR D 72 4.65 9.81 -28.83
N LEU D 73 5.27 9.27 -29.89
CA LEU D 73 4.69 8.10 -30.53
C LEU D 73 4.50 6.97 -29.53
N HIS D 74 5.49 6.77 -28.67
CA HIS D 74 5.43 5.73 -27.65
C HIS D 74 4.18 5.90 -26.78
N ASP D 75 3.86 7.14 -26.43
CA ASP D 75 2.69 7.37 -25.58
C ASP D 75 1.39 7.29 -26.38
N GLN D 76 1.44 7.63 -27.68
CA GLN D 76 0.28 7.44 -28.52
C GLN D 76 -0.09 5.96 -28.59
N VAL D 77 0.91 5.10 -28.78
CA VAL D 77 0.65 3.66 -28.82
C VAL D 77 0.04 3.17 -27.52
N HIS D 78 0.58 3.60 -26.37
CA HIS D 78 0.04 3.11 -25.11
C HIS D 78 -1.42 3.51 -24.94
N LEU D 79 -1.75 4.76 -25.24
CA LEU D 79 -3.15 5.18 -25.17
C LEU D 79 -4.01 4.33 -26.09
N LEU D 80 -3.55 4.07 -27.31
CA LEU D 80 -4.32 3.25 -28.24
C LEU D 80 -4.48 1.82 -27.72
N GLU D 81 -3.41 1.26 -27.15
CA GLU D 81 -3.50 -0.07 -26.58
C GLU D 81 -4.61 -0.11 -25.54
N SER D 82 -4.64 0.89 -24.67
CA SER D 82 -5.56 0.89 -23.54
C SER D 82 -6.99 1.16 -23.97
N ALA D 83 -7.16 1.87 -25.09
CA ALA D 83 -8.46 2.45 -25.41
C ALA D 83 -9.21 1.76 -26.55
N TRP D 84 -8.51 1.01 -27.43
CA TRP D 84 -9.12 0.62 -28.69
C TRP D 84 -10.43 -0.17 -28.48
N LEU D 85 -10.46 -1.12 -27.54
CA LEU D 85 -11.69 -1.90 -27.39
C LEU D 85 -12.88 -1.03 -26.94
N GLU D 86 -12.65 -0.13 -25.97
CA GLU D 86 -13.68 0.83 -25.56
C GLU D 86 -14.18 1.67 -26.74
N ILE D 87 -13.27 2.09 -27.61
CA ILE D 87 -13.64 2.90 -28.77
C ILE D 87 -14.51 2.08 -29.70
N LEU D 88 -14.10 0.84 -29.97
CA LEU D 88 -14.91 -0.06 -30.76
C LEU D 88 -16.30 -0.19 -30.14
N MET D 89 -16.37 -0.39 -28.83
CA MET D 89 -17.69 -0.66 -28.24
C MET D 89 -18.57 0.59 -28.27
N ILE D 90 -18.03 1.77 -27.93
CA ILE D 90 -18.86 2.97 -27.93
C ILE D 90 -19.37 3.25 -29.36
N GLY D 91 -18.56 2.95 -30.38
CA GLY D 91 -19.02 3.12 -31.75
C GLY D 91 -20.18 2.18 -32.06
N LEU D 92 -20.07 0.94 -31.63
CA LEU D 92 -21.14 -0.03 -31.81
C LEU D 92 -22.43 0.44 -31.13
N VAL D 93 -22.30 0.87 -29.88
CA VAL D 93 -23.44 1.40 -29.12
C VAL D 93 -24.10 2.56 -29.86
N TRP D 94 -23.28 3.48 -30.38
CA TRP D 94 -23.77 4.63 -31.12
C TRP D 94 -24.52 4.22 -32.38
N ARG D 95 -23.92 3.34 -33.20
CA ARG D 95 -24.61 2.90 -34.41
C ARG D 95 -25.89 2.15 -34.11
N SER D 96 -26.04 1.64 -32.88
CA SER D 96 -27.11 0.74 -32.53
C SER D 96 -28.30 1.46 -31.89
N MET D 97 -28.17 2.77 -31.65
CA MET D 97 -29.15 3.50 -30.84
C MET D 97 -30.56 3.35 -31.40
N GLU D 98 -30.72 3.55 -32.71
CA GLU D 98 -32.01 3.49 -33.37
C GLU D 98 -32.42 2.06 -33.74
N HIS D 99 -31.92 1.04 -33.05
CA HIS D 99 -32.30 -0.35 -33.29
C HIS D 99 -32.47 -1.06 -31.95
N PRO D 100 -33.57 -0.79 -31.26
CA PRO D 100 -33.78 -1.39 -29.94
C PRO D 100 -33.68 -2.91 -30.00
N GLY D 101 -33.01 -3.47 -28.99
CA GLY D 101 -32.76 -4.90 -28.94
C GLY D 101 -31.77 -5.44 -29.93
N LYS D 102 -31.16 -4.59 -30.76
CA LYS D 102 -30.25 -5.05 -31.80
C LYS D 102 -28.92 -4.32 -31.69
N LEU D 103 -27.85 -5.01 -32.07
CA LEU D 103 -26.53 -4.40 -32.20
C LEU D 103 -26.21 -4.31 -33.68
N LEU D 104 -25.98 -3.09 -34.16
CA LEU D 104 -25.64 -2.85 -35.56
C LEU D 104 -24.13 -2.86 -35.68
N PHE D 105 -23.57 -4.06 -35.72
CA PHE D 105 -22.12 -4.20 -35.91
C PHE D 105 -21.70 -3.57 -37.23
N ALA D 106 -22.53 -3.75 -38.25
CA ALA D 106 -22.32 -3.19 -39.58
C ALA D 106 -23.68 -3.16 -40.27
N PRO D 107 -23.85 -2.31 -41.28
CA PRO D 107 -25.17 -2.24 -41.93
C PRO D 107 -25.67 -3.59 -42.44
N ASN D 108 -24.77 -4.53 -42.78
CA ASN D 108 -25.17 -5.88 -43.15
C ASN D 108 -24.98 -6.89 -42.02
N LEU D 109 -24.85 -6.42 -40.77
CA LEU D 109 -24.67 -7.39 -39.70
C LEU D 109 -25.36 -6.81 -38.45
N LEU D 110 -26.68 -7.05 -38.38
CA LEU D 110 -27.53 -6.62 -37.28
C LEU D 110 -27.89 -7.86 -36.48
N LEU D 111 -27.46 -7.91 -35.23
CA LEU D 111 -27.64 -9.09 -34.39
C LEU D 111 -28.43 -8.74 -33.15
N ASP D 112 -29.30 -9.66 -32.72
CA ASP D 112 -30.05 -9.53 -31.48
C ASP D 112 -29.47 -10.48 -30.44
N ARG D 113 -29.96 -10.36 -29.19
CA ARG D 113 -29.31 -11.12 -28.13
C ARG D 113 -29.50 -12.62 -28.29
N ASN D 114 -30.40 -13.07 -29.16
CA ASN D 114 -30.51 -14.51 -29.38
C ASN D 114 -29.41 -15.03 -30.27
N GLN D 115 -28.80 -14.20 -31.11
CA GLN D 115 -27.64 -14.70 -31.81
C GLN D 115 -26.53 -14.68 -30.76
N GLY D 121 -19.56 -16.34 -23.07
CA GLY D 121 -19.76 -15.13 -22.28
C GLY D 121 -20.39 -14.07 -23.16
N MET D 122 -20.72 -14.50 -24.38
CA MET D 122 -21.41 -13.71 -25.40
C MET D 122 -22.50 -12.84 -24.79
N VAL D 123 -23.57 -13.50 -24.33
CA VAL D 123 -24.85 -12.82 -24.11
C VAL D 123 -24.74 -11.77 -23.00
N GLU D 124 -23.85 -12.00 -22.02
CA GLU D 124 -23.67 -11.05 -20.92
C GLU D 124 -23.14 -9.71 -21.42
N ILE D 125 -22.04 -9.73 -22.18
CA ILE D 125 -21.53 -8.48 -22.75
C ILE D 125 -22.54 -7.89 -23.73
N PHE D 126 -23.20 -8.75 -24.50
CA PHE D 126 -24.24 -8.33 -25.44
C PHE D 126 -25.34 -7.55 -24.72
N ASP D 127 -25.82 -8.07 -23.58
CA ASP D 127 -26.85 -7.34 -22.83
C ASP D 127 -26.31 -6.05 -22.28
N MET D 128 -25.03 -6.02 -21.89
CA MET D 128 -24.44 -4.77 -21.43
C MET D 128 -24.41 -3.74 -22.55
N LEU D 129 -24.01 -4.15 -23.76
CA LEU D 129 -24.03 -3.23 -24.91
C LEU D 129 -25.44 -2.73 -25.20
N LEU D 130 -26.42 -3.63 -25.26
CA LEU D 130 -27.80 -3.20 -25.48
C LEU D 130 -28.26 -2.17 -24.44
N ALA D 131 -27.98 -2.42 -23.17
CA ALA D 131 -28.42 -1.50 -22.12
C ALA D 131 -27.76 -0.13 -22.27
N THR D 132 -26.47 -0.10 -22.64
CA THR D 132 -25.80 1.15 -22.93
C THR D 132 -26.48 1.89 -24.08
N SER D 133 -26.82 1.15 -25.12
CA SER D 133 -27.44 1.81 -26.26
C SER D 133 -28.81 2.35 -25.88
N SER D 134 -29.54 1.66 -25.00
CA SER D 134 -30.84 2.20 -24.59
C SER D 134 -30.67 3.42 -23.70
N ARG D 135 -29.62 3.45 -22.86
CA ARG D 135 -29.37 4.66 -22.08
C ARG D 135 -29.00 5.85 -22.98
N PHE D 136 -28.26 5.61 -24.07
CA PHE D 136 -28.00 6.70 -25.01
C PHE D 136 -29.29 7.18 -25.69
N ARG D 137 -30.19 6.24 -26.05
CA ARG D 137 -31.50 6.62 -26.60
C ARG D 137 -32.25 7.56 -25.65
N MET D 138 -32.35 7.13 -24.39
CA MET D 138 -33.02 7.86 -23.32
C MET D 138 -32.40 9.22 -23.01
N MET D 139 -31.11 9.42 -23.25
CA MET D 139 -30.54 10.75 -23.08
C MET D 139 -30.62 11.60 -24.33
N ASN D 140 -31.06 11.02 -25.45
CA ASN D 140 -30.99 11.67 -26.76
C ASN D 140 -29.56 12.17 -27.01
N LEU D 141 -28.60 11.26 -26.82
CA LEU D 141 -27.21 11.59 -27.05
C LEU D 141 -27.03 12.15 -28.45
N GLN D 142 -26.43 13.34 -28.53
CA GLN D 142 -26.16 14.00 -29.80
C GLN D 142 -24.83 13.52 -30.37
N GLY D 143 -24.65 13.72 -31.68
CA GLY D 143 -23.41 13.31 -32.31
C GLY D 143 -22.22 14.13 -31.85
N GLU D 144 -22.42 15.45 -31.68
CA GLU D 144 -21.37 16.30 -31.14
C GLU D 144 -20.93 15.83 -29.77
N GLU D 145 -21.87 15.32 -28.96
CA GLU D 145 -21.51 14.81 -27.63
C GLU D 145 -20.81 13.47 -27.74
N PHE D 146 -21.29 12.62 -28.64
CA PHE D 146 -20.67 11.32 -28.84
C PHE D 146 -19.19 11.46 -29.23
N VAL D 147 -18.87 12.37 -30.14
CA VAL D 147 -17.48 12.44 -30.58
C VAL D 147 -16.58 12.98 -29.48
N CYS D 148 -17.10 13.89 -28.64
CA CYS D 148 -16.35 14.28 -27.45
C CYS D 148 -16.11 13.08 -26.54
N LEU D 149 -17.13 12.25 -26.35
CA LEU D 149 -17.00 11.14 -25.40
C LEU D 149 -15.93 10.17 -25.86
N LYS D 150 -15.88 9.93 -27.17
CA LYS D 150 -14.93 8.99 -27.74
C LYS D 150 -13.51 9.52 -27.61
N SER D 151 -13.32 10.83 -27.76
CA SER D 151 -11.97 11.36 -27.56
C SER D 151 -11.59 11.38 -26.08
N ILE D 152 -12.57 11.57 -25.18
CA ILE D 152 -12.27 11.40 -23.76
C ILE D 152 -11.76 9.99 -23.48
N ILE D 153 -12.39 8.97 -24.09
CA ILE D 153 -11.95 7.58 -23.89
C ILE D 153 -10.50 7.39 -24.35
N LEU D 154 -10.15 7.96 -25.50
CA LEU D 154 -8.79 7.82 -26.02
C LEU D 154 -7.77 8.39 -25.07
N LEU D 155 -8.04 9.57 -24.52
CA LEU D 155 -7.06 10.24 -23.68
C LEU D 155 -7.06 9.74 -22.25
N ASN D 156 -8.21 9.28 -21.75
CA ASN D 156 -8.29 8.93 -20.35
C ASN D 156 -7.92 7.49 -20.05
N SER D 157 -8.05 6.58 -21.02
CA SER D 157 -8.04 5.17 -20.66
C SER D 157 -6.70 4.66 -20.16
N GLY D 158 -5.59 5.19 -20.68
CA GLY D 158 -4.28 4.74 -20.24
C GLY D 158 -3.48 5.71 -19.40
N VAL D 159 -4.05 6.85 -18.98
CA VAL D 159 -3.27 7.89 -18.32
C VAL D 159 -2.86 7.44 -16.92
N TYR D 160 -3.35 6.27 -16.46
CA TYR D 160 -2.92 5.72 -15.14
C TYR D 160 -2.15 4.42 -15.29
N THR D 166 9.02 9.28 -15.33
CA THR D 166 10.09 10.23 -15.64
C THR D 166 9.53 11.64 -15.82
N LEU D 167 10.43 12.62 -15.81
CA LEU D 167 10.06 14.00 -16.13
C LEU D 167 9.23 14.07 -17.40
N LYS D 168 9.74 13.49 -18.49
CA LYS D 168 9.02 13.51 -19.76
C LYS D 168 7.62 12.91 -19.61
N SER D 169 7.52 11.75 -18.94
CA SER D 169 6.20 11.15 -18.75
C SER D 169 5.25 12.09 -18.02
N LEU D 170 5.75 12.76 -16.98
CA LEU D 170 4.92 13.70 -16.23
C LEU D 170 4.42 14.83 -17.13
N GLU D 171 5.31 15.39 -17.94
CA GLU D 171 4.90 16.36 -18.95
C GLU D 171 3.80 15.81 -19.83
N GLU D 172 3.98 14.58 -20.32
CA GLU D 172 2.98 14.00 -21.20
C GLU D 172 1.64 13.85 -20.49
N LYS D 173 1.66 13.40 -19.23
CA LYS D 173 0.40 13.32 -18.48
C LYS D 173 -0.21 14.70 -18.28
N ASP D 174 0.62 15.70 -17.95
CA ASP D 174 0.12 17.06 -17.81
C ASP D 174 -0.63 17.49 -19.08
N HIS D 175 -0.02 17.24 -20.24
CA HIS D 175 -0.64 17.60 -21.51
C HIS D 175 -1.97 16.89 -21.69
N ILE D 176 -2.03 15.62 -21.32
CA ILE D 176 -3.25 14.84 -21.50
C ILE D 176 -4.39 15.43 -20.67
N HIS D 177 -4.10 15.82 -19.41
CA HIS D 177 -5.13 16.41 -18.57
C HIS D 177 -5.56 17.78 -19.10
N ARG D 178 -4.66 18.52 -19.75
CA ARG D 178 -5.06 19.78 -20.36
C ARG D 178 -6.01 19.55 -21.53
N VAL D 179 -5.77 18.53 -22.36
CA VAL D 179 -6.68 18.29 -23.48
C VAL D 179 -8.02 17.79 -22.97
N LEU D 180 -8.00 16.95 -21.92
CA LEU D 180 -9.24 16.45 -21.36
C LEU D 180 -10.11 17.60 -20.84
N ASP D 181 -9.49 18.53 -20.11
CA ASP D 181 -10.17 19.74 -19.66
C ASP D 181 -10.80 20.48 -20.83
N LYS D 182 -10.10 20.57 -21.94
CA LYS D 182 -10.64 21.28 -23.10
C LYS D 182 -11.86 20.55 -23.65
N ILE D 183 -11.85 19.22 -23.66
CA ILE D 183 -13.01 18.50 -24.12
C ILE D 183 -14.17 18.68 -23.13
N THR D 184 -13.88 18.73 -21.83
CA THR D 184 -14.92 19.03 -20.84
C THR D 184 -15.53 20.40 -21.09
N ASP D 185 -14.69 21.43 -21.27
CA ASP D 185 -15.20 22.75 -21.66
C ASP D 185 -16.09 22.64 -22.89
N THR D 186 -15.71 21.80 -23.85
CA THR D 186 -16.43 21.69 -25.13
C THR D 186 -17.81 21.06 -24.93
N LEU D 187 -17.87 19.98 -24.13
CA LEU D 187 -19.16 19.34 -23.81
C LEU D 187 -20.13 20.35 -23.21
N ILE D 188 -19.69 21.05 -22.16
CA ILE D 188 -20.50 22.09 -21.52
C ILE D 188 -20.96 23.13 -22.55
N HIS D 189 -20.06 23.54 -23.43
CA HIS D 189 -20.43 24.52 -24.44
C HIS D 189 -21.57 24.00 -25.29
N LEU D 190 -21.48 22.76 -25.77
CA LEU D 190 -22.56 22.18 -26.55
C LEU D 190 -23.88 22.18 -25.76
N MET D 191 -23.83 21.81 -24.49
CA MET D 191 -25.06 21.70 -23.73
C MET D 191 -25.64 23.08 -23.45
N ALA D 192 -24.77 24.09 -23.29
CA ALA D 192 -25.25 25.44 -23.08
C ALA D 192 -25.93 25.96 -24.33
N LYS D 193 -25.33 25.75 -25.50
CA LYS D 193 -26.04 26.19 -26.69
C LYS D 193 -27.24 25.32 -27.00
N ALA D 194 -27.32 24.11 -26.44
CA ALA D 194 -28.53 23.32 -26.54
C ALA D 194 -29.67 23.86 -25.68
N GLY D 195 -29.42 24.85 -24.83
CA GLY D 195 -30.45 25.43 -24.00
C GLY D 195 -30.59 24.84 -22.61
N LEU D 196 -29.68 23.96 -22.19
CA LEU D 196 -29.78 23.42 -20.84
C LEU D 196 -29.41 24.47 -19.81
N THR D 197 -30.09 24.43 -18.68
CA THR D 197 -29.63 25.22 -17.54
C THR D 197 -28.30 24.67 -17.05
N LEU D 198 -27.62 25.50 -16.25
CA LEU D 198 -26.33 25.13 -15.69
C LEU D 198 -26.44 23.85 -14.85
N GLN D 199 -27.57 23.69 -14.14
CA GLN D 199 -27.83 22.46 -13.40
C GLN D 199 -27.94 21.27 -14.35
N GLN D 200 -28.67 21.45 -15.45
CA GLN D 200 -28.84 20.36 -16.41
C GLN D 200 -27.53 20.04 -17.12
N GLN D 201 -26.70 21.07 -17.36
CA GLN D 201 -25.37 20.87 -17.92
C GLN D 201 -24.51 20.01 -17.00
N HIS D 202 -24.40 20.36 -15.73
CA HIS D 202 -23.51 19.51 -14.96
C HIS D 202 -24.13 18.14 -14.71
N GLN D 203 -25.45 18.05 -14.57
CA GLN D 203 -26.07 16.72 -14.42
C GLN D 203 -25.84 15.85 -15.66
N ARG D 204 -25.98 16.41 -16.86
CA ARG D 204 -25.78 15.60 -18.05
C ARG D 204 -24.30 15.25 -18.28
N LEU D 205 -23.38 16.20 -18.03
CA LEU D 205 -21.96 15.89 -18.10
C LEU D 205 -21.64 14.69 -17.21
N ALA D 206 -22.15 14.69 -15.98
CA ALA D 206 -21.88 13.59 -15.06
C ALA D 206 -22.50 12.29 -15.58
N GLN D 207 -23.74 12.34 -16.07
CA GLN D 207 -24.38 11.14 -16.62
C GLN D 207 -23.53 10.54 -17.74
N LEU D 208 -23.01 11.40 -18.63
CA LEU D 208 -22.23 10.87 -19.74
C LEU D 208 -20.93 10.24 -19.26
N LEU D 209 -20.24 10.91 -18.33
CA LEU D 209 -18.99 10.36 -17.84
C LEU D 209 -19.18 9.07 -17.05
N LEU D 210 -20.33 8.92 -16.38
CA LEU D 210 -20.60 7.67 -15.67
C LEU D 210 -20.82 6.51 -16.63
N ILE D 211 -21.37 6.78 -17.81
CA ILE D 211 -21.50 5.72 -18.81
C ILE D 211 -20.12 5.21 -19.22
N LEU D 212 -19.12 6.09 -19.28
CA LEU D 212 -17.77 5.66 -19.68
C LEU D 212 -17.19 4.62 -18.73
N SER D 213 -17.52 4.68 -17.43
CA SER D 213 -17.04 3.63 -16.54
C SER D 213 -17.72 2.29 -16.82
N HIS D 214 -18.91 2.31 -17.37
CA HIS D 214 -19.51 1.05 -17.78
C HIS D 214 -18.92 0.55 -19.08
N ILE D 215 -18.54 1.46 -19.96
CA ILE D 215 -17.84 1.03 -21.17
C ILE D 215 -16.47 0.46 -20.82
N ARG D 216 -15.81 1.03 -19.80
CA ARG D 216 -14.56 0.46 -19.32
C ARG D 216 -14.80 -0.97 -18.85
N HIS D 217 -15.83 -1.16 -18.04
CA HIS D 217 -16.14 -2.48 -17.53
C HIS D 217 -16.35 -3.47 -18.68
N MET D 218 -17.10 -3.04 -19.68
CA MET D 218 -17.38 -3.92 -20.81
C MET D 218 -16.07 -4.29 -21.51
N SER D 219 -15.24 -3.27 -21.77
CA SER D 219 -13.92 -3.50 -22.33
C SER D 219 -13.11 -4.49 -21.49
N ASN D 220 -13.07 -4.30 -20.16
CA ASN D 220 -12.27 -5.17 -19.31
C ASN D 220 -12.62 -6.64 -19.55
N LYS D 221 -13.91 -6.97 -19.55
CA LYS D 221 -14.27 -8.36 -19.77
C LYS D 221 -13.85 -8.83 -21.16
N GLY D 222 -13.97 -7.98 -22.19
CA GLY D 222 -13.55 -8.42 -23.51
C GLY D 222 -12.05 -8.65 -23.63
N MET D 223 -11.25 -7.78 -23.01
CA MET D 223 -9.80 -7.95 -23.03
C MET D 223 -9.36 -9.18 -22.24
N GLU D 224 -10.00 -9.46 -21.09
CA GLU D 224 -9.68 -10.71 -20.40
C GLU D 224 -9.99 -11.91 -21.30
N HIS D 225 -10.96 -11.77 -22.21
CA HIS D 225 -11.25 -12.84 -23.17
C HIS D 225 -10.12 -12.99 -24.17
N LEU D 226 -9.70 -11.88 -24.78
CA LEU D 226 -8.68 -11.90 -25.81
C LEU D 226 -7.37 -12.43 -25.26
N TYR D 227 -6.98 -11.96 -24.07
CA TYR D 227 -5.74 -12.45 -23.47
C TYR D 227 -5.84 -13.93 -23.14
N SER D 228 -7.01 -14.38 -22.69
CA SER D 228 -7.17 -15.79 -22.34
C SER D 228 -6.89 -16.69 -23.53
N MET D 229 -7.10 -16.21 -24.77
CA MET D 229 -6.82 -16.98 -25.97
C MET D 229 -5.33 -17.22 -26.19
N LYS D 230 -4.46 -16.54 -25.44
CA LYS D 230 -3.00 -16.71 -25.52
C LYS D 230 -2.54 -16.85 -26.95
N VAL D 234 -3.64 -11.63 -31.29
CA VAL D 234 -5.05 -11.29 -31.19
C VAL D 234 -5.29 -9.92 -30.54
N VAL D 235 -4.68 -9.67 -29.39
CA VAL D 235 -4.57 -8.28 -28.91
C VAL D 235 -3.57 -7.54 -29.78
N PRO D 236 -3.92 -6.40 -30.38
CA PRO D 236 -2.98 -5.72 -31.28
C PRO D 236 -1.70 -5.36 -30.55
N SER D 237 -0.57 -5.76 -31.14
CA SER D 237 0.74 -5.53 -30.53
C SER D 237 1.17 -4.07 -30.67
N TYR D 238 2.04 -3.66 -29.74
CA TYR D 238 2.69 -2.35 -29.84
C TYR D 238 3.24 -2.09 -31.25
N ASP D 239 3.92 -3.07 -31.84
CA ASP D 239 4.48 -2.88 -33.18
C ASP D 239 3.41 -2.71 -34.25
N LEU D 240 2.30 -3.43 -34.11
CA LEU D 240 1.27 -3.32 -35.14
C LEU D 240 0.61 -1.96 -35.10
N LEU D 241 0.28 -1.50 -33.89
CA LEU D 241 -0.28 -0.17 -33.74
C LEU D 241 0.70 0.89 -34.21
N LEU D 242 1.98 0.73 -33.85
CA LEU D 242 3.00 1.68 -34.30
C LEU D 242 3.05 1.74 -35.82
N GLU D 243 2.97 0.58 -36.50
CA GLU D 243 2.97 0.59 -37.96
C GLU D 243 1.78 1.34 -38.52
N MET D 244 0.60 1.10 -37.93
CA MET D 244 -0.63 1.78 -38.35
C MET D 244 -0.52 3.30 -38.21
N LEU D 245 0.12 3.76 -37.14
CA LEU D 245 0.32 5.19 -36.93
C LEU D 245 1.15 5.84 -38.04
N ASP D 246 1.98 5.08 -38.74
CA ASP D 246 2.73 5.51 -39.91
C ASP D 246 3.57 6.75 -39.59
N ALA D 247 4.57 6.52 -38.74
CA ALA D 247 5.43 7.57 -38.20
C ALA D 247 6.10 8.40 -39.28
N HIS D 248 6.49 9.61 -38.91
CA HIS D 248 7.17 10.49 -39.86
C HIS D 248 8.53 9.91 -40.21
N ARG D 249 8.96 10.14 -41.44
CA ARG D 249 10.22 9.63 -41.91
C ARG D 249 11.30 10.71 -41.78
N LEU E 9 -45.30 -5.76 19.84
CA LEU E 9 -45.31 -6.34 21.19
C LEU E 9 -45.70 -5.31 22.27
N SER E 10 -46.36 -4.23 21.85
CA SER E 10 -46.89 -3.24 22.79
C SER E 10 -48.37 -2.94 22.63
N LEU E 11 -49.02 -3.45 21.58
CA LEU E 11 -50.45 -3.28 21.40
C LEU E 11 -51.25 -3.98 22.48
N THR E 12 -52.28 -3.30 22.97
CA THR E 12 -53.29 -3.98 23.77
C THR E 12 -54.01 -5.02 22.91
N ALA E 13 -54.78 -5.88 23.58
CA ALA E 13 -55.66 -6.79 22.86
C ALA E 13 -56.57 -6.05 21.90
N ASP E 14 -57.20 -4.97 22.37
CA ASP E 14 -58.11 -4.22 21.51
C ASP E 14 -57.40 -3.65 20.30
N GLN E 15 -56.18 -3.17 20.48
CA GLN E 15 -55.43 -2.61 19.36
C GLN E 15 -55.05 -3.70 18.36
N MET E 16 -54.81 -4.91 18.87
CA MET E 16 -54.57 -6.04 17.97
C MET E 16 -55.76 -6.30 17.08
N VAL E 17 -56.95 -6.40 17.67
CA VAL E 17 -58.13 -6.73 16.87
C VAL E 17 -58.40 -5.67 15.81
N SER E 18 -58.55 -4.41 16.23
CA SER E 18 -58.77 -3.32 15.28
C SER E 18 -57.78 -3.40 14.12
N ALA E 19 -56.48 -3.60 14.44
CA ALA E 19 -55.46 -3.63 13.40
C ALA E 19 -55.59 -4.86 12.49
N LEU E 20 -55.91 -6.02 13.05
CA LEU E 20 -56.24 -7.16 12.18
C LEU E 20 -57.51 -6.89 11.36
N LEU E 21 -58.50 -6.23 11.96
CA LEU E 21 -59.74 -5.94 11.21
C LEU E 21 -59.50 -4.92 10.10
N ASP E 22 -58.68 -3.89 10.36
CA ASP E 22 -58.34 -2.93 9.31
C ASP E 22 -57.53 -3.58 8.18
N ALA E 23 -56.77 -4.62 8.50
CA ALA E 23 -55.89 -5.22 7.49
C ALA E 23 -56.59 -6.22 6.59
N GLU E 24 -57.90 -6.49 6.82
CA GLU E 24 -58.63 -7.53 6.10
C GLU E 24 -58.73 -7.23 4.61
N PRO E 25 -58.45 -8.20 3.74
CA PRO E 25 -58.54 -7.94 2.31
C PRO E 25 -59.99 -7.90 1.87
N PRO E 26 -60.25 -7.39 0.68
CA PRO E 26 -61.62 -7.41 0.15
C PRO E 26 -62.02 -8.81 -0.25
N ILE E 27 -63.33 -8.99 -0.33
CA ILE E 27 -63.90 -10.15 -1.01
C ILE E 27 -63.83 -9.85 -2.49
N LEU E 28 -63.15 -10.71 -3.25
CA LEU E 28 -62.97 -10.51 -4.69
C LEU E 28 -64.01 -11.30 -5.46
N TYR E 29 -64.18 -10.93 -6.74
CA TYR E 29 -65.17 -11.52 -7.62
C TYR E 29 -64.47 -12.36 -8.65
N SER E 30 -65.19 -13.35 -9.18
CA SER E 30 -64.69 -13.99 -10.38
C SER E 30 -65.01 -13.07 -11.55
N GLU E 31 -64.34 -13.28 -12.68
CA GLU E 31 -64.56 -12.41 -13.83
C GLU E 31 -66.01 -12.47 -14.29
N TYR E 32 -66.57 -11.30 -14.61
CA TYR E 32 -67.82 -11.26 -15.37
C TYR E 32 -67.51 -11.09 -16.85
N ASP E 33 -66.56 -11.87 -17.37
CA ASP E 33 -66.17 -11.87 -18.78
C ASP E 33 -67.19 -12.59 -19.66
N PRO E 34 -67.99 -11.88 -20.46
CA PRO E 34 -69.01 -12.59 -21.28
C PRO E 34 -68.42 -13.52 -22.33
N THR E 35 -67.17 -13.35 -22.72
CA THR E 35 -66.54 -14.31 -23.63
C THR E 35 -65.87 -15.47 -22.90
N ARG E 36 -65.95 -15.52 -21.57
CA ARG E 36 -65.53 -16.68 -20.79
C ARG E 36 -66.62 -17.02 -19.77
N PRO E 37 -67.78 -17.47 -20.23
CA PRO E 37 -68.84 -17.89 -19.29
C PRO E 37 -68.43 -19.11 -18.48
N PHE E 38 -69.01 -19.22 -17.28
CA PHE E 38 -68.65 -20.34 -16.41
C PHE E 38 -69.05 -21.67 -17.03
N SER E 39 -68.20 -22.67 -16.85
CA SER E 39 -68.53 -24.02 -17.27
C SER E 39 -67.53 -24.98 -16.63
N GLU E 40 -67.80 -26.28 -16.77
CA GLU E 40 -66.92 -27.28 -16.17
C GLU E 40 -65.50 -27.17 -16.73
N ALA E 41 -65.36 -26.88 -18.01
CA ALA E 41 -64.02 -26.74 -18.59
C ALA E 41 -63.36 -25.42 -18.21
N SER E 42 -64.13 -24.38 -17.91
CA SER E 42 -63.50 -23.12 -17.53
C SER E 42 -63.28 -22.98 -16.03
N MET E 43 -63.87 -23.87 -15.22
CA MET E 43 -63.80 -23.78 -13.75
C MET E 43 -62.40 -23.53 -13.23
N MET E 44 -61.47 -24.40 -13.61
CA MET E 44 -60.19 -24.34 -12.93
C MET E 44 -59.47 -23.06 -13.30
N GLY E 45 -59.63 -22.62 -14.54
CA GLY E 45 -59.04 -21.35 -14.93
C GLY E 45 -59.63 -20.19 -14.15
N LEU E 46 -60.95 -20.18 -13.96
CA LEU E 46 -61.56 -19.12 -13.18
C LEU E 46 -61.09 -19.15 -11.73
N LEU E 47 -60.96 -20.35 -11.16
CA LEU E 47 -60.53 -20.48 -9.77
C LEU E 47 -59.06 -20.10 -9.60
N THR E 48 -58.22 -20.50 -10.56
CA THR E 48 -56.81 -20.09 -10.49
C THR E 48 -56.66 -18.58 -10.62
N ASN E 49 -57.39 -17.96 -11.55
CA ASN E 49 -57.29 -16.50 -11.69
C ASN E 49 -57.69 -15.80 -10.39
N LEU E 50 -58.80 -16.24 -9.79
CA LEU E 50 -59.25 -15.65 -8.53
C LEU E 50 -58.17 -15.81 -7.44
N ALA E 51 -57.59 -17.00 -7.33
CA ALA E 51 -56.60 -17.24 -6.30
C ALA E 51 -55.38 -16.37 -6.54
N ASP E 52 -54.92 -16.28 -7.79
CA ASP E 52 -53.85 -15.38 -8.17
C ASP E 52 -54.13 -13.94 -7.68
N ARG E 53 -55.34 -13.44 -7.92
CA ARG E 53 -55.63 -12.07 -7.51
C ARG E 53 -55.73 -11.95 -6.00
N GLU E 54 -56.17 -13.01 -5.29
CA GLU E 54 -56.20 -12.95 -3.81
C GLU E 54 -54.80 -12.91 -3.20
N LEU E 55 -53.89 -13.68 -3.77
CA LEU E 55 -52.53 -13.71 -3.22
C LEU E 55 -51.98 -12.31 -3.16
N VAL E 56 -52.25 -11.50 -4.19
CA VAL E 56 -51.73 -10.15 -4.19
C VAL E 56 -52.16 -9.44 -2.91
N HIS E 57 -53.46 -9.42 -2.64
CA HIS E 57 -53.96 -8.79 -1.41
C HIS E 57 -53.46 -9.51 -0.18
N MET E 58 -53.22 -10.83 -0.27
CA MET E 58 -52.70 -11.54 0.89
C MET E 58 -51.33 -11.03 1.29
N ILE E 59 -50.45 -10.79 0.33
CA ILE E 59 -49.15 -10.22 0.66
C ILE E 59 -49.35 -8.95 1.45
N ASN E 60 -50.20 -8.07 0.91
CA ASN E 60 -50.49 -6.80 1.55
C ASN E 60 -51.02 -6.99 2.95
N TRP E 61 -51.97 -7.91 3.12
CA TRP E 61 -52.49 -8.16 4.46
C TRP E 61 -51.36 -8.62 5.36
N ALA E 62 -50.48 -9.49 4.84
CA ALA E 62 -49.50 -10.08 5.74
C ALA E 62 -48.61 -8.99 6.34
N LYS E 63 -48.23 -7.99 5.52
CA LYS E 63 -47.32 -6.94 5.99
C LYS E 63 -47.98 -6.06 7.03
N ARG E 64 -49.28 -6.18 7.21
CA ARG E 64 -49.92 -5.44 8.26
C ARG E 64 -50.23 -6.29 9.47
N VAL E 65 -49.86 -7.57 9.46
CA VAL E 65 -50.10 -8.40 10.65
C VAL E 65 -49.06 -7.93 11.64
N PRO E 66 -49.46 -7.42 12.82
CA PRO E 66 -48.47 -6.82 13.72
C PRO E 66 -47.34 -7.81 14.00
N GLY E 67 -46.11 -7.36 13.82
CA GLY E 67 -44.95 -8.19 14.01
C GLY E 67 -44.43 -8.87 12.77
N PHE E 68 -45.25 -9.03 11.72
CA PHE E 68 -44.77 -9.74 10.53
C PHE E 68 -43.59 -9.02 9.90
N VAL E 69 -43.69 -7.71 9.71
CA VAL E 69 -42.60 -7.01 8.99
C VAL E 69 -41.38 -6.79 9.85
N ASP E 70 -41.43 -7.16 11.13
CA ASP E 70 -40.24 -7.12 11.95
C ASP E 70 -39.24 -8.20 11.54
N LEU E 71 -39.72 -9.26 10.90
CA LEU E 71 -38.91 -10.38 10.41
C LEU E 71 -38.10 -9.97 9.20
N THR E 72 -37.07 -10.76 8.92
CA THR E 72 -36.33 -10.60 7.69
C THR E 72 -37.25 -10.86 6.50
N LEU E 73 -36.90 -10.26 5.37
CA LEU E 73 -37.62 -10.57 4.14
C LEU E 73 -37.61 -12.07 3.89
N HIS E 74 -36.44 -12.69 4.02
CA HIS E 74 -36.32 -14.12 3.74
C HIS E 74 -37.29 -14.95 4.57
N ASP E 75 -37.46 -14.62 5.87
CA ASP E 75 -38.35 -15.39 6.72
C ASP E 75 -39.80 -15.07 6.42
N GLN E 76 -40.09 -13.78 6.20
CA GLN E 76 -41.41 -13.41 5.70
C GLN E 76 -41.78 -14.23 4.47
N VAL E 77 -40.82 -14.43 3.56
CA VAL E 77 -41.14 -15.24 2.38
C VAL E 77 -41.39 -16.69 2.78
N HIS E 78 -40.53 -17.23 3.66
CA HIS E 78 -40.73 -18.61 4.11
C HIS E 78 -42.10 -18.80 4.77
N LEU E 79 -42.53 -17.86 5.61
CA LEU E 79 -43.82 -18.02 6.26
C LEU E 79 -44.95 -18.02 5.25
N LEU E 80 -44.88 -17.13 4.25
CA LEU E 80 -45.94 -17.07 3.26
C LEU E 80 -45.91 -18.26 2.33
N GLU E 81 -44.73 -18.77 2.01
CA GLU E 81 -44.67 -19.96 1.18
C GLU E 81 -45.30 -21.13 1.92
N SER E 82 -45.21 -21.13 3.26
CA SER E 82 -45.75 -22.22 4.05
C SER E 82 -47.27 -22.13 4.20
N ALA E 83 -47.82 -20.93 4.20
CA ALA E 83 -49.13 -20.66 4.76
C ALA E 83 -50.16 -20.18 3.74
N TRP E 84 -49.76 -19.86 2.50
CA TRP E 84 -50.68 -19.17 1.58
C TRP E 84 -51.87 -20.04 1.21
N LEU E 85 -51.69 -21.36 1.05
CA LEU E 85 -52.86 -22.15 0.68
C LEU E 85 -53.82 -22.27 1.86
N GLU E 86 -53.28 -22.51 3.06
CA GLU E 86 -54.11 -22.54 4.26
C GLU E 86 -54.88 -21.24 4.42
N ILE E 87 -54.23 -20.11 4.13
CA ILE E 87 -54.91 -18.81 4.29
C ILE E 87 -56.00 -18.63 3.25
N LEU E 88 -55.75 -19.03 1.98
CA LEU E 88 -56.84 -19.00 0.99
C LEU E 88 -58.03 -19.85 1.45
N MET E 89 -57.72 -20.99 2.08
CA MET E 89 -58.75 -21.97 2.44
C MET E 89 -59.63 -21.44 3.54
N ILE E 90 -58.99 -20.90 4.60
CA ILE E 90 -59.79 -20.46 5.73
C ILE E 90 -60.61 -19.29 5.30
N GLY E 91 -60.09 -18.49 4.35
CA GLY E 91 -60.88 -17.37 3.87
C GLY E 91 -62.13 -17.86 3.19
N LEU E 92 -61.97 -18.87 2.34
CA LEU E 92 -63.06 -19.55 1.66
C LEU E 92 -64.02 -20.15 2.66
N VAL E 93 -63.51 -20.90 3.64
CA VAL E 93 -64.42 -21.49 4.62
C VAL E 93 -65.21 -20.40 5.32
N TRP E 94 -64.56 -19.28 5.61
CA TRP E 94 -65.25 -18.17 6.25
C TRP E 94 -66.34 -17.61 5.36
N ARG E 95 -65.98 -17.30 4.11
CA ARG E 95 -66.98 -16.82 3.15
C ARG E 95 -68.13 -17.79 2.97
N SER E 96 -67.93 -19.08 3.26
CA SER E 96 -68.95 -20.08 2.97
C SER E 96 -69.77 -20.43 4.19
N MET E 97 -69.38 -19.90 5.36
CA MET E 97 -70.00 -20.30 6.63
C MET E 97 -71.50 -20.28 6.58
N GLU E 98 -72.06 -19.21 6.01
CA GLU E 98 -73.48 -18.99 6.04
C GLU E 98 -74.19 -19.59 4.85
N HIS E 99 -73.52 -20.47 4.12
CA HIS E 99 -74.09 -21.07 2.91
C HIS E 99 -73.94 -22.58 2.97
N PRO E 100 -74.75 -23.26 3.80
CA PRO E 100 -74.53 -24.70 4.04
C PRO E 100 -74.55 -25.48 2.73
N GLY E 101 -73.60 -26.41 2.62
CA GLY E 101 -73.57 -27.25 1.44
C GLY E 101 -72.82 -26.67 0.25
N LYS E 102 -72.34 -25.44 0.34
CA LYS E 102 -71.76 -24.74 -0.80
C LYS E 102 -70.43 -24.11 -0.41
N LEU E 103 -69.63 -23.84 -1.43
CA LEU E 103 -68.37 -23.11 -1.25
C LEU E 103 -68.49 -21.79 -2.01
N LEU E 104 -68.38 -20.69 -1.27
CA LEU E 104 -68.48 -19.35 -1.86
C LEU E 104 -67.07 -18.88 -2.23
N PHE E 105 -66.58 -19.39 -3.36
CA PHE E 105 -65.28 -18.92 -3.85
C PHE E 105 -65.32 -17.41 -4.09
N ALA E 106 -66.41 -16.93 -4.68
CA ALA E 106 -66.70 -15.49 -4.80
C ALA E 106 -68.21 -15.33 -4.83
N PRO E 107 -68.71 -14.11 -4.65
CA PRO E 107 -70.20 -13.94 -4.64
C PRO E 107 -70.87 -14.37 -5.93
N ASN E 108 -70.17 -14.28 -7.05
CA ASN E 108 -70.64 -14.80 -8.32
C ASN E 108 -70.03 -16.13 -8.65
N LEU E 109 -69.52 -16.85 -7.63
CA LEU E 109 -68.90 -18.14 -7.89
C LEU E 109 -69.16 -19.06 -6.70
N LEU E 110 -70.39 -19.51 -6.58
CA LEU E 110 -70.85 -20.34 -5.48
C LEU E 110 -71.09 -21.75 -6.01
N LEU E 111 -70.28 -22.70 -5.58
CA LEU E 111 -70.32 -24.04 -6.13
C LEU E 111 -70.90 -25.05 -5.13
N ASP E 112 -71.66 -26.03 -5.63
CA ASP E 112 -72.10 -27.12 -4.79
C ASP E 112 -71.22 -28.35 -4.96
N ARG E 113 -71.53 -29.37 -4.17
CA ARG E 113 -70.69 -30.56 -4.09
C ARG E 113 -70.59 -31.25 -5.44
N ASN E 114 -71.66 -31.22 -6.20
CA ASN E 114 -71.67 -32.01 -7.42
C ASN E 114 -70.79 -31.36 -8.48
N GLN E 115 -70.83 -30.03 -8.53
CA GLN E 115 -69.94 -29.29 -9.42
C GLN E 115 -68.49 -29.62 -9.10
N GLY E 116 -68.20 -30.05 -7.87
CA GLY E 116 -66.86 -30.44 -7.50
C GLY E 116 -66.39 -31.73 -8.16
N LYS E 117 -67.34 -32.60 -8.54
CA LYS E 117 -67.02 -33.89 -9.13
C LYS E 117 -66.66 -33.78 -10.60
N SER E 118 -65.78 -32.84 -10.94
CA SER E 118 -65.30 -32.68 -12.31
C SER E 118 -63.87 -33.18 -12.46
N VAL E 119 -62.99 -32.81 -11.56
CA VAL E 119 -61.59 -33.19 -11.60
C VAL E 119 -61.35 -34.31 -10.60
N GLU E 120 -60.41 -35.20 -10.94
CA GLU E 120 -60.01 -36.23 -10.00
C GLU E 120 -59.41 -35.58 -8.75
N GLY E 121 -59.82 -36.06 -7.58
CA GLY E 121 -59.32 -35.59 -6.32
C GLY E 121 -60.07 -34.40 -5.75
N MET E 122 -60.99 -33.82 -6.50
CA MET E 122 -61.51 -32.51 -6.09
C MET E 122 -62.62 -32.63 -5.06
N VAL E 123 -63.48 -33.64 -5.19
CA VAL E 123 -64.59 -33.72 -4.25
C VAL E 123 -64.09 -34.00 -2.84
N GLU E 124 -63.01 -34.79 -2.70
CA GLU E 124 -62.48 -35.06 -1.37
C GLU E 124 -62.21 -33.75 -0.65
N ILE E 125 -61.44 -32.87 -1.30
CA ILE E 125 -61.08 -31.59 -0.70
C ILE E 125 -62.31 -30.75 -0.48
N PHE E 126 -63.21 -30.74 -1.46
CA PHE E 126 -64.45 -29.98 -1.35
C PHE E 126 -65.16 -30.35 -0.04
N ASP E 127 -65.27 -31.65 0.22
CA ASP E 127 -66.00 -32.10 1.40
C ASP E 127 -65.28 -31.70 2.68
N MET E 128 -63.95 -31.77 2.69
CA MET E 128 -63.21 -31.29 3.84
C MET E 128 -63.49 -29.82 4.08
N LEU E 129 -63.51 -29.02 3.01
CA LEU E 129 -63.81 -27.60 3.13
C LEU E 129 -65.21 -27.40 3.67
N LEU E 130 -66.17 -28.18 3.18
CA LEU E 130 -67.53 -28.04 3.70
C LEU E 130 -67.63 -28.43 5.17
N ALA E 131 -66.92 -29.49 5.56
CA ALA E 131 -66.95 -29.88 6.97
C ALA E 131 -66.41 -28.77 7.87
N THR E 132 -65.37 -28.06 7.42
CA THR E 132 -64.82 -26.97 8.18
C THR E 132 -65.82 -25.81 8.30
N SER E 133 -66.46 -25.46 7.19
CA SER E 133 -67.52 -24.45 7.26
C SER E 133 -68.61 -24.87 8.21
N SER E 134 -69.05 -26.13 8.14
CA SER E 134 -70.00 -26.65 9.12
C SER E 134 -69.48 -26.50 10.55
N ARG E 135 -68.21 -26.86 10.78
CA ARG E 135 -67.60 -26.67 12.10
C ARG E 135 -67.68 -25.20 12.53
N PHE E 136 -67.36 -24.26 11.61
CA PHE E 136 -67.45 -22.83 11.97
C PHE E 136 -68.86 -22.46 12.35
N ARG E 137 -69.84 -22.99 11.64
CA ARG E 137 -71.23 -22.73 12.03
C ARG E 137 -71.49 -23.25 13.42
N MET E 138 -71.17 -24.49 13.65
CA MET E 138 -71.53 -25.09 14.93
C MET E 138 -70.97 -24.27 16.11
N MET E 139 -69.74 -23.76 15.97
CA MET E 139 -69.13 -22.92 17.01
C MET E 139 -69.59 -21.48 16.96
N ASN E 140 -70.32 -21.10 15.90
CA ASN E 140 -70.73 -19.71 15.69
C ASN E 140 -69.51 -18.78 15.76
N LEU E 141 -68.51 -19.11 14.94
CA LEU E 141 -67.25 -18.35 14.85
C LEU E 141 -67.52 -16.87 14.60
N GLN E 142 -66.89 -16.01 15.38
CA GLN E 142 -67.06 -14.56 15.22
C GLN E 142 -65.98 -14.00 14.31
N GLY E 143 -66.29 -12.88 13.65
CA GLY E 143 -65.32 -12.26 12.75
C GLY E 143 -64.02 -11.89 13.44
N GLU E 144 -64.11 -11.37 14.66
CA GLU E 144 -62.89 -10.99 15.37
C GLU E 144 -62.05 -12.22 15.70
N GLU E 145 -62.68 -13.37 15.91
CA GLU E 145 -61.94 -14.61 16.13
C GLU E 145 -61.32 -15.11 14.84
N PHE E 146 -62.06 -14.96 13.72
CA PHE E 146 -61.54 -15.40 12.44
C PHE E 146 -60.22 -14.73 12.12
N VAL E 147 -60.16 -13.39 12.25
CA VAL E 147 -58.91 -12.72 11.88
C VAL E 147 -57.78 -13.13 12.81
N CYS E 148 -58.06 -13.46 14.08
CA CYS E 148 -56.98 -13.96 14.90
C CYS E 148 -56.45 -15.31 14.39
N LEU E 149 -57.36 -16.22 14.03
CA LEU E 149 -56.92 -17.54 13.54
C LEU E 149 -56.10 -17.40 12.27
N LYS E 150 -56.55 -16.54 11.36
CA LYS E 150 -55.80 -16.38 10.11
C LYS E 150 -54.38 -15.84 10.38
N SER E 151 -54.22 -14.93 11.34
N SER E 151 -54.21 -14.94 11.36
CA SER E 151 -52.88 -14.48 11.70
CA SER E 151 -52.86 -14.46 11.71
C SER E 151 -52.05 -15.61 12.30
C SER E 151 -52.02 -15.53 12.40
N ILE E 152 -52.65 -16.42 13.19
CA ILE E 152 -51.92 -17.55 13.74
C ILE E 152 -51.39 -18.44 12.63
N ILE E 153 -52.22 -18.76 11.63
CA ILE E 153 -51.74 -19.58 10.52
C ILE E 153 -50.49 -18.97 9.91
N LEU E 154 -50.54 -17.66 9.65
CA LEU E 154 -49.42 -16.99 9.03
C LEU E 154 -48.12 -17.16 9.83
N LEU E 155 -48.18 -16.87 11.13
CA LEU E 155 -46.99 -16.93 11.95
C LEU E 155 -46.58 -18.36 12.27
N ASN E 156 -47.53 -19.28 12.39
CA ASN E 156 -47.22 -20.63 12.91
C ASN E 156 -46.84 -21.64 11.84
N SER E 157 -47.37 -21.55 10.62
CA SER E 157 -47.31 -22.72 9.76
C SER E 157 -45.90 -23.00 9.27
N GLY E 158 -45.08 -21.98 9.12
CA GLY E 158 -43.71 -22.17 8.69
C GLY E 158 -42.66 -22.14 9.78
N VAL E 159 -43.02 -21.84 11.02
CA VAL E 159 -42.02 -21.62 12.10
C VAL E 159 -41.19 -22.86 12.39
N TYR E 160 -41.75 -24.06 12.23
CA TYR E 160 -40.96 -25.30 12.53
C TYR E 160 -40.34 -25.87 11.25
N THR E 161 -40.24 -25.06 10.21
CA THR E 161 -39.58 -25.52 8.97
C THR E 161 -38.41 -24.58 8.66
N THR E 166 -28.53 -20.74 14.06
CA THR E 166 -28.18 -19.33 13.84
C THR E 166 -28.89 -18.22 14.67
N LEU E 167 -28.06 -17.25 15.07
CA LEU E 167 -28.49 -16.28 16.08
C LEU E 167 -29.65 -15.42 15.59
N LYS E 168 -29.63 -15.03 14.33
CA LYS E 168 -30.76 -14.28 13.79
C LYS E 168 -32.00 -15.16 13.71
N SER E 169 -31.83 -16.46 13.40
CA SER E 169 -33.03 -17.29 13.33
C SER E 169 -33.57 -17.52 14.73
N LEU E 170 -32.69 -17.64 15.72
CA LEU E 170 -33.18 -17.80 17.09
C LEU E 170 -33.98 -16.57 17.51
N GLU E 171 -33.47 -15.37 17.17
CA GLU E 171 -34.21 -14.15 17.52
C GLU E 171 -35.54 -14.07 16.77
N GLU E 172 -35.57 -14.50 15.50
CA GLU E 172 -36.80 -14.49 14.70
C GLU E 172 -37.86 -15.40 15.33
N LYS E 173 -37.45 -16.61 15.71
CA LYS E 173 -38.42 -17.55 16.27
C LYS E 173 -38.89 -17.10 17.65
N ASP E 174 -37.99 -16.57 18.47
CA ASP E 174 -38.43 -15.95 19.71
C ASP E 174 -39.47 -14.87 19.44
N HIS E 175 -39.25 -14.05 18.41
CA HIS E 175 -40.22 -13.01 18.09
C HIS E 175 -41.55 -13.61 17.64
N ILE E 176 -41.51 -14.57 16.71
CA ILE E 176 -42.76 -15.16 16.23
C ILE E 176 -43.57 -15.73 17.40
N HIS E 177 -42.89 -16.47 18.29
CA HIS E 177 -43.56 -17.04 19.46
C HIS E 177 -44.17 -15.95 20.34
N ARG E 178 -43.50 -14.81 20.46
CA ARG E 178 -44.04 -13.72 21.28
C ARG E 178 -45.28 -13.12 20.64
N VAL E 179 -45.27 -12.94 19.31
CA VAL E 179 -46.47 -12.47 18.66
C VAL E 179 -47.57 -13.51 18.77
N LEU E 180 -47.23 -14.81 18.58
CA LEU E 180 -48.26 -15.84 18.75
C LEU E 180 -48.85 -15.76 20.16
N ASP E 181 -48.02 -15.51 21.18
CA ASP E 181 -48.56 -15.39 22.54
C ASP E 181 -49.53 -14.22 22.67
N LYS E 182 -49.25 -13.08 22.01
CA LYS E 182 -50.21 -12.00 22.20
C LYS E 182 -51.49 -12.20 21.38
N ILE E 183 -51.43 -12.88 20.20
CA ILE E 183 -52.68 -13.28 19.56
C ILE E 183 -53.47 -14.19 20.48
N THR E 184 -52.81 -15.14 21.15
CA THR E 184 -53.50 -15.94 22.15
C THR E 184 -54.18 -15.06 23.20
N ASP E 185 -53.45 -14.09 23.78
CA ASP E 185 -54.10 -13.24 24.78
C ASP E 185 -55.28 -12.51 24.17
N THR E 186 -55.14 -12.09 22.91
CA THR E 186 -56.20 -11.35 22.22
C THR E 186 -57.44 -12.21 22.05
N LEU E 187 -57.26 -13.45 21.60
CA LEU E 187 -58.39 -14.38 21.49
C LEU E 187 -59.11 -14.55 22.83
N ILE E 188 -58.34 -14.75 23.90
CA ILE E 188 -58.98 -14.93 25.19
C ILE E 188 -59.70 -13.66 25.61
N HIS E 189 -59.07 -12.50 25.38
CA HIS E 189 -59.73 -11.21 25.68
C HIS E 189 -61.09 -11.11 25.01
N LEU E 190 -61.16 -11.43 23.71
CA LEU E 190 -62.43 -11.37 23.00
C LEU E 190 -63.48 -12.24 23.68
N MET E 191 -63.11 -13.46 24.04
CA MET E 191 -64.10 -14.32 24.66
C MET E 191 -64.47 -13.80 26.05
N ALA E 192 -63.48 -13.26 26.78
CA ALA E 192 -63.76 -12.70 28.10
C ALA E 192 -64.64 -11.46 28.01
N LYS E 193 -64.40 -10.62 27.01
CA LYS E 193 -65.20 -9.41 26.85
C LYS E 193 -66.62 -9.76 26.48
N ALA E 194 -66.81 -10.79 25.64
CA ALA E 194 -68.15 -11.25 25.33
C ALA E 194 -68.89 -11.71 26.60
N GLY E 195 -68.18 -12.39 27.51
CA GLY E 195 -68.82 -12.84 28.72
C GLY E 195 -68.66 -14.33 28.97
N LEU E 196 -67.75 -14.99 28.26
CA LEU E 196 -67.55 -16.42 28.48
C LEU E 196 -66.90 -16.68 29.84
N THR E 197 -67.24 -17.81 30.45
CA THR E 197 -66.54 -18.22 31.66
C THR E 197 -65.10 -18.62 31.33
N LEU E 198 -64.25 -18.57 32.36
CA LEU E 198 -62.89 -19.10 32.23
C LEU E 198 -62.89 -20.49 31.62
N GLN E 199 -63.67 -21.43 32.19
CA GLN E 199 -63.72 -22.77 31.60
C GLN E 199 -64.08 -22.71 30.11
N GLN E 200 -65.06 -21.87 29.75
CA GLN E 200 -65.51 -21.81 28.35
C GLN E 200 -64.47 -21.16 27.45
N GLN E 201 -63.69 -20.23 27.98
CA GLN E 201 -62.61 -19.62 27.22
C GLN E 201 -61.56 -20.65 26.82
N HIS E 202 -61.02 -21.38 27.80
CA HIS E 202 -60.03 -22.42 27.50
C HIS E 202 -60.58 -23.46 26.54
N GLN E 203 -61.84 -23.87 26.74
CA GLN E 203 -62.36 -24.93 25.88
C GLN E 203 -62.52 -24.47 24.45
N ARG E 204 -62.99 -23.23 24.26
CA ARG E 204 -63.17 -22.62 22.95
C ARG E 204 -61.85 -22.30 22.28
N LEU E 205 -60.91 -21.70 23.02
CA LEU E 205 -59.55 -21.52 22.51
C LEU E 205 -59.02 -22.83 21.93
N ALA E 206 -59.11 -23.91 22.69
CA ALA E 206 -58.67 -25.21 22.17
C ALA E 206 -59.47 -25.63 20.93
N GLN E 207 -60.80 -25.48 20.96
CA GLN E 207 -61.62 -25.83 19.81
C GLN E 207 -61.20 -25.07 18.57
N LEU E 208 -60.82 -23.80 18.72
CA LEU E 208 -60.42 -23.06 17.53
C LEU E 208 -59.04 -23.51 17.05
N LEU E 209 -58.13 -23.71 17.97
CA LEU E 209 -56.78 -24.06 17.55
C LEU E 209 -56.72 -25.47 16.96
N LEU E 210 -57.65 -26.36 17.34
CA LEU E 210 -57.59 -27.69 16.74
C LEU E 210 -58.07 -27.66 15.31
N ILE E 211 -58.91 -26.69 14.95
CA ILE E 211 -59.33 -26.57 13.55
C ILE E 211 -58.13 -26.29 12.65
N LEU E 212 -57.11 -25.61 13.18
CA LEU E 212 -55.88 -25.34 12.40
C LEU E 212 -55.13 -26.61 11.98
N SER E 213 -55.17 -27.68 12.78
CA SER E 213 -54.66 -28.97 12.32
C SER E 213 -55.39 -29.43 11.05
N HIS E 214 -56.72 -29.40 11.10
CA HIS E 214 -57.50 -29.80 9.92
C HIS E 214 -57.20 -28.91 8.72
N ILE E 215 -57.04 -27.61 8.96
CA ILE E 215 -56.74 -26.70 7.85
C ILE E 215 -55.39 -27.02 7.25
N ARG E 216 -54.41 -27.37 8.09
CA ARG E 216 -53.12 -27.81 7.57
C ARG E 216 -53.28 -29.08 6.76
N HIS E 217 -54.04 -30.04 7.30
CA HIS E 217 -54.35 -31.27 6.59
C HIS E 217 -54.91 -30.96 5.21
N MET E 218 -55.87 -30.03 5.14
CA MET E 218 -56.50 -29.74 3.85
C MET E 218 -55.53 -29.11 2.86
N SER E 219 -54.66 -28.22 3.35
CA SER E 219 -53.70 -27.58 2.49
CA SER E 219 -53.72 -27.58 2.46
C SER E 219 -52.77 -28.60 1.84
N ASN E 220 -52.30 -29.58 2.63
CA ASN E 220 -51.45 -30.63 2.06
C ASN E 220 -52.17 -31.44 1.00
N LYS E 221 -53.42 -31.84 1.25
CA LYS E 221 -54.16 -32.51 0.20
C LYS E 221 -54.36 -31.58 -1.01
N GLY E 222 -54.65 -30.30 -0.75
CA GLY E 222 -54.77 -29.35 -1.84
C GLY E 222 -53.47 -29.19 -2.60
N MET E 223 -52.35 -29.27 -1.88
CA MET E 223 -51.07 -29.11 -2.55
C MET E 223 -50.85 -30.28 -3.50
N GLU E 224 -51.28 -31.49 -3.10
CA GLU E 224 -51.17 -32.65 -3.99
C GLU E 224 -52.04 -32.48 -5.23
N HIS E 225 -53.24 -31.94 -5.02
CA HIS E 225 -54.16 -31.66 -6.12
C HIS E 225 -53.58 -30.65 -7.10
N LEU E 226 -52.92 -29.61 -6.58
CA LEU E 226 -52.40 -28.57 -7.49
C LEU E 226 -51.23 -29.09 -8.32
N TYR E 227 -50.27 -29.77 -7.68
CA TYR E 227 -49.20 -30.41 -8.45
C TYR E 227 -49.74 -31.49 -9.38
N SER E 228 -50.83 -32.16 -9.02
CA SER E 228 -51.40 -33.12 -9.96
C SER E 228 -51.93 -32.46 -11.25
N MET E 229 -51.91 -31.13 -11.36
CA MET E 229 -52.36 -30.33 -12.51
C MET E 229 -51.31 -30.19 -13.61
N LYS E 230 -50.06 -29.97 -13.24
CA LYS E 230 -49.10 -29.38 -14.16
C LYS E 230 -49.68 -28.11 -14.79
N VAL E 235 -48.45 -23.23 -8.54
CA VAL E 235 -47.86 -22.96 -7.23
C VAL E 235 -46.87 -21.79 -7.28
N PRO E 236 -46.98 -20.81 -6.36
CA PRO E 236 -46.00 -19.71 -6.36
C PRO E 236 -44.66 -20.15 -5.82
N SER E 237 -43.60 -19.89 -6.59
CA SER E 237 -42.27 -20.29 -6.20
C SER E 237 -41.73 -19.34 -5.13
N TYR E 238 -40.64 -19.75 -4.49
CA TYR E 238 -40.01 -18.91 -3.48
C TYR E 238 -39.60 -17.57 -4.07
N ASP E 239 -38.84 -17.57 -5.17
CA ASP E 239 -38.41 -16.29 -5.71
C ASP E 239 -39.61 -15.46 -6.16
N LEU E 240 -40.71 -16.10 -6.59
CA LEU E 240 -41.88 -15.33 -6.97
C LEU E 240 -42.53 -14.61 -5.77
N LEU E 241 -42.63 -15.29 -4.63
CA LEU E 241 -43.19 -14.62 -3.47
C LEU E 241 -42.25 -13.55 -2.94
N LEU E 242 -40.94 -13.78 -3.00
CA LEU E 242 -40.01 -12.75 -2.55
C LEU E 242 -40.18 -11.51 -3.41
N GLU E 243 -40.35 -11.68 -4.72
CA GLU E 243 -40.54 -10.54 -5.59
C GLU E 243 -41.76 -9.74 -5.18
N MET E 244 -42.81 -10.43 -4.71
CA MET E 244 -44.05 -9.72 -4.42
C MET E 244 -43.93 -8.99 -3.08
N LEU E 245 -43.19 -9.59 -2.15
CA LEU E 245 -43.06 -9.03 -0.81
C LEU E 245 -41.97 -7.97 -0.72
N ASP E 246 -40.99 -8.01 -1.61
CA ASP E 246 -39.82 -7.12 -1.56
C ASP E 246 -40.15 -5.84 -2.31
N ALA E 247 -40.98 -5.00 -1.68
CA ALA E 247 -41.35 -3.77 -2.35
C ALA E 247 -40.30 -2.69 -2.11
N HIS E 248 -40.27 -1.72 -3.01
CA HIS E 248 -39.50 -0.51 -2.78
C HIS E 248 -40.38 0.49 -2.04
N ARG E 249 -39.80 1.61 -1.63
CA ARG E 249 -40.55 2.66 -0.95
C ARG E 249 -40.70 3.92 -1.80
N LEU E 250 -40.68 3.78 -3.13
CA LEU E 250 -40.63 4.93 -4.03
C LEU E 250 -41.94 5.74 -4.10
N LEU F 7 -70.29 -42.07 31.09
CA LEU F 7 -69.70 -42.44 32.37
C LEU F 7 -68.26 -41.92 32.47
N ALA F 8 -67.48 -42.12 31.40
CA ALA F 8 -66.13 -41.55 31.36
C ALA F 8 -66.15 -40.03 31.44
N LEU F 9 -67.25 -39.39 31.01
CA LEU F 9 -67.40 -37.94 31.14
C LEU F 9 -67.52 -37.46 32.59
N SER F 10 -67.57 -38.36 33.57
CA SER F 10 -67.70 -37.99 34.97
C SER F 10 -66.37 -38.06 35.73
N LEU F 11 -65.29 -38.38 35.04
CA LEU F 11 -63.97 -38.42 35.65
C LEU F 11 -63.49 -37.01 36.01
N THR F 12 -62.74 -36.92 37.10
CA THR F 12 -62.08 -35.66 37.42
C THR F 12 -60.79 -35.51 36.63
N ALA F 13 -60.28 -34.28 36.59
CA ALA F 13 -59.05 -34.07 35.84
C ALA F 13 -57.92 -34.91 36.41
N ASP F 14 -57.86 -35.06 37.74
CA ASP F 14 -56.83 -35.90 38.32
C ASP F 14 -57.06 -37.36 37.92
N GLN F 15 -58.33 -37.81 37.90
CA GLN F 15 -58.60 -39.17 37.45
C GLN F 15 -58.30 -39.34 35.97
N MET F 16 -58.54 -38.30 35.17
CA MET F 16 -58.19 -38.31 33.75
C MET F 16 -56.69 -38.53 33.55
N VAL F 17 -55.87 -37.73 34.26
CA VAL F 17 -54.42 -37.84 34.15
C VAL F 17 -53.96 -39.24 34.52
N SER F 18 -54.46 -39.74 35.66
CA SER F 18 -53.99 -41.04 36.17
C SER F 18 -54.33 -42.17 35.19
N ALA F 19 -55.54 -42.15 34.62
CA ALA F 19 -55.94 -43.16 33.65
C ALA F 19 -55.03 -43.13 32.43
N LEU F 20 -54.73 -41.95 31.94
CA LEU F 20 -53.85 -41.78 30.79
C LEU F 20 -52.41 -42.21 31.12
N LEU F 21 -51.89 -41.79 32.26
CA LEU F 21 -50.55 -42.24 32.64
C LEU F 21 -50.49 -43.78 32.70
N ASP F 22 -51.48 -44.40 33.34
CA ASP F 22 -51.54 -45.85 33.48
C ASP F 22 -51.66 -46.59 32.15
N ALA F 23 -52.21 -45.94 31.14
CA ALA F 23 -52.41 -46.59 29.85
C ALA F 23 -51.19 -46.54 28.95
N GLU F 24 -50.11 -45.89 29.39
CA GLU F 24 -49.00 -45.62 28.48
C GLU F 24 -48.44 -46.92 27.92
N PRO F 25 -48.16 -46.96 26.63
CA PRO F 25 -47.63 -48.16 26.03
C PRO F 25 -46.17 -48.31 26.38
N PRO F 26 -45.61 -49.47 26.15
CA PRO F 26 -44.19 -49.67 26.46
C PRO F 26 -43.30 -49.13 25.36
N ILE F 27 -42.01 -48.99 25.70
CA ILE F 27 -41.02 -48.69 24.68
C ILE F 27 -40.52 -49.99 24.07
N LEU F 28 -40.53 -50.08 22.75
CA LEU F 28 -40.11 -51.31 22.10
C LEU F 28 -38.68 -51.14 21.62
N TYR F 29 -38.05 -52.26 21.26
CA TYR F 29 -36.71 -52.24 20.69
C TYR F 29 -36.79 -52.52 19.21
N SER F 30 -35.77 -52.06 18.48
CA SER F 30 -35.65 -52.48 17.09
C SER F 30 -35.25 -53.94 17.05
N GLU F 31 -35.55 -54.58 15.93
CA GLU F 31 -35.38 -56.02 15.83
C GLU F 31 -34.29 -56.36 14.84
N MET F 43 -32.06 -50.36 7.55
CA MET F 43 -32.61 -49.16 8.20
C MET F 43 -34.11 -48.99 7.93
N MET F 44 -34.49 -48.95 6.66
CA MET F 44 -35.92 -48.81 6.40
C MET F 44 -36.70 -50.08 6.74
N GLY F 45 -36.13 -51.26 6.49
CA GLY F 45 -36.76 -52.46 7.01
C GLY F 45 -36.96 -52.36 8.51
N LEU F 46 -35.97 -51.78 9.19
CA LEU F 46 -35.96 -51.77 10.64
C LEU F 46 -37.10 -50.87 11.15
N LEU F 47 -37.26 -49.72 10.52
CA LEU F 47 -38.23 -48.77 11.03
C LEU F 47 -39.65 -49.21 10.74
N THR F 48 -39.88 -49.87 9.60
CA THR F 48 -41.20 -50.44 9.31
C THR F 48 -41.56 -51.50 10.33
N ASN F 49 -40.63 -52.42 10.59
CA ASN F 49 -40.89 -53.47 11.57
C ASN F 49 -41.20 -52.88 12.94
N LEU F 50 -40.39 -51.92 13.40
CA LEU F 50 -40.69 -51.24 14.65
C LEU F 50 -42.10 -50.65 14.63
N ALA F 51 -42.41 -49.84 13.61
CA ALA F 51 -43.71 -49.18 13.54
C ALA F 51 -44.85 -50.19 13.59
N ASP F 52 -44.69 -51.32 12.90
CA ASP F 52 -45.78 -52.29 12.87
C ASP F 52 -46.01 -52.90 14.24
N ARG F 53 -44.94 -53.11 15.01
CA ARG F 53 -45.12 -53.67 16.34
C ARG F 53 -45.67 -52.63 17.30
N GLU F 54 -45.35 -51.37 17.05
CA GLU F 54 -45.86 -50.30 17.90
C GLU F 54 -47.35 -50.16 17.74
N LEU F 55 -47.85 -50.42 16.53
CA LEU F 55 -49.27 -50.19 16.23
C LEU F 55 -50.14 -50.99 17.18
N VAL F 56 -49.81 -52.26 17.38
CA VAL F 56 -50.56 -53.09 18.30
C VAL F 56 -50.63 -52.44 19.67
N HIS F 57 -49.51 -51.93 20.16
CA HIS F 57 -49.56 -51.37 21.51
C HIS F 57 -50.33 -50.08 21.54
N MET F 58 -50.35 -49.34 20.42
CA MET F 58 -51.13 -48.11 20.34
C MET F 58 -52.65 -48.40 20.38
N ILE F 59 -53.12 -49.46 19.71
CA ILE F 59 -54.53 -49.82 19.91
C ILE F 59 -54.86 -50.21 21.34
N ASN F 60 -53.99 -50.96 22.02
CA ASN F 60 -54.32 -51.25 23.42
C ASN F 60 -54.43 -49.95 24.22
N TRP F 61 -53.55 -48.99 23.90
CA TRP F 61 -53.56 -47.70 24.57
C TRP F 61 -54.84 -46.92 24.26
N ALA F 62 -55.23 -46.88 22.97
CA ALA F 62 -56.42 -46.13 22.57
C ALA F 62 -57.62 -46.57 23.37
N LYS F 63 -57.75 -47.88 23.57
CA LYS F 63 -58.91 -48.40 24.26
C LYS F 63 -58.97 -47.93 25.72
N ARG F 64 -57.88 -47.46 26.28
CA ARG F 64 -57.92 -47.02 27.67
C ARG F 64 -58.05 -45.53 27.82
N VAL F 65 -58.11 -44.79 26.71
CA VAL F 65 -58.27 -43.35 26.78
C VAL F 65 -59.72 -43.13 27.14
N PRO F 66 -60.02 -42.50 28.28
CA PRO F 66 -61.42 -42.31 28.69
C PRO F 66 -62.27 -41.70 27.57
N GLY F 67 -63.40 -42.35 27.30
CA GLY F 67 -64.29 -41.92 26.24
C GLY F 67 -64.15 -42.69 24.94
N PHE F 68 -62.97 -43.24 24.65
CA PHE F 68 -62.74 -43.86 23.34
C PHE F 68 -63.67 -45.05 23.10
N VAL F 69 -63.78 -45.98 24.06
CA VAL F 69 -64.53 -47.19 23.76
C VAL F 69 -66.04 -47.00 23.91
N ASP F 70 -66.51 -45.78 24.19
CA ASP F 70 -67.93 -45.45 24.08
C ASP F 70 -68.36 -45.25 22.64
N LEU F 71 -67.41 -44.96 21.74
CA LEU F 71 -67.71 -44.86 20.33
C LEU F 71 -67.97 -46.25 19.77
N THR F 72 -68.74 -46.28 18.68
CA THR F 72 -68.93 -47.53 17.92
C THR F 72 -67.58 -48.04 17.44
N LEU F 73 -67.50 -49.36 17.24
CA LEU F 73 -66.24 -49.91 16.75
C LEU F 73 -65.85 -49.26 15.44
N HIS F 74 -66.85 -49.01 14.59
CA HIS F 74 -66.57 -48.43 13.29
C HIS F 74 -65.91 -47.07 13.43
N ASP F 75 -66.41 -46.22 14.34
CA ASP F 75 -65.72 -44.93 14.54
C ASP F 75 -64.39 -45.07 15.28
N GLN F 76 -64.21 -46.10 16.10
CA GLN F 76 -62.91 -46.26 16.72
C GLN F 76 -61.85 -46.57 15.67
N VAL F 77 -62.17 -47.46 14.72
CA VAL F 77 -61.22 -47.78 13.66
C VAL F 77 -60.87 -46.54 12.86
N HIS F 78 -61.88 -45.74 12.47
CA HIS F 78 -61.65 -44.54 11.67
C HIS F 78 -60.72 -43.57 12.40
N LEU F 79 -60.97 -43.35 13.68
CA LEU F 79 -60.09 -42.46 14.44
C LEU F 79 -58.66 -42.97 14.43
N LEU F 80 -58.48 -44.30 14.59
CA LEU F 80 -57.16 -44.92 14.54
C LEU F 80 -56.54 -44.79 13.15
N GLU F 81 -57.30 -45.06 12.11
CA GLU F 81 -56.81 -44.86 10.74
C GLU F 81 -56.23 -43.47 10.56
N SER F 82 -56.99 -42.45 11.00
CA SER F 82 -56.51 -41.09 10.80
C SER F 82 -55.34 -40.73 11.69
N ALA F 83 -55.26 -41.32 12.88
CA ALA F 83 -54.37 -40.79 13.91
C ALA F 83 -53.08 -41.59 14.07
N TRP F 84 -52.98 -42.84 13.61
CA TRP F 84 -51.89 -43.70 14.09
C TRP F 84 -50.50 -43.11 13.77
N LEU F 85 -50.30 -42.57 12.58
CA LEU F 85 -48.98 -42.06 12.26
C LEU F 85 -48.62 -40.84 13.13
N GLU F 86 -49.56 -39.94 13.37
CA GLU F 86 -49.29 -38.82 14.29
C GLU F 86 -48.89 -39.33 15.67
N ILE F 87 -49.60 -40.35 16.15
CA ILE F 87 -49.31 -40.89 17.49
C ILE F 87 -47.90 -41.47 17.52
N LEU F 88 -47.55 -42.23 16.48
CA LEU F 88 -46.20 -42.75 16.41
C LEU F 88 -45.21 -41.63 16.44
N MET F 89 -45.49 -40.51 15.75
CA MET F 89 -44.44 -39.52 15.70
C MET F 89 -44.32 -38.74 16.99
N ILE F 90 -45.44 -38.39 17.64
CA ILE F 90 -45.28 -37.65 18.89
C ILE F 90 -44.56 -38.53 19.93
N GLY F 91 -44.80 -39.84 19.92
CA GLY F 91 -44.02 -40.76 20.76
C GLY F 91 -42.54 -40.69 20.47
N LEU F 92 -42.17 -40.68 19.19
CA LEU F 92 -40.76 -40.56 18.84
C LEU F 92 -40.16 -39.26 19.35
N VAL F 93 -40.86 -38.15 19.12
CA VAL F 93 -40.40 -36.84 19.57
C VAL F 93 -40.23 -36.81 21.08
N TRP F 94 -41.22 -37.33 21.82
CA TRP F 94 -41.11 -37.40 23.28
C TRP F 94 -39.89 -38.20 23.70
N ARG F 95 -39.70 -39.37 23.10
CA ARG F 95 -38.55 -40.20 23.46
C ARG F 95 -37.25 -39.51 23.13
N SER F 96 -37.27 -38.57 22.17
CA SER F 96 -36.07 -37.96 21.62
C SER F 96 -35.69 -36.69 22.35
N MET F 97 -36.56 -36.20 23.23
CA MET F 97 -36.37 -34.91 23.90
C MET F 97 -34.98 -34.78 24.49
N GLU F 98 -34.53 -35.79 25.22
CA GLU F 98 -33.27 -35.71 25.94
C GLU F 98 -32.05 -36.03 25.07
N HIS F 99 -32.19 -36.10 23.75
CA HIS F 99 -31.07 -36.47 22.87
C HIS F 99 -31.00 -35.49 21.71
N PRO F 100 -30.54 -34.27 21.97
CA PRO F 100 -30.52 -33.23 20.93
C PRO F 100 -29.84 -33.72 19.66
N GLY F 101 -30.47 -33.42 18.53
CA GLY F 101 -29.93 -33.84 17.25
C GLY F 101 -30.13 -35.30 16.91
N LYS F 102 -30.84 -36.06 17.74
CA LYS F 102 -31.02 -37.47 17.43
C LYS F 102 -32.48 -37.87 17.67
N LEU F 103 -32.89 -38.95 17.01
CA LEU F 103 -34.23 -39.50 17.11
C LEU F 103 -34.13 -40.89 17.72
N LEU F 104 -34.65 -41.05 18.94
CA LEU F 104 -34.61 -42.35 19.63
C LEU F 104 -35.83 -43.14 19.18
N PHE F 105 -35.69 -43.74 18.00
CA PHE F 105 -36.71 -44.66 17.52
C PHE F 105 -36.89 -45.81 18.51
N ALA F 106 -35.79 -46.23 19.13
CA ALA F 106 -35.79 -47.30 20.11
C ALA F 106 -34.51 -47.20 20.91
N PRO F 107 -34.47 -47.78 22.11
CA PRO F 107 -33.23 -47.66 22.91
C PRO F 107 -32.01 -48.23 22.21
N ASN F 108 -32.17 -49.19 21.30
CA ASN F 108 -31.05 -49.66 20.48
C ASN F 108 -31.08 -49.08 19.06
N LEU F 109 -31.80 -47.98 18.84
CA LEU F 109 -31.81 -47.46 17.47
C LEU F 109 -31.93 -45.94 17.57
N LEU F 110 -30.79 -45.30 17.80
CA LEU F 110 -30.66 -43.85 17.89
C LEU F 110 -30.03 -43.36 16.59
N LEU F 111 -30.76 -42.57 15.82
CA LEU F 111 -30.29 -42.12 14.52
C LEU F 111 -30.16 -40.61 14.53
N ASP F 112 -29.11 -40.10 13.89
CA ASP F 112 -28.92 -38.66 13.74
C ASP F 112 -29.34 -38.22 12.34
N ARG F 113 -29.23 -36.92 12.10
CA ARG F 113 -29.65 -36.34 10.84
C ARG F 113 -28.93 -36.98 9.64
N ASN F 114 -27.67 -37.38 9.82
CA ASN F 114 -26.88 -37.84 8.68
C ASN F 114 -27.21 -39.26 8.24
N GLN F 115 -27.79 -40.10 9.11
CA GLN F 115 -28.26 -41.39 8.62
C GLN F 115 -29.56 -41.27 7.84
N GLY F 116 -30.31 -40.18 8.03
CA GLY F 116 -31.59 -40.05 7.35
C GLY F 116 -31.45 -39.91 5.85
N LYS F 117 -30.65 -38.95 5.41
CA LYS F 117 -30.59 -38.66 3.98
C LYS F 117 -29.88 -39.77 3.21
N GLY F 121 -36.37 -38.10 0.54
CA GLY F 121 -37.26 -37.17 1.24
C GLY F 121 -37.23 -37.46 2.71
N MET F 122 -36.26 -38.30 3.10
CA MET F 122 -36.20 -38.73 4.49
C MET F 122 -35.75 -37.60 5.40
N VAL F 123 -34.66 -36.92 5.02
CA VAL F 123 -34.04 -35.93 5.91
C VAL F 123 -34.97 -34.74 6.17
N GLU F 124 -35.89 -34.44 5.26
CA GLU F 124 -36.80 -33.32 5.51
C GLU F 124 -37.76 -33.63 6.68
N ILE F 125 -38.45 -34.77 6.62
CA ILE F 125 -39.26 -35.21 7.75
C ILE F 125 -38.41 -35.31 9.01
N PHE F 126 -37.20 -35.82 8.83
CA PHE F 126 -36.33 -36.12 9.96
C PHE F 126 -35.99 -34.79 10.65
N ASP F 127 -35.75 -33.73 9.87
CA ASP F 127 -35.47 -32.42 10.45
C ASP F 127 -36.71 -31.84 11.12
N MET F 128 -37.88 -32.14 10.60
CA MET F 128 -39.09 -31.65 11.25
C MET F 128 -39.25 -32.31 12.63
N LEU F 129 -39.04 -33.62 12.69
CA LEU F 129 -39.11 -34.33 13.97
C LEU F 129 -38.12 -33.77 14.98
N LEU F 130 -36.87 -33.52 14.54
CA LEU F 130 -35.87 -32.93 15.45
C LEU F 130 -36.31 -31.55 15.92
N ALA F 131 -36.80 -30.71 15.00
CA ALA F 131 -37.30 -29.40 15.40
C ALA F 131 -38.45 -29.53 16.39
N THR F 132 -39.30 -30.55 16.23
CA THR F 132 -40.38 -30.74 17.19
C THR F 132 -39.83 -31.13 18.55
N SER F 133 -38.87 -32.04 18.58
CA SER F 133 -38.29 -32.43 19.86
C SER F 133 -37.54 -31.26 20.51
N SER F 134 -36.92 -30.38 19.71
CA SER F 134 -36.29 -29.19 20.27
C SER F 134 -37.32 -28.28 20.94
N ARG F 135 -38.45 -28.08 20.30
CA ARG F 135 -39.54 -27.24 20.86
C ARG F 135 -40.04 -27.86 22.18
N PHE F 136 -40.27 -29.18 22.20
CA PHE F 136 -40.70 -29.81 23.44
C PHE F 136 -39.68 -29.57 24.51
N ARG F 137 -38.39 -29.71 24.15
CA ARG F 137 -37.31 -29.49 25.11
C ARG F 137 -37.32 -28.04 25.58
N MET F 138 -37.57 -27.09 24.66
CA MET F 138 -37.66 -25.68 25.05
C MET F 138 -38.83 -25.42 25.98
N MET F 139 -39.93 -26.14 25.83
CA MET F 139 -41.06 -25.85 26.71
C MET F 139 -41.03 -26.62 28.02
N ASN F 140 -40.03 -27.49 28.21
CA ASN F 140 -40.02 -28.41 29.36
C ASN F 140 -41.33 -29.18 29.44
N LEU F 141 -41.77 -29.65 28.28
CA LEU F 141 -42.97 -30.47 28.19
C LEU F 141 -42.94 -31.59 29.24
N GLN F 142 -44.00 -31.66 30.03
CA GLN F 142 -44.13 -32.65 31.08
C GLN F 142 -44.82 -33.89 30.54
N GLY F 143 -44.60 -35.01 31.23
CA GLY F 143 -45.23 -36.27 30.84
C GLY F 143 -46.73 -36.25 30.93
N GLU F 144 -47.29 -35.63 31.97
CA GLU F 144 -48.74 -35.51 32.07
C GLU F 144 -49.30 -34.67 30.92
N GLU F 145 -48.55 -33.66 30.47
CA GLU F 145 -49.01 -32.86 29.33
C GLU F 145 -48.95 -33.69 28.06
N PHE F 146 -47.87 -34.46 27.91
CA PHE F 146 -47.69 -35.29 26.73
C PHE F 146 -48.84 -36.28 26.57
N VAL F 147 -49.28 -36.92 27.67
CA VAL F 147 -50.29 -37.97 27.47
C VAL F 147 -51.65 -37.36 27.14
N CYS F 148 -51.91 -36.14 27.60
CA CYS F 148 -53.10 -35.43 27.13
C CYS F 148 -53.02 -35.12 25.63
N LEU F 149 -51.86 -34.62 25.19
CA LEU F 149 -51.69 -34.24 23.78
C LEU F 149 -51.91 -35.44 22.88
N LYS F 150 -51.36 -36.59 23.27
CA LYS F 150 -51.52 -37.82 22.49
C LYS F 150 -52.99 -38.20 22.41
N SER F 151 -53.72 -38.09 23.52
N SER F 151 -53.71 -38.07 23.53
CA SER F 151 -55.14 -38.39 23.50
CA SER F 151 -55.12 -38.36 23.54
C SER F 151 -55.93 -37.40 22.65
C SER F 151 -55.91 -37.41 22.65
N ILE F 152 -55.52 -36.13 22.64
CA ILE F 152 -56.19 -35.14 21.78
C ILE F 152 -56.00 -35.50 20.30
N ILE F 153 -54.80 -35.97 19.93
CA ILE F 153 -54.53 -36.43 18.56
C ILE F 153 -55.44 -37.58 18.16
N LEU F 154 -55.59 -38.56 19.05
CA LEU F 154 -56.47 -39.69 18.74
C LEU F 154 -57.89 -39.22 18.43
N LEU F 155 -58.40 -38.31 19.25
CA LEU F 155 -59.81 -37.94 19.14
C LEU F 155 -60.02 -36.89 18.06
N ASN F 156 -59.03 -36.03 17.84
CA ASN F 156 -59.19 -34.92 16.92
C ASN F 156 -58.85 -35.26 15.47
N SER F 157 -58.01 -36.26 15.19
CA SER F 157 -57.45 -36.32 13.85
C SER F 157 -58.47 -36.75 12.80
N GLY F 158 -59.42 -37.60 13.18
CA GLY F 158 -60.44 -38.01 12.25
C GLY F 158 -61.81 -37.37 12.42
N VAL F 159 -61.99 -36.44 13.38
CA VAL F 159 -63.35 -36.02 13.72
C VAL F 159 -64.03 -35.27 12.58
N TYR F 160 -63.31 -34.89 11.54
CA TYR F 160 -63.93 -34.45 10.29
C TYR F 160 -63.86 -35.58 9.25
N THR F 161 -64.54 -36.69 9.62
CA THR F 161 -64.99 -37.79 8.73
C THR F 161 -65.60 -38.94 9.54
N THR F 166 -75.11 -38.90 9.43
CA THR F 166 -76.32 -39.47 10.01
C THR F 166 -76.50 -39.00 11.44
N LEU F 167 -77.72 -39.16 11.99
CA LEU F 167 -77.93 -38.88 13.40
C LEU F 167 -76.88 -39.57 14.26
N LYS F 168 -76.63 -40.86 14.01
CA LYS F 168 -75.72 -41.60 14.87
C LYS F 168 -74.29 -41.07 14.77
N SER F 169 -73.85 -40.72 13.56
CA SER F 169 -72.55 -40.08 13.41
C SER F 169 -72.50 -38.75 14.16
N LEU F 170 -73.59 -37.98 14.12
CA LEU F 170 -73.59 -36.67 14.77
C LEU F 170 -73.52 -36.82 16.28
N GLU F 171 -74.24 -37.80 16.83
CA GLU F 171 -74.08 -38.14 18.26
C GLU F 171 -72.63 -38.50 18.57
N GLU F 172 -71.99 -39.27 17.69
CA GLU F 172 -70.62 -39.69 17.94
C GLU F 172 -69.67 -38.50 17.91
N LYS F 173 -69.87 -37.56 16.97
CA LYS F 173 -69.04 -36.37 16.97
C LYS F 173 -69.31 -35.50 18.20
N ASP F 174 -70.55 -35.44 18.68
CA ASP F 174 -70.79 -34.70 19.92
C ASP F 174 -69.97 -35.28 21.06
N HIS F 175 -70.01 -36.60 21.21
CA HIS F 175 -69.26 -37.26 22.28
C HIS F 175 -67.77 -36.96 22.17
N ILE F 176 -67.22 -37.03 20.97
CA ILE F 176 -65.79 -36.73 20.79
C ILE F 176 -65.47 -35.32 21.29
N HIS F 177 -66.27 -34.32 20.88
CA HIS F 177 -65.99 -32.96 21.31
C HIS F 177 -66.13 -32.80 22.82
N ARG F 178 -67.04 -33.54 23.44
CA ARG F 178 -67.16 -33.47 24.90
C ARG F 178 -65.91 -34.02 25.58
N VAL F 179 -65.36 -35.13 25.07
CA VAL F 179 -64.13 -35.70 25.62
C VAL F 179 -62.95 -34.77 25.38
N LEU F 180 -62.86 -34.22 24.18
CA LEU F 180 -61.85 -33.20 23.88
C LEU F 180 -61.93 -32.05 24.88
N ASP F 181 -63.14 -31.58 25.19
CA ASP F 181 -63.29 -30.50 26.17
C ASP F 181 -62.75 -30.90 27.53
N LYS F 182 -63.02 -32.14 27.94
CA LYS F 182 -62.51 -32.59 29.23
C LYS F 182 -61.00 -32.71 29.22
N ILE F 183 -60.41 -33.11 28.09
CA ILE F 183 -58.96 -33.14 28.02
C ILE F 183 -58.40 -31.73 28.09
N THR F 184 -59.04 -30.77 27.39
CA THR F 184 -58.64 -29.38 27.55
C THR F 184 -58.68 -28.98 29.01
N ASP F 185 -59.77 -29.30 29.71
CA ASP F 185 -59.87 -28.91 31.12
C ASP F 185 -58.72 -29.50 31.93
N THR F 186 -58.35 -30.74 31.62
CA THR F 186 -57.29 -31.46 32.33
C THR F 186 -55.94 -30.77 32.15
N LEU F 187 -55.58 -30.46 30.89
CA LEU F 187 -54.34 -29.72 30.61
C LEU F 187 -54.27 -28.44 31.45
N ILE F 188 -55.35 -27.68 31.45
CA ILE F 188 -55.36 -26.45 32.21
C ILE F 188 -55.19 -26.77 33.70
N HIS F 189 -55.82 -27.83 34.15
CA HIS F 189 -55.69 -28.19 35.56
C HIS F 189 -54.23 -28.53 35.89
N LEU F 190 -53.56 -29.27 35.01
CA LEU F 190 -52.13 -29.50 35.20
C LEU F 190 -51.36 -28.18 35.27
N MET F 191 -51.59 -27.27 34.34
CA MET F 191 -50.78 -26.08 34.40
C MET F 191 -51.16 -25.19 35.59
N ALA F 192 -52.39 -25.27 36.05
CA ALA F 192 -52.72 -24.45 37.22
C ALA F 192 -51.95 -24.92 38.45
N LYS F 193 -51.91 -26.22 38.67
CA LYS F 193 -51.21 -26.70 39.86
C LYS F 193 -49.69 -26.75 39.69
N ALA F 194 -49.18 -26.61 38.46
CA ALA F 194 -47.76 -26.28 38.29
C ALA F 194 -47.44 -24.83 38.67
N GLY F 195 -48.43 -23.99 38.99
CA GLY F 195 -48.15 -22.64 39.43
C GLY F 195 -48.17 -21.57 38.36
N LEU F 196 -48.64 -21.88 37.16
CA LEU F 196 -48.68 -20.88 36.10
C LEU F 196 -49.84 -19.91 36.30
N THR F 197 -49.64 -18.65 35.97
CA THR F 197 -50.74 -17.69 35.95
C THR F 197 -51.77 -18.10 34.88
N LEU F 198 -52.97 -17.53 34.97
CA LEU F 198 -53.97 -17.81 33.94
C LEU F 198 -53.46 -17.42 32.55
N GLN F 199 -52.75 -16.28 32.45
CA GLN F 199 -52.19 -15.88 31.17
C GLN F 199 -51.22 -16.94 30.65
N GLN F 200 -50.33 -17.41 31.52
CA GLN F 200 -49.37 -18.44 31.12
C GLN F 200 -50.10 -19.74 30.81
N GLN F 201 -51.20 -20.02 31.52
CA GLN F 201 -51.96 -21.23 31.24
C GLN F 201 -52.51 -21.21 29.81
N HIS F 202 -53.14 -20.11 29.39
CA HIS F 202 -53.73 -20.18 28.05
C HIS F 202 -52.67 -19.98 26.97
N GLN F 203 -51.62 -19.22 27.23
CA GLN F 203 -50.50 -19.19 26.29
C GLN F 203 -49.86 -20.58 26.12
N ARG F 204 -49.66 -21.32 27.20
CA ARG F 204 -49.03 -22.63 27.03
C ARG F 204 -49.97 -23.64 26.35
N LEU F 205 -51.28 -23.61 26.67
CA LEU F 205 -52.25 -24.48 25.97
C LEU F 205 -52.24 -24.21 24.46
N ALA F 206 -52.29 -22.94 24.08
CA ALA F 206 -52.20 -22.60 22.66
C ALA F 206 -50.90 -23.12 22.04
N GLN F 207 -49.75 -22.94 22.73
CA GLN F 207 -48.47 -23.35 22.16
C GLN F 207 -48.45 -24.87 21.91
N LEU F 208 -48.95 -25.64 22.86
CA LEU F 208 -49.02 -27.09 22.67
C LEU F 208 -49.95 -27.47 21.51
N LEU F 209 -51.13 -26.82 21.42
CA LEU F 209 -52.04 -27.22 20.35
C LEU F 209 -51.50 -26.81 18.98
N LEU F 210 -50.67 -25.76 18.90
CA LEU F 210 -50.15 -25.39 17.59
C LEU F 210 -49.08 -26.38 17.14
N ILE F 211 -48.39 -27.04 18.09
CA ILE F 211 -47.45 -28.09 17.71
C ILE F 211 -48.19 -29.25 17.06
N LEU F 212 -49.37 -29.58 17.56
CA LEU F 212 -50.16 -30.65 16.93
C LEU F 212 -50.45 -30.38 15.44
N SER F 213 -50.58 -29.11 15.02
CA SER F 213 -50.76 -28.92 13.57
C SER F 213 -49.47 -29.23 12.81
N HIS F 214 -48.32 -29.07 13.45
CA HIS F 214 -47.06 -29.40 12.80
C HIS F 214 -46.89 -30.91 12.77
N ILE F 215 -47.38 -31.59 13.82
CA ILE F 215 -47.37 -33.05 13.78
C ILE F 215 -48.34 -33.58 12.70
N ARG F 216 -49.49 -32.93 12.52
CA ARG F 216 -50.35 -33.32 11.40
C ARG F 216 -49.61 -33.17 10.09
N HIS F 217 -48.93 -32.04 9.91
CA HIS F 217 -48.18 -31.81 8.69
C HIS F 217 -47.21 -32.94 8.42
N MET F 218 -46.47 -33.32 9.46
CA MET F 218 -45.45 -34.37 9.37
C MET F 218 -46.07 -35.72 9.00
N SER F 219 -47.18 -36.06 9.66
CA SER F 219 -47.99 -37.22 9.27
C SER F 219 -48.46 -37.20 7.82
N ASN F 220 -49.02 -36.08 7.35
CA ASN F 220 -49.49 -36.02 5.96
C ASN F 220 -48.41 -36.50 5.00
N LYS F 221 -47.22 -35.95 5.15
CA LYS F 221 -46.15 -36.33 4.24
C LYS F 221 -45.86 -37.82 4.33
N GLY F 222 -45.77 -38.36 5.54
CA GLY F 222 -45.52 -39.80 5.64
C GLY F 222 -46.62 -40.62 5.02
N MET F 223 -47.88 -40.22 5.25
CA MET F 223 -48.96 -41.03 4.69
C MET F 223 -48.97 -40.92 3.19
N GLU F 224 -48.68 -39.73 2.65
CA GLU F 224 -48.51 -39.64 1.21
C GLU F 224 -47.43 -40.60 0.72
N HIS F 225 -46.36 -40.77 1.50
CA HIS F 225 -45.31 -41.69 1.11
C HIS F 225 -45.83 -43.11 1.06
N LEU F 226 -46.57 -43.52 2.12
CA LEU F 226 -47.02 -44.91 2.20
C LEU F 226 -48.04 -45.23 1.11
N TYR F 227 -48.99 -44.31 0.86
CA TYR F 227 -49.92 -44.50 -0.24
C TYR F 227 -49.21 -44.59 -1.59
N SER F 228 -48.16 -43.78 -1.82
CA SER F 228 -47.48 -43.86 -3.10
C SER F 228 -46.89 -45.25 -3.37
N MET F 229 -46.61 -46.03 -2.32
CA MET F 229 -46.07 -47.38 -2.50
C MET F 229 -47.07 -48.34 -3.12
N LYS F 230 -48.36 -47.98 -3.20
CA LYS F 230 -49.36 -48.84 -3.83
C LYS F 230 -49.21 -50.29 -3.37
N SER F 231 -48.96 -50.47 -2.08
CA SER F 231 -48.64 -51.79 -1.56
C SER F 231 -49.72 -52.18 -0.57
N VAL F 234 -49.62 -51.87 3.46
CA VAL F 234 -48.59 -51.02 4.07
C VAL F 234 -49.22 -49.99 4.98
N VAL F 235 -50.23 -49.29 4.51
CA VAL F 235 -51.09 -48.53 5.42
C VAL F 235 -52.01 -49.52 6.12
N PRO F 236 -52.14 -49.49 7.46
CA PRO F 236 -52.95 -50.52 8.14
C PRO F 236 -54.39 -50.43 7.70
N SER F 237 -54.95 -51.56 7.27
CA SER F 237 -56.31 -51.61 6.77
C SER F 237 -57.34 -51.54 7.90
N TYR F 238 -58.56 -51.13 7.53
CA TYR F 238 -59.68 -51.21 8.47
C TYR F 238 -59.76 -52.60 9.11
N ASP F 239 -59.61 -53.68 8.33
CA ASP F 239 -59.78 -55.03 8.92
C ASP F 239 -58.68 -55.34 9.92
N LEU F 240 -57.45 -54.85 9.68
CA LEU F 240 -56.34 -55.09 10.61
C LEU F 240 -56.52 -54.34 11.90
N LEU F 241 -56.83 -53.04 11.83
CA LEU F 241 -57.10 -52.30 13.03
C LEU F 241 -58.24 -52.92 13.80
N LEU F 242 -59.33 -53.28 13.10
CA LEU F 242 -60.47 -53.91 13.75
C LEU F 242 -60.04 -55.20 14.46
N GLU F 243 -59.30 -56.08 13.77
CA GLU F 243 -58.77 -57.28 14.43
C GLU F 243 -57.98 -56.95 15.71
N MET F 244 -57.07 -55.99 15.62
CA MET F 244 -56.27 -55.63 16.79
C MET F 244 -57.15 -55.08 17.92
N LEU F 245 -58.25 -54.43 17.58
CA LEU F 245 -59.10 -53.91 18.64
C LEU F 245 -59.75 -55.02 19.47
N ASP F 246 -59.81 -56.25 18.95
CA ASP F 246 -60.29 -57.44 19.66
C ASP F 246 -61.71 -57.24 20.22
N ALA F 247 -62.66 -57.01 19.31
CA ALA F 247 -64.06 -56.73 19.65
C ALA F 247 -64.70 -57.70 20.63
N HIS F 248 -65.71 -57.25 21.38
CA HIS F 248 -66.50 -58.14 22.23
C HIS F 248 -67.13 -59.25 21.40
N ARG F 249 -67.37 -60.39 22.03
CA ARG F 249 -67.86 -61.56 21.32
C ARG F 249 -69.37 -61.78 21.44
N LEU F 250 -70.09 -60.87 22.09
CA LEU F 250 -71.55 -60.95 22.09
C LEU F 250 -72.11 -59.83 21.22
N1 TWF G . 76.40 14.49 15.71
C4 TWF G . 74.48 17.77 17.64
C5 TWF G . 75.06 16.53 16.99
C6 TWF G . 75.23 15.39 17.62
C7 TWF G . 75.42 16.78 15.49
C8 TWF G . 75.86 15.42 14.79
C10 TWF G . 77.70 13.74 15.42
C13 TWF G . 80.05 15.69 13.10
C15 TWF G . 79.63 13.59 12.01
C17 TWF G . 75.98 15.64 13.28
C20 TWF G . 73.48 13.51 16.56
C21 TWF G . 72.37 12.44 16.41
C22 TWF G . 72.61 11.16 16.57
C24 TWF G . 75.02 11.62 17.05
C26 TWF G . 70.40 9.67 18.37
C28 TWF G . 68.12 11.68 18.47
C1 TWF G . 74.82 15.35 19.07
C11 TWF G . 78.59 14.09 14.16
C12 TWF G . 79.16 15.21 14.23
C14 TWF G . 80.27 14.93 12.09
C16 TWF G . 78.87 13.16 12.96
C18 TWF G . 74.77 14.98 13.77
C19 TWF G . 74.71 13.12 16.84
C2 TWF G . 74.34 16.42 19.64
C23 TWF G . 74.05 10.74 16.92
C25 TWF G . 71.30 9.18 17.20
C27 TWF G . 68.35 10.50 17.53
C3 TWF G . 74.12 17.70 18.89
C9 TWF G . 75.76 14.16 17.00
N2 TWF G . 69.00 9.38 18.18
O1 TWF G . 73.59 18.77 19.54
O2 TWF G . 78.08 13.03 16.21
O3 TWF G . 71.51 10.27 16.38
N1 TWF H . 65.89 13.00 -13.21
C4 TWF H . 65.62 16.89 -14.99
C5 TWF H . 65.88 15.50 -14.37
C6 TWF H . 66.43 14.50 -15.04
C7 TWF H . 65.41 15.46 -12.87
C8 TWF H . 65.77 14.06 -12.22
C10 TWF H . 65.17 11.62 -13.10
C13 TWF H . 61.94 11.59 -10.89
C15 TWF H . 63.66 10.20 -9.77
C17 TWF H . 66.68 14.34 -11.00
C20 TWF H . 68.67 11.64 -14.67
C21 TWF H . 70.17 11.31 -14.57
C22 TWF H . 71.01 12.27 -14.10
C24 TWF H . 69.17 13.93 -13.78
C26 TWF H . 74.28 11.13 -15.30
C28 TWF H . 74.66 14.80 -15.78
C1 TWF H . 66.80 14.72 -16.50
C11 TWF H . 64.18 11.30 -11.91
C12 TWF H . 63.00 11.83 -11.99
C14 TWF H . 62.27 10.83 -9.86
C16 TWF H . 64.58 10.41 -10.70
C18 TWF H . 65.28 13.93 -10.74
C19 TWF H . 68.19 12.85 -14.30
C2 TWF H . 66.61 15.91 -17.04
C23 TWF H . 70.49 13.65 -13.68
C25 TWF H . 72.75 11.24 -15.21
C27 TWF H . 74.84 13.43 -15.07
C3 TWF H . 65.99 17.08 -16.26
C9 TWF H . 66.70 13.14 -14.45
N2 TWF H . 74.78 12.30 -16.00
O1 TWF H . 65.82 18.33 -16.88
O2 TWF H . 65.33 10.83 -13.98
O3 TWF H . 72.37 11.95 -14.03
N1 TWF I . -6.69 -6.22 -1.34
C4 TWF I . -8.56 -2.88 0.60
C5 TWF I . -7.99 -4.13 -0.05
C6 TWF I . -7.86 -5.28 0.60
C7 TWF I . -7.54 -3.89 -1.55
C8 TWF I . -7.26 -5.27 -2.26
C10 TWF I . -5.38 -6.96 -1.66
C13 TWF I . -3.01 -5.01 -3.98
C15 TWF I . -3.56 -7.15 -5.11
C17 TWF I . -7.17 -5.05 -3.80
C20 TWF I . -9.74 -7.23 -0.54
C21 TWF I . -10.75 -8.43 -0.67
C22 TWF I . -10.31 -9.68 -0.44
C24 TWF I . -8.02 -8.97 0.02
C26 TWF I . -12.96 -11.85 0.51
C28 TWF I . -14.93 -8.97 1.43
C1 TWF I . -8.34 -5.37 2.04
C11 TWF I . -4.54 -6.64 -2.94
C12 TWF I . -3.93 -5.51 -2.86
C14 TWF I . -2.85 -5.80 -5.02
C16 TWF I . -4.34 -7.59 -4.14
C18 TWF I . -8.37 -5.75 -3.23
C19 TWF I . -8.46 -7.52 -0.24
C2 TWF I . -8.85 -4.29 2.63
C23 TWF I . -8.87 -9.96 -0.08
C25 TWF I . -12.47 -10.73 -0.45
C27 TWF I . -14.81 -10.32 0.69
C3 TWF I . -8.97 -2.99 1.85
C9 TWF I . -7.34 -6.54 -0.04
N2 TWF I . -13.88 -11.21 1.44
O1 TWF I . -9.56 -1.90 2.47
O2 TWF I . -4.97 -7.72 -0.85
O3 TWF I . -11.09 -10.88 -0.49
N1 TWF J . -17.17 -7.77 -30.26
C4 TWF J . -17.46 -3.83 -31.91
C5 TWF J . -17.21 -5.24 -31.32
C6 TWF J . -16.68 -6.22 -32.04
C7 TWF J . -17.60 -5.32 -29.78
C8 TWF J . -17.24 -6.76 -29.21
C10 TWF J . -17.93 -9.14 -30.14
C13 TWF J . -19.44 -10.64 -26.85
C15 TWF J . -21.02 -9.02 -27.83
C17 TWF J . -17.67 -6.68 -27.71
C20 TWF J . -14.08 -6.86 -30.88
C21 TWF J . -12.57 -7.20 -30.77
C22 TWF J . -12.13 -8.40 -31.16
C24 TWF J . -14.37 -9.19 -31.81
C26 TWF J . -8.85 -9.50 -32.36
C28 TWF J . -8.26 -5.84 -32.86
C1 TWF J . -16.35 -5.98 -33.52
C11 TWF J . -18.82 -9.49 -28.90
C12 TWF J . -18.47 -10.35 -28.02
C14 TWF J . -20.60 -10.02 -26.77
C16 TWF J . -20.20 -8.77 -28.82
C18 TWF J . -16.22 -6.85 -28.03
C19 TWF J . -14.91 -7.81 -31.35
C2 TWF J . -16.56 -4.79 -34.03
C23 TWF J . -13.06 -9.47 -31.72
C25 TWF J . -10.39 -9.41 -32.29
C27 TWF J . -8.29 -7.19 -32.11
C3 TWF J . -17.15 -3.65 -33.20
C9 TWF J . -16.40 -7.58 -31.51
N2 TWF J . -8.34 -8.32 -33.07
O1 TWF J . -17.34 -2.40 -33.82
O2 TWF J . -17.82 -9.92 -31.04
O3 TWF J . -10.77 -8.74 -31.10
N1 TWF K . -59.16 -23.99 -4.82
C4 TWF K . -59.71 -20.56 -2.40
C5 TWF K . -59.41 -21.72 -3.32
C6 TWF K . -59.24 -21.59 -4.63
C7 TWF K . -59.35 -23.06 -2.47
C8 TWF K . -58.83 -24.21 -3.43
C10 TWF K . -59.84 -25.10 -5.70
C13 TWF K . -61.93 -27.68 -3.73
C15 TWF K . -60.13 -28.90 -4.88
C17 TWF K . -58.54 -25.49 -2.59
C20 TWF K . -56.66 -22.14 -5.15
C21 TWF K . -55.20 -22.04 -5.57
C22 TWF K . -54.83 -22.42 -6.80
C24 TWF K . -57.12 -23.08 -7.46
C26 TWF K . -51.96 -21.14 -8.64
C28 TWF K . -51.81 -18.84 -5.76
C1 TWF K . -59.37 -20.20 -5.25
C11 TWF K . -60.28 -26.48 -5.11
C12 TWF K . -61.32 -26.41 -4.37
C14 TWF K . -61.36 -28.83 -4.01
C16 TWF K . -59.61 -27.82 -5.44
C18 TWF K . -57.39 -24.64 -3.05
C19 TWF K . -57.54 -22.65 -6.02
C2 TWF K . -59.64 -19.17 -4.45
C23 TWF K . -55.83 -22.98 -7.82
C25 TWF K . -53.25 -21.98 -8.48
C27 TWF K . -51.19 -19.67 -6.91
C3 TWF K . -59.79 -19.35 -2.93
C9 TWF K . -58.94 -22.72 -5.56
N2 TWF K . -52.18 -19.83 -7.99
O1 TWF K . -60.06 -18.27 -2.09
O2 TWF K . -60.09 -24.84 -6.83
O3 TWF K . -53.43 -22.26 -7.11
N1 TWF L . -40.76 -43.36 10.44
C4 TWF L . -41.90 -43.55 14.58
C5 TWF L . -41.60 -43.56 13.07
C6 TWF L . -41.31 -44.66 12.40
C7 TWF L . -41.71 -42.11 12.46
C8 TWF L . -41.46 -42.16 10.88
C10 TWF L . -39.61 -43.34 9.38
C13 TWF L . -38.61 -40.23 7.17
C15 TWF L . -37.83 -39.96 9.49
C17 TWF L . -41.59 -40.68 10.41
C20 TWF L . -43.47 -45.08 10.52
C21 TWF L . -44.57 -45.81 9.74
C22 TWF L . -44.23 -46.65 8.74
C24 TWF L . -41.83 -46.35 9.06
C26 TWF L . -46.04 -49.49 7.30
C28 TWF L . -47.94 -49.32 10.47
C1 TWF L . -41.25 -46.00 13.13
C11 TWF L . -39.08 -41.98 8.80
C12 TWF L . -39.21 -41.60 7.58
C14 TWF L . -37.99 -39.50 8.06
C16 TWF L . -38.34 -41.12 9.86
C18 TWF L . -42.65 -41.66 9.99
C19 TWF L . -42.20 -45.34 10.18
C2 TWF L . -41.51 -46.01 14.43
C23 TWF L . -42.79 -46.99 8.37
C25 TWF L . -44.86 -48.69 7.89
C27 TWF L . -47.57 -49.04 9.00
C3 TWF L . -41.85 -44.73 15.21
C9 TWF L . -41.06 -44.71 10.94
N2 TWF L . -46.75 -50.10 8.42
O1 TWF L . -42.09 -44.86 16.60
O2 TWF L . -39.09 -44.37 9.09
O3 TWF L . -45.23 -47.32 8.03
#